data_5G00
# 
_entry.id   5G00 
# 
_audit_conform.dict_name       mmcif_pdbx.dic 
_audit_conform.dict_version    5.397 
_audit_conform.dict_location   http://mmcif.pdb.org/dictionaries/ascii/mmcif_pdbx.dic 
# 
loop_
_database_2.database_id 
_database_2.database_code 
_database_2.pdbx_database_accession 
_database_2.pdbx_DOI 
PDB   5G00         pdb_00005g00 10.2210/pdb5g00/pdb 
PDBE  EBI-66498    ?            ?                   
WWPDB D_1290066498 ?            ?                   
# 
loop_
_pdbx_audit_revision_history.ordinal 
_pdbx_audit_revision_history.data_content_type 
_pdbx_audit_revision_history.major_revision 
_pdbx_audit_revision_history.minor_revision 
_pdbx_audit_revision_history.revision_date 
1 'Structure model' 1 0 2016-07-06 
2 'Structure model' 1 1 2017-03-15 
3 'Structure model' 1 2 2020-07-29 
4 'Structure model' 1 3 2024-01-10 
5 'Structure model' 1 4 2024-10-09 
# 
loop_
_pdbx_audit_revision_details.ordinal 
_pdbx_audit_revision_details.revision_ordinal 
_pdbx_audit_revision_details.data_content_type 
_pdbx_audit_revision_details.provider 
_pdbx_audit_revision_details.type 
_pdbx_audit_revision_details.description 
_pdbx_audit_revision_details.details 
1 1 'Structure model' repository 'Initial release' ?                          ? 
2 3 'Structure model' repository Remediation       'Carbohydrate remediation' ? 
# 
loop_
_pdbx_audit_revision_group.ordinal 
_pdbx_audit_revision_group.revision_ordinal 
_pdbx_audit_revision_group.data_content_type 
_pdbx_audit_revision_group.group 
1  2 'Structure model' 'Database references'    
2  3 'Structure model' Advisory                 
3  3 'Structure model' 'Data collection'        
4  3 'Structure model' 'Derived calculations'   
5  3 'Structure model' Other                    
6  3 'Structure model' 'Structure summary'      
7  4 'Structure model' 'Data collection'        
8  4 'Structure model' 'Database references'    
9  4 'Structure model' 'Refinement description' 
10 4 'Structure model' 'Structure summary'      
11 5 'Structure model' 'Structure summary'      
# 
loop_
_pdbx_audit_revision_category.ordinal 
_pdbx_audit_revision_category.revision_ordinal 
_pdbx_audit_revision_category.data_content_type 
_pdbx_audit_revision_category.category 
1  3 'Structure model' chem_comp                     
2  3 'Structure model' database_PDB_caveat           
3  3 'Structure model' entity                        
4  3 'Structure model' pdbx_chem_comp_identifier     
5  3 'Structure model' pdbx_database_status          
6  3 'Structure model' pdbx_entity_nonpoly           
7  3 'Structure model' struct_conn                   
8  3 'Structure model' struct_site                   
9  3 'Structure model' struct_site_gen               
10 4 'Structure model' chem_comp                     
11 4 'Structure model' chem_comp_atom                
12 4 'Structure model' chem_comp_bond                
13 4 'Structure model' database_2                    
14 4 'Structure model' pdbx_initial_refinement_model 
15 5 'Structure model' pdbx_entry_details            
16 5 'Structure model' pdbx_modification_feature     
# 
loop_
_pdbx_audit_revision_item.ordinal 
_pdbx_audit_revision_item.revision_ordinal 
_pdbx_audit_revision_item.data_content_type 
_pdbx_audit_revision_item.item 
1  3 'Structure model' '_chem_comp.name'                      
2  3 'Structure model' '_chem_comp.type'                      
3  3 'Structure model' '_entity.pdbx_description'             
4  3 'Structure model' '_pdbx_database_status.status_code_sf' 
5  3 'Structure model' '_pdbx_entity_nonpoly.name'            
6  3 'Structure model' '_struct_conn.pdbx_leaving_atom_flag'  
7  3 'Structure model' '_struct_conn.pdbx_role'               
8  4 'Structure model' '_chem_comp.pdbx_synonyms'             
9  4 'Structure model' '_database_2.pdbx_DOI'                 
10 4 'Structure model' '_database_2.pdbx_database_accession'  
# 
loop_
_database_PDB_caveat.id 
_database_PDB_caveat.text 
1 'NAG A 1188 HAS WRONG CHIRALITY AT ATOM C2' 
2 'NAG A 1188 HAS WRONG CHIRALITY AT ATOM C3' 
3 'NAG A1188 PLANAR AT C1'                    
# 
_pdbx_database_status.status_code                     REL 
_pdbx_database_status.entry_id                        5G00 
_pdbx_database_status.deposit_site                    PDBE 
_pdbx_database_status.process_site                    PDBE 
_pdbx_database_status.SG_entry                        . 
_pdbx_database_status.recvd_initial_deposition_date   2016-03-16 
_pdbx_database_status.pdb_format_compatible           Y 
_pdbx_database_status.status_code_sf                  REL 
_pdbx_database_status.status_code_mr                  ? 
_pdbx_database_status.status_code_cs                  ? 
_pdbx_database_status.methods_development_category    ? 
_pdbx_database_status.status_code_nmr_data            ? 
# 
loop_
_pdbx_database_related.db_name 
_pdbx_database_related.db_id 
_pdbx_database_related.content_type 
_pdbx_database_related.details 
PDB 5FZU unspecified 
;CRYSTAL STRUCTURE OF N19D POTATO STI-KUNITZ BI- FUNCTIONAL INHIBITOR OF SERINE AND ASPARTIC PROTEASES IN SPACE GROUP P4322 AND PH 7.2
;
PDB 5FZY unspecified 
;CRYSTAL STRUCTURE OF N19D POTATO STI-KUNITZ BI- FUNCTIONAL INHIBITOR OF SERINE AND ASPARTIC PROTEASES IN SPACE GROUP C2221 AND PH 3.5
;
PDB 5FZZ unspecified 
'CRYSTAL STRUCTURE OF POTATO STI-KUNITZ BI-FUNCTIONAL INHIBITOR OF SERINE AND ASPARTIC PROTEASES IN SPACE GROUP P22121 AND PH 7.0' 
# 
loop_
_audit_author.name 
_audit_author.pdbx_ordinal 
'Guerra, Y.'        1 
'Rudino-Pinera, E.' 2 
# 
_citation.id                        primary 
_citation.title                     
;Structures of a bi-functional Kunitz-type STI family inhibitor of serine and aspartic proteases: Could the aspartic protease inhibition have evolved from a canonical serine protease-binding loop?
;
_citation.journal_abbrev            'J. Struct. Biol.' 
_citation.journal_volume            195 
_citation.page_first                259 
_citation.page_last                 271 
_citation.year                      2016 
_citation.journal_id_ASTM           JSBIEM 
_citation.country                   US 
_citation.journal_id_ISSN           1095-8657 
_citation.journal_id_CSD            0803 
_citation.book_publisher            ? 
_citation.pdbx_database_id_PubMed   27329566 
_citation.pdbx_database_id_DOI      10.1016/j.jsb.2016.06.014 
# 
loop_
_citation_author.citation_id 
_citation_author.name 
_citation_author.ordinal 
_citation_author.identifier_ORCID 
primary 'Guerra, Y.'        1 ? 
primary 'Valiente, P.A.'    2 ? 
primary 'Pons, T.'          3 ? 
primary 'Berry, C.'         4 ? 
primary 'Rudino-Pinera, E.' 5 ? 
# 
loop_
_entity.id 
_entity.type 
_entity.src_method 
_entity.pdbx_description 
_entity.formula_weight 
_entity.pdbx_number_of_molecules 
_entity.pdbx_ec 
_entity.pdbx_mutation 
_entity.pdbx_fragment 
_entity.details 
1 polymer     man 'KTI-A PROTEIN'                          20526.504 1  ? ? 'HYDROLASE INHIBITOR' ? 
2 non-polymer man 2-acetamido-2-deoxy-beta-D-glucopyranose 221.208   1  ? ? ?                     ? 
3 water       nat water                                    18.015    19 ? ? ?                     ? 
# 
_entity_poly.entity_id                      1 
_entity_poly.type                           'polypeptide(L)' 
_entity_poly.nstd_linkage                   no 
_entity_poly.nstd_monomer                   no 
_entity_poly.pdbx_seq_one_letter_code       
;ESPLPKPVLDTNGKELNPNSSYRIISIGRGALGGDVYLGKSPNSDAPCPDGVFRYNSDVGPSGTPVRFIPLSTNIFEDQL
LNIQFNIPTVKLCVSYTIWKVGNLNAYFRTMLLETGGTIGQADNSYFKIVKSSKIGYNLLSCPFTSIICLRCPEDQFCAK
VGVVIQNGKRRLALVNENPLDVLFQEV
;
_entity_poly.pdbx_seq_one_letter_code_can   
;ESPLPKPVLDTNGKELNPNSSYRIISIGRGALGGDVYLGKSPNSDAPCPDGVFRYNSDVGPSGTPVRFIPLSTNIFEDQL
LNIQFNIPTVKLCVSYTIWKVGNLNAYFRTMLLETGGTIGQADNSYFKIVKSSKIGYNLLSCPFTSIICLRCPEDQFCAK
VGVVIQNGKRRLALVNENPLDVLFQEV
;
_entity_poly.pdbx_strand_id                 A 
_entity_poly.pdbx_target_identifier         ? 
# 
loop_
_pdbx_entity_nonpoly.entity_id 
_pdbx_entity_nonpoly.name 
_pdbx_entity_nonpoly.comp_id 
2 2-acetamido-2-deoxy-beta-D-glucopyranose NAG 
3 water                                    HOH 
# 
loop_
_entity_poly_seq.entity_id 
_entity_poly_seq.num 
_entity_poly_seq.mon_id 
_entity_poly_seq.hetero 
1 1   GLU n 
1 2   SER n 
1 3   PRO n 
1 4   LEU n 
1 5   PRO n 
1 6   LYS n 
1 7   PRO n 
1 8   VAL n 
1 9   LEU n 
1 10  ASP n 
1 11  THR n 
1 12  ASN n 
1 13  GLY n 
1 14  LYS n 
1 15  GLU n 
1 16  LEU n 
1 17  ASN n 
1 18  PRO n 
1 19  ASN n 
1 20  SER n 
1 21  SER n 
1 22  TYR n 
1 23  ARG n 
1 24  ILE n 
1 25  ILE n 
1 26  SER n 
1 27  ILE n 
1 28  GLY n 
1 29  ARG n 
1 30  GLY n 
1 31  ALA n 
1 32  LEU n 
1 33  GLY n 
1 34  GLY n 
1 35  ASP n 
1 36  VAL n 
1 37  TYR n 
1 38  LEU n 
1 39  GLY n 
1 40  LYS n 
1 41  SER n 
1 42  PRO n 
1 43  ASN n 
1 44  SER n 
1 45  ASP n 
1 46  ALA n 
1 47  PRO n 
1 48  CYS n 
1 49  PRO n 
1 50  ASP n 
1 51  GLY n 
1 52  VAL n 
1 53  PHE n 
1 54  ARG n 
1 55  TYR n 
1 56  ASN n 
1 57  SER n 
1 58  ASP n 
1 59  VAL n 
1 60  GLY n 
1 61  PRO n 
1 62  SER n 
1 63  GLY n 
1 64  THR n 
1 65  PRO n 
1 66  VAL n 
1 67  ARG n 
1 68  PHE n 
1 69  ILE n 
1 70  PRO n 
1 71  LEU n 
1 72  SER n 
1 73  THR n 
1 74  ASN n 
1 75  ILE n 
1 76  PHE n 
1 77  GLU n 
1 78  ASP n 
1 79  GLN n 
1 80  LEU n 
1 81  LEU n 
1 82  ASN n 
1 83  ILE n 
1 84  GLN n 
1 85  PHE n 
1 86  ASN n 
1 87  ILE n 
1 88  PRO n 
1 89  THR n 
1 90  VAL n 
1 91  LYS n 
1 92  LEU n 
1 93  CYS n 
1 94  VAL n 
1 95  SER n 
1 96  TYR n 
1 97  THR n 
1 98  ILE n 
1 99  TRP n 
1 100 LYS n 
1 101 VAL n 
1 102 GLY n 
1 103 ASN n 
1 104 LEU n 
1 105 ASN n 
1 106 ALA n 
1 107 TYR n 
1 108 PHE n 
1 109 ARG n 
1 110 THR n 
1 111 MET n 
1 112 LEU n 
1 113 LEU n 
1 114 GLU n 
1 115 THR n 
1 116 GLY n 
1 117 GLY n 
1 118 THR n 
1 119 ILE n 
1 120 GLY n 
1 121 GLN n 
1 122 ALA n 
1 123 ASP n 
1 124 ASN n 
1 125 SER n 
1 126 TYR n 
1 127 PHE n 
1 128 LYS n 
1 129 ILE n 
1 130 VAL n 
1 131 LYS n 
1 132 SER n 
1 133 SER n 
1 134 LYS n 
1 135 ILE n 
1 136 GLY n 
1 137 TYR n 
1 138 ASN n 
1 139 LEU n 
1 140 LEU n 
1 141 SER n 
1 142 CYS n 
1 143 PRO n 
1 144 PHE n 
1 145 THR n 
1 146 SER n 
1 147 ILE n 
1 148 ILE n 
1 149 CYS n 
1 150 LEU n 
1 151 ARG n 
1 152 CYS n 
1 153 PRO n 
1 154 GLU n 
1 155 ASP n 
1 156 GLN n 
1 157 PHE n 
1 158 CYS n 
1 159 ALA n 
1 160 LYS n 
1 161 VAL n 
1 162 GLY n 
1 163 VAL n 
1 164 VAL n 
1 165 ILE n 
1 166 GLN n 
1 167 ASN n 
1 168 GLY n 
1 169 LYS n 
1 170 ARG n 
1 171 ARG n 
1 172 LEU n 
1 173 ALA n 
1 174 LEU n 
1 175 VAL n 
1 176 ASN n 
1 177 GLU n 
1 178 ASN n 
1 179 PRO n 
1 180 LEU n 
1 181 ASP n 
1 182 VAL n 
1 183 LEU n 
1 184 PHE n 
1 185 GLN n 
1 186 GLU n 
1 187 VAL n 
# 
_entity_src_gen.entity_id                          1 
_entity_src_gen.pdbx_src_id                        1 
_entity_src_gen.pdbx_alt_source_flag               sample 
_entity_src_gen.pdbx_seq_type                      ? 
_entity_src_gen.pdbx_beg_seq_num                   ? 
_entity_src_gen.pdbx_end_seq_num                   ? 
_entity_src_gen.gene_src_common_name               POTATO 
_entity_src_gen.gene_src_genus                     ? 
_entity_src_gen.pdbx_gene_src_gene                 ? 
_entity_src_gen.gene_src_species                   ? 
_entity_src_gen.gene_src_strain                    ? 
_entity_src_gen.gene_src_tissue                    ? 
_entity_src_gen.gene_src_tissue_fraction           ? 
_entity_src_gen.gene_src_details                   ? 
_entity_src_gen.pdbx_gene_src_fragment             ? 
_entity_src_gen.pdbx_gene_src_scientific_name      'SOLANUM TUBEROSUM' 
_entity_src_gen.pdbx_gene_src_ncbi_taxonomy_id     4113 
_entity_src_gen.pdbx_gene_src_variant              ESTIMA 
_entity_src_gen.pdbx_gene_src_cell_line            ? 
_entity_src_gen.pdbx_gene_src_atcc                 ? 
_entity_src_gen.pdbx_gene_src_organ                ? 
_entity_src_gen.pdbx_gene_src_organelle            ? 
_entity_src_gen.pdbx_gene_src_cell                 ? 
_entity_src_gen.pdbx_gene_src_cellular_location    ? 
_entity_src_gen.host_org_common_name               ? 
_entity_src_gen.pdbx_host_org_scientific_name      'KOMAGATAELLA PASTORIS' 
_entity_src_gen.pdbx_host_org_ncbi_taxonomy_id     644223 
_entity_src_gen.host_org_genus                     ? 
_entity_src_gen.pdbx_host_org_gene                 ? 
_entity_src_gen.pdbx_host_org_organ                ? 
_entity_src_gen.host_org_species                   ? 
_entity_src_gen.pdbx_host_org_tissue               ? 
_entity_src_gen.pdbx_host_org_tissue_fraction      ? 
_entity_src_gen.pdbx_host_org_strain               GS115 
_entity_src_gen.pdbx_host_org_variant              ? 
_entity_src_gen.pdbx_host_org_cell_line            ? 
_entity_src_gen.pdbx_host_org_atcc                 ? 
_entity_src_gen.pdbx_host_org_culture_collection   ? 
_entity_src_gen.pdbx_host_org_cell                 ? 
_entity_src_gen.pdbx_host_org_organelle            ? 
_entity_src_gen.pdbx_host_org_cellular_location    ? 
_entity_src_gen.pdbx_host_org_vector_type          ? 
_entity_src_gen.pdbx_host_org_vector               ? 
_entity_src_gen.host_org_details                   ? 
_entity_src_gen.expression_system_id               ? 
_entity_src_gen.plasmid_name                       PPICZALPHAC 
_entity_src_gen.plasmid_details                    ? 
_entity_src_gen.pdbx_description                   ? 
# 
loop_
_chem_comp.id 
_chem_comp.type 
_chem_comp.mon_nstd_flag 
_chem_comp.name 
_chem_comp.pdbx_synonyms 
_chem_comp.formula 
_chem_comp.formula_weight 
ALA 'L-peptide linking'          y ALANINE                                  ? 'C3 H7 N O2'     89.093  
ARG 'L-peptide linking'          y ARGININE                                 ? 'C6 H15 N4 O2 1' 175.209 
ASN 'L-peptide linking'          y ASPARAGINE                               ? 'C4 H8 N2 O3'    132.118 
ASP 'L-peptide linking'          y 'ASPARTIC ACID'                          ? 'C4 H7 N O4'     133.103 
CYS 'L-peptide linking'          y CYSTEINE                                 ? 'C3 H7 N O2 S'   121.158 
GLN 'L-peptide linking'          y GLUTAMINE                                ? 'C5 H10 N2 O3'   146.144 
GLU 'L-peptide linking'          y 'GLUTAMIC ACID'                          ? 'C5 H9 N O4'     147.129 
GLY 'peptide linking'            y GLYCINE                                  ? 'C2 H5 N O2'     75.067  
HOH non-polymer                  . WATER                                    ? 'H2 O'           18.015  
ILE 'L-peptide linking'          y ISOLEUCINE                               ? 'C6 H13 N O2'    131.173 
LEU 'L-peptide linking'          y LEUCINE                                  ? 'C6 H13 N O2'    131.173 
LYS 'L-peptide linking'          y LYSINE                                   ? 'C6 H15 N2 O2 1' 147.195 
MET 'L-peptide linking'          y METHIONINE                               ? 'C5 H11 N O2 S'  149.211 
NAG 'D-saccharide, beta linking' . 2-acetamido-2-deoxy-beta-D-glucopyranose 
;N-acetyl-beta-D-glucosamine; 2-acetamido-2-deoxy-beta-D-glucose; 2-acetamido-2-deoxy-D-glucose; 2-acetamido-2-deoxy-glucose; N-ACETYL-D-GLUCOSAMINE
;
'C8 H15 N O6'    221.208 
PHE 'L-peptide linking'          y PHENYLALANINE                            ? 'C9 H11 N O2'    165.189 
PRO 'L-peptide linking'          y PROLINE                                  ? 'C5 H9 N O2'     115.130 
SER 'L-peptide linking'          y SERINE                                   ? 'C3 H7 N O3'     105.093 
THR 'L-peptide linking'          y THREONINE                                ? 'C4 H9 N O3'     119.119 
TRP 'L-peptide linking'          y TRYPTOPHAN                               ? 'C11 H12 N2 O2'  204.225 
TYR 'L-peptide linking'          y TYROSINE                                 ? 'C9 H11 N O3'    181.189 
VAL 'L-peptide linking'          y VALINE                                   ? 'C5 H11 N O2'    117.146 
# 
loop_
_pdbx_chem_comp_identifier.comp_id 
_pdbx_chem_comp_identifier.type 
_pdbx_chem_comp_identifier.program 
_pdbx_chem_comp_identifier.program_version 
_pdbx_chem_comp_identifier.identifier 
NAG 'CONDENSED IUPAC CARBOHYDRATE SYMBOL' GMML     1.0 DGlcpNAcb                      
NAG 'COMMON NAME'                         GMML     1.0 N-acetyl-b-D-glucopyranosamine 
NAG 'IUPAC CARBOHYDRATE SYMBOL'           PDB-CARE 1.0 b-D-GlcpNAc                    
NAG 'SNFG CARBOHYDRATE SYMBOL'            GMML     1.0 GlcNAc                         
# 
loop_
_pdbx_poly_seq_scheme.asym_id 
_pdbx_poly_seq_scheme.entity_id 
_pdbx_poly_seq_scheme.seq_id 
_pdbx_poly_seq_scheme.mon_id 
_pdbx_poly_seq_scheme.ndb_seq_num 
_pdbx_poly_seq_scheme.pdb_seq_num 
_pdbx_poly_seq_scheme.auth_seq_num 
_pdbx_poly_seq_scheme.pdb_mon_id 
_pdbx_poly_seq_scheme.auth_mon_id 
_pdbx_poly_seq_scheme.pdb_strand_id 
_pdbx_poly_seq_scheme.pdb_ins_code 
_pdbx_poly_seq_scheme.hetero 
A 1 1   GLU 1   1   ?   ?   ?   A . n 
A 1 2   SER 2   2   ?   ?   ?   A . n 
A 1 3   PRO 3   3   3   PRO PRO A . n 
A 1 4   LEU 4   4   4   LEU LEU A . n 
A 1 5   PRO 5   5   5   PRO PRO A . n 
A 1 6   LYS 6   6   6   LYS LYS A . n 
A 1 7   PRO 7   7   7   PRO PRO A . n 
A 1 8   VAL 8   8   8   VAL VAL A . n 
A 1 9   LEU 9   9   9   LEU LEU A . n 
A 1 10  ASP 10  10  10  ASP ASP A . n 
A 1 11  THR 11  11  11  THR THR A . n 
A 1 12  ASN 12  12  12  ASN ASN A . n 
A 1 13  GLY 13  13  13  GLY GLY A . n 
A 1 14  LYS 14  14  14  LYS LYS A . n 
A 1 15  GLU 15  15  15  GLU GLU A . n 
A 1 16  LEU 16  16  16  LEU LEU A . n 
A 1 17  ASN 17  17  17  ASN ASN A . n 
A 1 18  PRO 18  18  18  PRO PRO A . n 
A 1 19  ASN 19  19  19  ASN ASN A . n 
A 1 20  SER 20  20  20  SER SER A . n 
A 1 21  SER 21  21  21  SER SER A . n 
A 1 22  TYR 22  22  22  TYR TYR A . n 
A 1 23  ARG 23  23  23  ARG ARG A . n 
A 1 24  ILE 24  24  24  ILE ILE A . n 
A 1 25  ILE 25  25  25  ILE ILE A . n 
A 1 26  SER 26  26  26  SER SER A . n 
A 1 27  ILE 27  27  27  ILE ILE A . n 
A 1 28  GLY 28  28  28  GLY GLY A . n 
A 1 29  ARG 29  29  29  ARG ARG A . n 
A 1 30  GLY 30  30  30  GLY GLY A . n 
A 1 31  ALA 31  31  31  ALA ALA A . n 
A 1 32  LEU 32  32  32  LEU LEU A . n 
A 1 33  GLY 33  33  33  GLY GLY A . n 
A 1 34  GLY 34  34  34  GLY GLY A . n 
A 1 35  ASP 35  35  35  ASP ASP A . n 
A 1 36  VAL 36  36  36  VAL VAL A . n 
A 1 37  TYR 37  37  37  TYR TYR A . n 
A 1 38  LEU 38  38  38  LEU LEU A . n 
A 1 39  GLY 39  39  39  GLY GLY A . n 
A 1 40  LYS 40  40  40  LYS LYS A . n 
A 1 41  SER 41  41  41  SER SER A . n 
A 1 42  PRO 42  42  42  PRO PRO A . n 
A 1 43  ASN 43  43  43  ASN ASN A . n 
A 1 44  SER 44  44  44  SER SER A . n 
A 1 45  ASP 45  45  45  ASP ASP A . n 
A 1 46  ALA 46  46  46  ALA ALA A . n 
A 1 47  PRO 47  47  47  PRO PRO A . n 
A 1 48  CYS 48  48  48  CYS CYS A . n 
A 1 49  PRO 49  49  49  PRO PRO A . n 
A 1 50  ASP 50  50  50  ASP ASP A . n 
A 1 51  GLY 51  51  51  GLY GLY A . n 
A 1 52  VAL 52  52  52  VAL VAL A . n 
A 1 53  PHE 53  53  53  PHE PHE A . n 
A 1 54  ARG 54  54  54  ARG ARG A . n 
A 1 55  TYR 55  55  55  TYR TYR A . n 
A 1 56  ASN 56  56  56  ASN ASN A . n 
A 1 57  SER 57  57  57  SER SER A . n 
A 1 58  ASP 58  58  58  ASP ASP A . n 
A 1 59  VAL 59  59  59  VAL VAL A . n 
A 1 60  GLY 60  60  60  GLY GLY A . n 
A 1 61  PRO 61  61  61  PRO PRO A . n 
A 1 62  SER 62  62  62  SER SER A . n 
A 1 63  GLY 63  63  63  GLY GLY A . n 
A 1 64  THR 64  64  64  THR THR A . n 
A 1 65  PRO 65  65  65  PRO PRO A . n 
A 1 66  VAL 66  66  66  VAL VAL A . n 
A 1 67  ARG 67  67  67  ARG ARG A . n 
A 1 68  PHE 68  68  68  PHE PHE A . n 
A 1 69  ILE 69  69  69  ILE ILE A . n 
A 1 70  PRO 70  70  70  PRO PRO A . n 
A 1 71  LEU 71  71  71  LEU LEU A . n 
A 1 72  SER 72  72  72  SER SER A . n 
A 1 73  THR 73  73  73  THR THR A . n 
A 1 74  ASN 74  74  74  ASN ASN A . n 
A 1 75  ILE 75  75  75  ILE ILE A . n 
A 1 76  PHE 76  76  76  PHE PHE A . n 
A 1 77  GLU 77  77  77  GLU GLU A . n 
A 1 78  ASP 78  78  78  ASP ASP A . n 
A 1 79  GLN 79  79  79  GLN GLN A . n 
A 1 80  LEU 80  80  80  LEU LEU A . n 
A 1 81  LEU 81  81  81  LEU LEU A . n 
A 1 82  ASN 82  82  82  ASN ASN A . n 
A 1 83  ILE 83  83  83  ILE ILE A . n 
A 1 84  GLN 84  84  84  GLN GLN A . n 
A 1 85  PHE 85  85  85  PHE PHE A . n 
A 1 86  ASN 86  86  86  ASN ASN A . n 
A 1 87  ILE 87  87  87  ILE ILE A . n 
A 1 88  PRO 88  88  88  PRO PRO A . n 
A 1 89  THR 89  89  89  THR THR A . n 
A 1 90  VAL 90  90  90  VAL VAL A . n 
A 1 91  LYS 91  91  91  LYS LYS A . n 
A 1 92  LEU 92  92  92  LEU LEU A . n 
A 1 93  CYS 93  93  93  CYS CYS A . n 
A 1 94  VAL 94  94  94  VAL VAL A . n 
A 1 95  SER 95  95  95  SER SER A . n 
A 1 96  TYR 96  96  96  TYR TYR A . n 
A 1 97  THR 97  97  97  THR THR A . n 
A 1 98  ILE 98  98  98  ILE ILE A . n 
A 1 99  TRP 99  99  99  TRP TRP A . n 
A 1 100 LYS 100 100 100 LYS LYS A . n 
A 1 101 VAL 101 101 101 VAL VAL A . n 
A 1 102 GLY 102 102 102 GLY GLY A . n 
A 1 103 ASN 103 103 103 ASN ASN A . n 
A 1 104 LEU 104 104 104 LEU LEU A . n 
A 1 105 ASN 105 105 105 ASN ASN A . n 
A 1 106 ALA 106 106 106 ALA ALA A . n 
A 1 107 TYR 107 107 107 TYR TYR A . n 
A 1 108 PHE 108 108 108 PHE PHE A . n 
A 1 109 ARG 109 109 109 ARG ARG A . n 
A 1 110 THR 110 110 110 THR THR A . n 
A 1 111 MET 111 111 111 MET MET A . n 
A 1 112 LEU 112 112 112 LEU LEU A . n 
A 1 113 LEU 113 113 113 LEU LEU A . n 
A 1 114 GLU 114 114 114 GLU GLU A . n 
A 1 115 THR 115 115 115 THR THR A . n 
A 1 116 GLY 116 116 116 GLY GLY A . n 
A 1 117 GLY 117 117 117 GLY GLY A . n 
A 1 118 THR 118 118 118 THR THR A . n 
A 1 119 ILE 119 119 119 ILE ILE A . n 
A 1 120 GLY 120 120 120 GLY GLY A . n 
A 1 121 GLN 121 121 121 GLN GLN A . n 
A 1 122 ALA 122 122 122 ALA ALA A . n 
A 1 123 ASP 123 123 123 ASP ASP A . n 
A 1 124 ASN 124 124 124 ASN ASN A . n 
A 1 125 SER 125 125 125 SER SER A . n 
A 1 126 TYR 126 126 126 TYR TYR A . n 
A 1 127 PHE 127 127 127 PHE PHE A . n 
A 1 128 LYS 128 128 128 LYS LYS A . n 
A 1 129 ILE 129 129 129 ILE ILE A . n 
A 1 130 VAL 130 130 130 VAL VAL A . n 
A 1 131 LYS 131 131 131 LYS LYS A . n 
A 1 132 SER 132 132 132 SER SER A . n 
A 1 133 SER 133 133 133 SER SER A . n 
A 1 134 LYS 134 134 134 LYS LYS A . n 
A 1 135 ILE 135 135 135 ILE ILE A . n 
A 1 136 GLY 136 136 136 GLY GLY A . n 
A 1 137 TYR 137 137 137 TYR TYR A . n 
A 1 138 ASN 138 138 138 ASN ASN A . n 
A 1 139 LEU 139 139 139 LEU LEU A . n 
A 1 140 LEU 140 140 140 LEU LEU A . n 
A 1 141 SER 141 141 141 SER SER A . n 
A 1 142 CYS 142 142 142 CYS CYS A . n 
A 1 143 PRO 143 143 143 PRO PRO A . n 
A 1 144 PHE 144 144 144 PHE PHE A . n 
A 1 145 THR 145 145 145 THR THR A . n 
A 1 146 SER 146 146 146 SER SER A . n 
A 1 147 ILE 147 147 147 ILE ILE A . n 
A 1 148 ILE 148 148 148 ILE ILE A . n 
A 1 149 CYS 149 149 149 CYS CYS A . n 
A 1 150 LEU 150 150 150 LEU LEU A . n 
A 1 151 ARG 151 151 151 ARG ARG A . n 
A 1 152 CYS 152 152 152 CYS CYS A . n 
A 1 153 PRO 153 153 153 PRO PRO A . n 
A 1 154 GLU 154 154 154 GLU GLU A . n 
A 1 155 ASP 155 155 155 ASP ASP A . n 
A 1 156 GLN 156 156 156 GLN GLN A . n 
A 1 157 PHE 157 157 157 PHE PHE A . n 
A 1 158 CYS 158 158 158 CYS CYS A . n 
A 1 159 ALA 159 159 159 ALA ALA A . n 
A 1 160 LYS 160 160 160 LYS LYS A . n 
A 1 161 VAL 161 161 161 VAL VAL A . n 
A 1 162 GLY 162 162 162 GLY GLY A . n 
A 1 163 VAL 163 163 163 VAL VAL A . n 
A 1 164 VAL 164 164 164 VAL VAL A . n 
A 1 165 ILE 165 165 165 ILE ILE A . n 
A 1 166 GLN 166 166 166 GLN GLN A . n 
A 1 167 ASN 167 167 167 ASN ASN A . n 
A 1 168 GLY 168 168 168 GLY GLY A . n 
A 1 169 LYS 169 169 169 LYS LYS A . n 
A 1 170 ARG 170 170 170 ARG ARG A . n 
A 1 171 ARG 171 171 171 ARG ARG A . n 
A 1 172 LEU 172 172 172 LEU LEU A . n 
A 1 173 ALA 173 173 173 ALA ALA A . n 
A 1 174 LEU 174 174 174 LEU LEU A . n 
A 1 175 VAL 175 175 175 VAL VAL A . n 
A 1 176 ASN 176 176 176 ASN ASN A . n 
A 1 177 GLU 177 177 177 GLU GLU A . n 
A 1 178 ASN 178 178 178 ASN ASN A . n 
A 1 179 PRO 179 179 179 PRO PRO A . n 
A 1 180 LEU 180 180 180 LEU LEU A . n 
A 1 181 ASP 181 181 181 ASP ASP A . n 
A 1 182 VAL 182 182 182 VAL VAL A . n 
A 1 183 LEU 183 183 183 LEU LEU A . n 
A 1 184 PHE 184 184 184 PHE PHE A . n 
A 1 185 GLN 185 185 185 GLN GLN A . n 
A 1 186 GLU 186 186 186 GLU GLU A . n 
A 1 187 VAL 187 187 187 VAL VAL A . n 
# 
loop_
_pdbx_nonpoly_scheme.asym_id 
_pdbx_nonpoly_scheme.entity_id 
_pdbx_nonpoly_scheme.mon_id 
_pdbx_nonpoly_scheme.ndb_seq_num 
_pdbx_nonpoly_scheme.pdb_seq_num 
_pdbx_nonpoly_scheme.auth_seq_num 
_pdbx_nonpoly_scheme.pdb_mon_id 
_pdbx_nonpoly_scheme.auth_mon_id 
_pdbx_nonpoly_scheme.pdb_strand_id 
_pdbx_nonpoly_scheme.pdb_ins_code 
B 2 NAG 1  1188 1188 NAG NAG A . 
C 3 HOH 1  2001 2001 HOH HOH A . 
C 3 HOH 2  2002 2002 HOH HOH A . 
C 3 HOH 3  2003 2003 HOH HOH A . 
C 3 HOH 4  2004 2004 HOH HOH A . 
C 3 HOH 5  2005 2005 HOH HOH A . 
C 3 HOH 6  2006 2006 HOH HOH A . 
C 3 HOH 7  2007 2007 HOH HOH A . 
C 3 HOH 8  2008 2008 HOH HOH A . 
C 3 HOH 9  2009 2009 HOH HOH A . 
C 3 HOH 10 2010 2010 HOH HOH A . 
C 3 HOH 11 2011 2011 HOH HOH A . 
C 3 HOH 12 2012 2012 HOH HOH A . 
C 3 HOH 13 2013 2013 HOH HOH A . 
C 3 HOH 14 2014 2014 HOH HOH A . 
C 3 HOH 15 2015 2015 HOH HOH A . 
C 3 HOH 16 2016 2016 HOH HOH A . 
C 3 HOH 17 2017 2017 HOH HOH A . 
C 3 HOH 18 2018 2018 HOH HOH A . 
C 3 HOH 19 2019 2019 HOH HOH A . 
# 
loop_
_software.name 
_software.classification 
_software.version 
_software.citation_id 
_software.pdbx_ordinal 
PHENIX refinement       '(PHENIX.REFINE)' ? 1 
XDS    'data reduction' .                 ? 2 
XSCALE 'data scaling'   .                 ? 3 
PHASER phasing          .                 ? 4 
# 
_cell.entry_id           5G00 
_cell.length_a           77.180 
_cell.length_b           77.180 
_cell.length_c           95.900 
_cell.angle_alpha        90.00 
_cell.angle_beta         90.00 
_cell.angle_gamma        90.00 
_cell.Z_PDB              8 
_cell.pdbx_unique_axis   ? 
# 
_symmetry.entry_id                         5G00 
_symmetry.space_group_name_H-M             'P 43 2 2' 
_symmetry.pdbx_full_space_group_name_H-M   ? 
_symmetry.cell_setting                     ? 
_symmetry.Int_Tables_number                95 
# 
_exptl.entry_id          5G00 
_exptl.method            'X-RAY DIFFRACTION' 
_exptl.crystals_number   1 
# 
_exptl_crystal.id                    1 
_exptl_crystal.density_meas          ? 
_exptl_crystal.density_Matthews      3.04 
_exptl_crystal.density_percent_sol   59.52 
_exptl_crystal.description           'DATA WAS ANISOTROPICALLY CORRECTED WITH THE WEBSERVER DIFFRACTION ANISOTROPY SERVER UCLA' 
# 
_exptl_crystal_grow.crystal_id      1 
_exptl_crystal_grow.method          ? 
_exptl_crystal_grow.temp            ? 
_exptl_crystal_grow.temp_details    ? 
_exptl_crystal_grow.pH              7.4 
_exptl_crystal_grow.pdbx_pH_range   ? 
_exptl_crystal_grow.pdbx_details    
'10% (W/V) PEG 2000 MME, 0.1 M TRIS-HCL PH 8.5, 0.2 M TRIMETHYLAMINE N-OXIDE, 30 MM GLYCYL-GLYCL-GLYCINE' 
# 
_diffrn.id                     1 
_diffrn.ambient_temp           100 
_diffrn.ambient_temp_details   ? 
_diffrn.crystal_id             1 
# 
_diffrn_detector.diffrn_id              1 
_diffrn_detector.detector               CCD 
_diffrn_detector.type                   'MARMOSAIC 325 mm CCD' 
_diffrn_detector.pdbx_collection_date   2016-01-17 
_diffrn_detector.details                'SI (111) DOUBLE CRYSTAL' 
# 
_diffrn_radiation.diffrn_id                        1 
_diffrn_radiation.wavelength_id                    1 
_diffrn_radiation.pdbx_monochromatic_or_laue_m_l   M 
_diffrn_radiation.monochromator                    ? 
_diffrn_radiation.pdbx_diffrn_protocol             'SINGLE WAVELENGTH' 
_diffrn_radiation.pdbx_scattering_type             x-ray 
# 
_diffrn_radiation_wavelength.id           1 
_diffrn_radiation_wavelength.wavelength   1.1807 
_diffrn_radiation_wavelength.wt           1.0 
# 
_diffrn_source.diffrn_id                   1 
_diffrn_source.source                      SYNCHROTRON 
_diffrn_source.type                        'SSRL BEAMLINE BL14-1' 
_diffrn_source.pdbx_synchrotron_site       SSRL 
_diffrn_source.pdbx_synchrotron_beamline   BL14-1 
_diffrn_source.pdbx_wavelength             1.1807 
_diffrn_source.pdbx_wavelength_list        ? 
# 
_reflns.pdbx_diffrn_id               1 
_reflns.pdbx_ordinal                 1 
_reflns.entry_id                     5G00 
_reflns.observed_criterion_sigma_I   0.0 
_reflns.observed_criterion_sigma_F   ? 
_reflns.d_resolution_low             29.50 
_reflns.d_resolution_high            2.50 
_reflns.number_obs                   10356 
_reflns.number_all                   ? 
_reflns.percent_possible_obs         98.0 
_reflns.pdbx_Rmerge_I_obs            0.06 
_reflns.pdbx_Rsym_value              ? 
_reflns.pdbx_netI_over_sigmaI        33.82 
_reflns.B_iso_Wilson_estimate        60.16 
_reflns.pdbx_redundancy              16.2 
# 
_reflns_shell.pdbx_diffrn_id         1 
_reflns_shell.pdbx_ordinal           1 
_reflns_shell.d_res_high             2.50 
_reflns_shell.d_res_low              2.57 
_reflns_shell.percent_possible_all   74.1 
_reflns_shell.Rmerge_I_obs           0.73 
_reflns_shell.pdbx_Rsym_value        ? 
_reflns_shell.meanI_over_sigI_obs    4.89 
_reflns_shell.pdbx_redundancy        16.63 
# 
_refine.pdbx_refine_id                           'X-RAY DIFFRACTION' 
_refine.entry_id                                 5G00 
_refine.pdbx_diffrn_id                           1 
_refine.pdbx_TLS_residual_ADP_flag               ? 
_refine.ls_number_reflns_obs                     10329 
_refine.ls_number_reflns_all                     ? 
_refine.pdbx_ls_sigma_I                          ? 
_refine.pdbx_ls_sigma_F                          1.37 
_refine.pdbx_data_cutoff_high_absF               ? 
_refine.pdbx_data_cutoff_low_absF                ? 
_refine.pdbx_data_cutoff_high_rms_absF           ? 
_refine.ls_d_res_low                             36.021 
_refine.ls_d_res_high                            2.500 
_refine.ls_percent_reflns_obs                    98.03 
_refine.ls_R_factor_obs                          0.2288 
_refine.ls_R_factor_all                          ? 
_refine.ls_R_factor_R_work                       0.2280 
_refine.ls_R_factor_R_free                       0.2437 
_refine.ls_R_factor_R_free_error                 ? 
_refine.ls_R_factor_R_free_error_details         ? 
_refine.ls_percent_reflns_R_free                 4.8 
_refine.ls_number_reflns_R_free                  499 
_refine.ls_number_parameters                     ? 
_refine.ls_number_restraints                     ? 
_refine.occupancy_min                            ? 
_refine.occupancy_max                            ? 
_refine.correlation_coeff_Fo_to_Fc               ? 
_refine.correlation_coeff_Fo_to_Fc_free          ? 
_refine.B_iso_mean                               67.40 
_refine.aniso_B[1][1]                            ? 
_refine.aniso_B[2][2]                            ? 
_refine.aniso_B[3][3]                            ? 
_refine.aniso_B[1][2]                            ? 
_refine.aniso_B[1][3]                            ? 
_refine.aniso_B[2][3]                            ? 
_refine.solvent_model_details                    'FLAT BULK SOLVENT MODEL' 
_refine.solvent_model_param_ksol                 ? 
_refine.solvent_model_param_bsol                 ? 
_refine.pdbx_solvent_vdw_probe_radii             1.11 
_refine.pdbx_solvent_ion_probe_radii             ? 
_refine.pdbx_solvent_shrinkage_radii             0.90 
_refine.pdbx_ls_cross_valid_method               ? 
_refine.details                                  ? 
_refine.pdbx_starting_model                      'PDB ENTRY 5FNW' 
_refine.pdbx_method_to_determine_struct          'MOLECULAR REPLACEMENT' 
_refine.pdbx_isotropic_thermal_model             ? 
_refine.pdbx_stereochemistry_target_values       ML 
_refine.pdbx_stereochem_target_val_spec_case     ? 
_refine.pdbx_R_Free_selection_details            ? 
_refine.pdbx_overall_ESU_R                       ? 
_refine.pdbx_overall_ESU_R_Free                  ? 
_refine.overall_SU_ML                            0.27 
_refine.pdbx_overall_phase_error                 27.45 
_refine.overall_SU_B                             ? 
_refine.overall_SU_R_Cruickshank_DPI             ? 
_refine.pdbx_overall_SU_R_free_Cruickshank_DPI   ? 
_refine.pdbx_overall_SU_R_Blow_DPI               ? 
_refine.pdbx_overall_SU_R_free_Blow_DPI          ? 
# 
_refine_hist.pdbx_refine_id                   'X-RAY DIFFRACTION' 
_refine_hist.cycle_id                         LAST 
_refine_hist.pdbx_number_atoms_protein        1427 
_refine_hist.pdbx_number_atoms_nucleic_acid   0 
_refine_hist.pdbx_number_atoms_ligand         14 
_refine_hist.number_atoms_solvent             19 
_refine_hist.number_atoms_total               1460 
_refine_hist.d_res_high                       2.500 
_refine_hist.d_res_low                        36.021 
# 
loop_
_refine_ls_restr.type 
_refine_ls_restr.dev_ideal 
_refine_ls_restr.dev_ideal_target 
_refine_ls_restr.weight 
_refine_ls_restr.number 
_refine_ls_restr.pdbx_refine_id 
_refine_ls_restr.pdbx_restraint_function 
f_bond_d           0.010  ? ? 1475 'X-RAY DIFFRACTION' ? 
f_angle_d          1.345  ? ? 2001 'X-RAY DIFFRACTION' ? 
f_dihedral_angle_d 14.417 ? ? 545  'X-RAY DIFFRACTION' ? 
f_chiral_restr     0.050  ? ? 230  'X-RAY DIFFRACTION' ? 
f_plane_restr      0.007  ? ? 259  'X-RAY DIFFRACTION' ? 
# 
loop_
_refine_ls_shell.pdbx_refine_id 
_refine_ls_shell.pdbx_total_number_of_bins_used 
_refine_ls_shell.d_res_high 
_refine_ls_shell.d_res_low 
_refine_ls_shell.number_reflns_R_work 
_refine_ls_shell.R_factor_R_work 
_refine_ls_shell.percent_reflns_obs 
_refine_ls_shell.R_factor_R_free 
_refine_ls_shell.R_factor_R_free_error 
_refine_ls_shell.percent_reflns_R_free 
_refine_ls_shell.number_reflns_R_free 
_refine_ls_shell.number_reflns_all 
_refine_ls_shell.R_factor_all 
'X-RAY DIFFRACTION' . 2.5001 2.7516  2262 0.3175 92.00  0.3282 . . 103 . . 
'X-RAY DIFFRACTION' . 2.7516 3.1496  2429 0.3031 100.00 0.3311 . . 143 . . 
'X-RAY DIFFRACTION' . 3.1496 3.9673  2499 0.2565 100.00 0.2990 . . 128 . . 
'X-RAY DIFFRACTION' . 3.9673 36.0252 2640 0.1843 100.00 0.1842 . . 125 . . 
# 
_struct.entry_id                  5G00 
_struct.title                     
'CRYSTAL STRUCTURE OF A POTATO STI-KUNITZ BIFUNCTIONAL INHIBITOR OF SERINE AND ASPARTIC PROTEASES IN SPACE GROUP P4322 AND PH 7.4' 
_struct.pdbx_model_details        ? 
_struct.pdbx_CASP_flag            ? 
_struct.pdbx_model_type_details   ? 
# 
_struct_keywords.entry_id        5G00 
_struct_keywords.pdbx_keywords   'HYDROLASE INHIBITOR' 
_struct_keywords.text            
;HYDROLASE, STI-KUNITZ INHIBITOR, ASPARTIC PROTEASES, SERINE PROTEASES, PROTEASE INHIBITOR, BI-FUNCTIONAL PROTEASE INHIBITOR, HYDROLASE INHIBITOR, KUNITZ-TYPE INHIBITOR
;
# 
loop_
_struct_asym.id 
_struct_asym.pdbx_blank_PDB_chainid_flag 
_struct_asym.pdbx_modified 
_struct_asym.entity_id 
_struct_asym.details 
A N N 1 ? 
B N N 2 ? 
C N N 3 ? 
# 
_struct_ref.id                         1 
_struct_ref.db_name                    UNP 
_struct_ref.db_code                    A0A097H118_SOLTU 
_struct_ref.entity_id                  1 
_struct_ref.pdbx_seq_one_letter_code   ? 
_struct_ref.pdbx_align_begin           ? 
_struct_ref.pdbx_db_accession          A0A097H118 
_struct_ref.pdbx_db_isoform            ? 
# 
_struct_ref_seq.align_id                      1 
_struct_ref_seq.ref_id                        1 
_struct_ref_seq.pdbx_PDB_id_code              5G00 
_struct_ref_seq.pdbx_strand_id                A 
_struct_ref_seq.seq_align_beg                 1 
_struct_ref_seq.pdbx_seq_align_beg_ins_code   ? 
_struct_ref_seq.seq_align_end                 187 
_struct_ref_seq.pdbx_seq_align_end_ins_code   ? 
_struct_ref_seq.pdbx_db_accession             A0A097H118 
_struct_ref_seq.db_align_beg                  32 
_struct_ref_seq.pdbx_db_align_beg_ins_code    ? 
_struct_ref_seq.db_align_end                  218 
_struct_ref_seq.pdbx_db_align_end_ins_code    ? 
_struct_ref_seq.pdbx_auth_seq_align_beg       1 
_struct_ref_seq.pdbx_auth_seq_align_end       187 
# 
_struct_ref_seq_dif.align_id                     1 
_struct_ref_seq_dif.pdbx_pdb_id_code             5G00 
_struct_ref_seq_dif.mon_id                       ASP 
_struct_ref_seq_dif.pdbx_pdb_strand_id           A 
_struct_ref_seq_dif.seq_num                      123 
_struct_ref_seq_dif.pdbx_pdb_ins_code            ? 
_struct_ref_seq_dif.pdbx_seq_db_name             UNP 
_struct_ref_seq_dif.pdbx_seq_db_accession_code   A0A097H11 
_struct_ref_seq_dif.db_mon_id                    ASN 
_struct_ref_seq_dif.pdbx_seq_db_seq_num          154 
_struct_ref_seq_dif.details                      conflict 
_struct_ref_seq_dif.pdbx_auth_seq_num            123 
_struct_ref_seq_dif.pdbx_ordinal                 1 
# 
_pdbx_struct_assembly.id                   1 
_pdbx_struct_assembly.details              author_and_software_defined_assembly 
_pdbx_struct_assembly.method_details       PISA 
_pdbx_struct_assembly.oligomeric_details   dimeric 
_pdbx_struct_assembly.oligomeric_count     2 
# 
loop_
_pdbx_struct_assembly_prop.biol_id 
_pdbx_struct_assembly_prop.type 
_pdbx_struct_assembly_prop.value 
_pdbx_struct_assembly_prop.details 
1 'ABSA (A^2)' 2740  ? 
1 MORE         -11.5 ? 
1 'SSA (A^2)'  17400 ? 
# 
_pdbx_struct_assembly_gen.assembly_id       1 
_pdbx_struct_assembly_gen.oper_expression   1,2 
_pdbx_struct_assembly_gen.asym_id_list      A,B,C 
# 
loop_
_pdbx_struct_oper_list.id 
_pdbx_struct_oper_list.type 
_pdbx_struct_oper_list.name 
_pdbx_struct_oper_list.symmetry_operation 
_pdbx_struct_oper_list.matrix[1][1] 
_pdbx_struct_oper_list.matrix[1][2] 
_pdbx_struct_oper_list.matrix[1][3] 
_pdbx_struct_oper_list.vector[1] 
_pdbx_struct_oper_list.matrix[2][1] 
_pdbx_struct_oper_list.matrix[2][2] 
_pdbx_struct_oper_list.matrix[2][3] 
_pdbx_struct_oper_list.vector[2] 
_pdbx_struct_oper_list.matrix[3][1] 
_pdbx_struct_oper_list.matrix[3][2] 
_pdbx_struct_oper_list.matrix[3][3] 
_pdbx_struct_oper_list.vector[3] 
1 'identity operation'         1_555 x,y,z        1.0000000000  0.0000000000  0.0000000000 0.0000000000   0.0000000000  1.0000000000  0.0000000000  0.0000000000   0.0000000000 0.0000000000  1.0000000000 0.0000000000  
2 'crystal symmetry operation' 8_554 -y,-x,-z-1/4 -0.5402605764 -0.3108657919 0.7819724861 -15.4870637218 -0.3108657919 -0.7897993176 -0.5287527752 -29.4400905449 0.7819724861 -0.5287527752 0.3300598940 -2.5984332528 
# 
_struct_biol.id   1 
# 
loop_
_struct_conf.conf_type_id 
_struct_conf.id 
_struct_conf.pdbx_PDB_helix_id 
_struct_conf.beg_label_comp_id 
_struct_conf.beg_label_asym_id 
_struct_conf.beg_label_seq_id 
_struct_conf.pdbx_beg_PDB_ins_code 
_struct_conf.end_label_comp_id 
_struct_conf.end_label_asym_id 
_struct_conf.end_label_seq_id 
_struct_conf.pdbx_end_PDB_ins_code 
_struct_conf.beg_auth_comp_id 
_struct_conf.beg_auth_asym_id 
_struct_conf.beg_auth_seq_id 
_struct_conf.end_auth_comp_id 
_struct_conf.end_auth_asym_id 
_struct_conf.end_auth_seq_id 
_struct_conf.pdbx_PDB_helix_class 
_struct_conf.details 
_struct_conf.pdbx_PDB_helix_length 
HELX_P HELX_P1 1 ARG A 29  ? GLY A 33  ? ARG A 29  GLY A 33  5 ? 5 
HELX_P HELX_P2 2 LEU A 92  ? TYR A 96  ? LEU A 92  TYR A 96  5 ? 5 
HELX_P HELX_P3 3 CYS A 152 ? GLN A 156 ? CYS A 152 GLN A 156 5 ? 5 
# 
_struct_conf_type.id          HELX_P 
_struct_conf_type.criteria    ? 
_struct_conf_type.reference   ? 
# 
loop_
_struct_conn.id 
_struct_conn.conn_type_id 
_struct_conn.pdbx_leaving_atom_flag 
_struct_conn.pdbx_PDB_id 
_struct_conn.ptnr1_label_asym_id 
_struct_conn.ptnr1_label_comp_id 
_struct_conn.ptnr1_label_seq_id 
_struct_conn.ptnr1_label_atom_id 
_struct_conn.pdbx_ptnr1_label_alt_id 
_struct_conn.pdbx_ptnr1_PDB_ins_code 
_struct_conn.pdbx_ptnr1_standard_comp_id 
_struct_conn.ptnr1_symmetry 
_struct_conn.ptnr2_label_asym_id 
_struct_conn.ptnr2_label_comp_id 
_struct_conn.ptnr2_label_seq_id 
_struct_conn.ptnr2_label_atom_id 
_struct_conn.pdbx_ptnr2_label_alt_id 
_struct_conn.pdbx_ptnr2_PDB_ins_code 
_struct_conn.ptnr1_auth_asym_id 
_struct_conn.ptnr1_auth_comp_id 
_struct_conn.ptnr1_auth_seq_id 
_struct_conn.ptnr2_auth_asym_id 
_struct_conn.ptnr2_auth_comp_id 
_struct_conn.ptnr2_auth_seq_id 
_struct_conn.ptnr2_symmetry 
_struct_conn.pdbx_ptnr3_label_atom_id 
_struct_conn.pdbx_ptnr3_label_seq_id 
_struct_conn.pdbx_ptnr3_label_comp_id 
_struct_conn.pdbx_ptnr3_label_asym_id 
_struct_conn.pdbx_ptnr3_label_alt_id 
_struct_conn.pdbx_ptnr3_PDB_ins_code 
_struct_conn.details 
_struct_conn.pdbx_dist_value 
_struct_conn.pdbx_value_order 
_struct_conn.pdbx_role 
disulf1 disulf ?   ? A CYS 48  SG  ? ? ? 1_555 A CYS 93  SG ? ? A CYS 48  A CYS 93   1_555 ? ? ? ? ? ? ? 2.047 ? ?               
disulf2 disulf ?   ? A CYS 142 SG  ? ? ? 1_555 A CYS 158 SG ? ? A CYS 142 A CYS 158  1_555 ? ? ? ? ? ? ? 2.068 ? ?               
disulf3 disulf ?   ? A CYS 149 SG  ? ? ? 1_555 A CYS 152 SG ? ? A CYS 149 A CYS 152  1_555 ? ? ? ? ? ? ? 2.047 ? ?               
covale1 covale one ? A ASN 19  ND2 ? ? ? 1_555 B NAG .   C1 ? ? A ASN 19  A NAG 1188 1_555 ? ? ? ? ? ? ? 1.774 ? N-Glycosylation 
# 
loop_
_struct_conn_type.id 
_struct_conn_type.criteria 
_struct_conn_type.reference 
disulf ? ? 
covale ? ? 
# 
loop_
_pdbx_modification_feature.ordinal 
_pdbx_modification_feature.label_comp_id 
_pdbx_modification_feature.label_asym_id 
_pdbx_modification_feature.label_seq_id 
_pdbx_modification_feature.label_alt_id 
_pdbx_modification_feature.modified_residue_label_comp_id 
_pdbx_modification_feature.modified_residue_label_asym_id 
_pdbx_modification_feature.modified_residue_label_seq_id 
_pdbx_modification_feature.modified_residue_label_alt_id 
_pdbx_modification_feature.auth_comp_id 
_pdbx_modification_feature.auth_asym_id 
_pdbx_modification_feature.auth_seq_id 
_pdbx_modification_feature.PDB_ins_code 
_pdbx_modification_feature.symmetry 
_pdbx_modification_feature.modified_residue_auth_comp_id 
_pdbx_modification_feature.modified_residue_auth_asym_id 
_pdbx_modification_feature.modified_residue_auth_seq_id 
_pdbx_modification_feature.modified_residue_PDB_ins_code 
_pdbx_modification_feature.modified_residue_symmetry 
_pdbx_modification_feature.comp_id_linking_atom 
_pdbx_modification_feature.modified_residue_id_linking_atom 
_pdbx_modification_feature.modified_residue_id 
_pdbx_modification_feature.ref_pcm_id 
_pdbx_modification_feature.ref_comp_id 
_pdbx_modification_feature.type 
_pdbx_modification_feature.category 
1 NAG B .   ? ASN A 19  ? NAG A 1188 ? 1_555 ASN A 19  ? 1_555 C1 ND2 ASN 1 NAG N-Glycosylation Carbohydrate       
2 CYS A 48  ? CYS A 93  ? CYS A 48   ? 1_555 CYS A 93  ? 1_555 SG SG  .   . .   None            'Disulfide bridge' 
3 CYS A 142 ? CYS A 158 ? CYS A 142  ? 1_555 CYS A 158 ? 1_555 SG SG  .   . .   None            'Disulfide bridge' 
4 CYS A 149 ? CYS A 152 ? CYS A 149  ? 1_555 CYS A 152 ? 1_555 SG SG  .   . .   None            'Disulfide bridge' 
# 
loop_
_struct_sheet.id 
_struct_sheet.type 
_struct_sheet.number_strands 
_struct_sheet.details 
AA ? 2 ? 
AB ? 6 ? 
AC ? 2 ? 
AD ? 2 ? 
# 
loop_
_struct_sheet_order.sheet_id 
_struct_sheet_order.range_id_1 
_struct_sheet_order.range_id_2 
_struct_sheet_order.offset 
_struct_sheet_order.sense 
AA 1 2 ? anti-parallel 
AB 1 2 ? anti-parallel 
AB 2 3 ? anti-parallel 
AB 3 4 ? anti-parallel 
AB 4 5 ? anti-parallel 
AB 5 6 ? anti-parallel 
AC 1 2 ? anti-parallel 
AD 1 2 ? anti-parallel 
# 
loop_
_struct_sheet_range.sheet_id 
_struct_sheet_range.id 
_struct_sheet_range.beg_label_comp_id 
_struct_sheet_range.beg_label_asym_id 
_struct_sheet_range.beg_label_seq_id 
_struct_sheet_range.pdbx_beg_PDB_ins_code 
_struct_sheet_range.end_label_comp_id 
_struct_sheet_range.end_label_asym_id 
_struct_sheet_range.end_label_seq_id 
_struct_sheet_range.pdbx_end_PDB_ins_code 
_struct_sheet_range.beg_auth_comp_id 
_struct_sheet_range.beg_auth_asym_id 
_struct_sheet_range.beg_auth_seq_id 
_struct_sheet_range.end_auth_comp_id 
_struct_sheet_range.end_auth_asym_id 
_struct_sheet_range.end_auth_seq_id 
AA 1 TYR A 22  ? SER A 26  ? TYR A 22  SER A 26  
AA 2 VAL A 182 ? GLU A 186 ? VAL A 182 GLU A 186 
AB 1 VAL A 36  ? GLY A 39  ? VAL A 36  GLY A 39  
AB 2 GLY A 51  ? ARG A 54  ? GLY A 51  ARG A 54  
AB 3 LYS A 169 ? VAL A 175 ? LYS A 169 VAL A 175 
AB 4 ALA A 159 ? GLN A 166 ? ALA A 159 GLN A 166 
AB 5 TYR A 137 ? SER A 141 ? TYR A 137 SER A 141 
AB 6 PHE A 127 ? LYS A 131 ? PHE A 127 LYS A 131 
AC 1 VAL A 66  ? PRO A 70  ? VAL A 66  PRO A 70  
AC 2 LEU A 81  ? PHE A 85  ? LEU A 81  PHE A 85  
AD 1 TRP A 99  ? ASN A 105 ? TRP A 99  ASN A 105 
AD 2 THR A 110 ? THR A 115 ? THR A 110 THR A 115 
# 
loop_
_pdbx_struct_sheet_hbond.sheet_id 
_pdbx_struct_sheet_hbond.range_id_1 
_pdbx_struct_sheet_hbond.range_id_2 
_pdbx_struct_sheet_hbond.range_1_label_atom_id 
_pdbx_struct_sheet_hbond.range_1_label_comp_id 
_pdbx_struct_sheet_hbond.range_1_label_asym_id 
_pdbx_struct_sheet_hbond.range_1_label_seq_id 
_pdbx_struct_sheet_hbond.range_1_PDB_ins_code 
_pdbx_struct_sheet_hbond.range_1_auth_atom_id 
_pdbx_struct_sheet_hbond.range_1_auth_comp_id 
_pdbx_struct_sheet_hbond.range_1_auth_asym_id 
_pdbx_struct_sheet_hbond.range_1_auth_seq_id 
_pdbx_struct_sheet_hbond.range_2_label_atom_id 
_pdbx_struct_sheet_hbond.range_2_label_comp_id 
_pdbx_struct_sheet_hbond.range_2_label_asym_id 
_pdbx_struct_sheet_hbond.range_2_label_seq_id 
_pdbx_struct_sheet_hbond.range_2_PDB_ins_code 
_pdbx_struct_sheet_hbond.range_2_auth_atom_id 
_pdbx_struct_sheet_hbond.range_2_auth_comp_id 
_pdbx_struct_sheet_hbond.range_2_auth_asym_id 
_pdbx_struct_sheet_hbond.range_2_auth_seq_id 
AA 1 2 N ILE A 25  ? N ILE A 25  O LEU A 183 ? O LEU A 183 
AB 1 2 N GLY A 39  ? N GLY A 39  O GLY A 51  ? O GLY A 51  
AB 2 3 N ARG A 54  ? N ARG A 54  O ARG A 170 ? O ARG A 170 
AB 3 4 N VAL A 175 ? N VAL A 175 O LYS A 160 ? O LYS A 160 
AB 4 5 N VAL A 161 ? N VAL A 161 O LEU A 139 ? O LEU A 139 
AB 5 6 N LEU A 140 ? N LEU A 140 O LYS A 128 ? O LYS A 128 
AC 1 2 N ILE A 69  ? N ILE A 69  O ASN A 82  ? O ASN A 82  
AD 1 2 N ASN A 105 ? N ASN A 105 O THR A 110 ? O THR A 110 
# 
_pdbx_entry_details.entry_id                   5G00 
_pdbx_entry_details.compound_details           ? 
_pdbx_entry_details.source_details             ? 
_pdbx_entry_details.nonpolymer_details         ? 
_pdbx_entry_details.sequence_details           ? 
_pdbx_entry_details.has_ligand_of_interest     ? 
_pdbx_entry_details.has_protein_modification   Y 
# 
loop_
_pdbx_validate_close_contact.id 
_pdbx_validate_close_contact.PDB_model_num 
_pdbx_validate_close_contact.auth_atom_id_1 
_pdbx_validate_close_contact.auth_asym_id_1 
_pdbx_validate_close_contact.auth_comp_id_1 
_pdbx_validate_close_contact.auth_seq_id_1 
_pdbx_validate_close_contact.PDB_ins_code_1 
_pdbx_validate_close_contact.label_alt_id_1 
_pdbx_validate_close_contact.auth_atom_id_2 
_pdbx_validate_close_contact.auth_asym_id_2 
_pdbx_validate_close_contact.auth_comp_id_2 
_pdbx_validate_close_contact.auth_seq_id_2 
_pdbx_validate_close_contact.PDB_ins_code_2 
_pdbx_validate_close_contact.label_alt_id_2 
_pdbx_validate_close_contact.dist 
1 1 O   A ASP 181 ? ? O A HOH 2006 ? ? 1.71 
2 1 OE2 A GLU 77  ? ? O A HOH 2001 ? ? 2.16 
3 1 N   A ILE 27  ? ? O A HOH 2006 ? ? 2.19 
# 
loop_
_pdbx_validate_torsion.id 
_pdbx_validate_torsion.PDB_model_num 
_pdbx_validate_torsion.auth_comp_id 
_pdbx_validate_torsion.auth_asym_id 
_pdbx_validate_torsion.auth_seq_id 
_pdbx_validate_torsion.PDB_ins_code 
_pdbx_validate_torsion.label_alt_id 
_pdbx_validate_torsion.phi 
_pdbx_validate_torsion.psi 
1 1 LEU A 32  ? ? -67.00  4.08    
2 1 SER A 72  ? ? -78.58  -163.37 
3 1 ASN A 86  ? ? -106.37 77.20   
4 1 TYR A 96  ? ? -79.36  42.06   
5 1 ASP A 123 ? ? -147.08 -127.35 
6 1 LYS A 134 ? ? -113.26 -88.59  
7 1 CYS A 142 ? ? -113.18 77.27   
8 1 ARG A 151 ? ? 59.81   15.46   
# 
loop_
_pdbx_validate_chiral.id 
_pdbx_validate_chiral.PDB_model_num 
_pdbx_validate_chiral.auth_atom_id 
_pdbx_validate_chiral.label_alt_id 
_pdbx_validate_chiral.auth_asym_id 
_pdbx_validate_chiral.auth_comp_id 
_pdbx_validate_chiral.auth_seq_id 
_pdbx_validate_chiral.PDB_ins_code 
_pdbx_validate_chiral.details 
_pdbx_validate_chiral.omega 
1 1 C2 ? A NAG 1188 ? 'WRONG HAND' . 
2 1 C3 ? A NAG 1188 ? 'WRONG HAND' . 
# 
_pdbx_struct_mod_residue.id               1 
_pdbx_struct_mod_residue.label_asym_id    A 
_pdbx_struct_mod_residue.label_comp_id    ASN 
_pdbx_struct_mod_residue.label_seq_id     19 
_pdbx_struct_mod_residue.auth_asym_id     A 
_pdbx_struct_mod_residue.auth_comp_id     ASN 
_pdbx_struct_mod_residue.auth_seq_id      19 
_pdbx_struct_mod_residue.PDB_ins_code     ? 
_pdbx_struct_mod_residue.parent_comp_id   ASN 
_pdbx_struct_mod_residue.details          'GLYCOSYLATION SITE' 
# 
loop_
_pdbx_unobs_or_zero_occ_residues.id 
_pdbx_unobs_or_zero_occ_residues.PDB_model_num 
_pdbx_unobs_or_zero_occ_residues.polymer_flag 
_pdbx_unobs_or_zero_occ_residues.occupancy_flag 
_pdbx_unobs_or_zero_occ_residues.auth_asym_id 
_pdbx_unobs_or_zero_occ_residues.auth_comp_id 
_pdbx_unobs_or_zero_occ_residues.auth_seq_id 
_pdbx_unobs_or_zero_occ_residues.PDB_ins_code 
_pdbx_unobs_or_zero_occ_residues.label_asym_id 
_pdbx_unobs_or_zero_occ_residues.label_comp_id 
_pdbx_unobs_or_zero_occ_residues.label_seq_id 
1 1 Y 1 A GLU 1 ? A GLU 1 
2 1 Y 1 A SER 2 ? A SER 2 
# 
loop_
_chem_comp_atom.comp_id 
_chem_comp_atom.atom_id 
_chem_comp_atom.type_symbol 
_chem_comp_atom.pdbx_aromatic_flag 
_chem_comp_atom.pdbx_stereo_config 
_chem_comp_atom.pdbx_ordinal 
ALA N    N N N 1   
ALA CA   C N S 2   
ALA C    C N N 3   
ALA O    O N N 4   
ALA CB   C N N 5   
ALA OXT  O N N 6   
ALA H    H N N 7   
ALA H2   H N N 8   
ALA HA   H N N 9   
ALA HB1  H N N 10  
ALA HB2  H N N 11  
ALA HB3  H N N 12  
ALA HXT  H N N 13  
ARG N    N N N 14  
ARG CA   C N S 15  
ARG C    C N N 16  
ARG O    O N N 17  
ARG CB   C N N 18  
ARG CG   C N N 19  
ARG CD   C N N 20  
ARG NE   N N N 21  
ARG CZ   C N N 22  
ARG NH1  N N N 23  
ARG NH2  N N N 24  
ARG OXT  O N N 25  
ARG H    H N N 26  
ARG H2   H N N 27  
ARG HA   H N N 28  
ARG HB2  H N N 29  
ARG HB3  H N N 30  
ARG HG2  H N N 31  
ARG HG3  H N N 32  
ARG HD2  H N N 33  
ARG HD3  H N N 34  
ARG HE   H N N 35  
ARG HH11 H N N 36  
ARG HH12 H N N 37  
ARG HH21 H N N 38  
ARG HH22 H N N 39  
ARG HXT  H N N 40  
ASN N    N N N 41  
ASN CA   C N S 42  
ASN C    C N N 43  
ASN O    O N N 44  
ASN CB   C N N 45  
ASN CG   C N N 46  
ASN OD1  O N N 47  
ASN ND2  N N N 48  
ASN OXT  O N N 49  
ASN H    H N N 50  
ASN H2   H N N 51  
ASN HA   H N N 52  
ASN HB2  H N N 53  
ASN HB3  H N N 54  
ASN HD21 H N N 55  
ASN HD22 H N N 56  
ASN HXT  H N N 57  
ASP N    N N N 58  
ASP CA   C N S 59  
ASP C    C N N 60  
ASP O    O N N 61  
ASP CB   C N N 62  
ASP CG   C N N 63  
ASP OD1  O N N 64  
ASP OD2  O N N 65  
ASP OXT  O N N 66  
ASP H    H N N 67  
ASP H2   H N N 68  
ASP HA   H N N 69  
ASP HB2  H N N 70  
ASP HB3  H N N 71  
ASP HD2  H N N 72  
ASP HXT  H N N 73  
CYS N    N N N 74  
CYS CA   C N R 75  
CYS C    C N N 76  
CYS O    O N N 77  
CYS CB   C N N 78  
CYS SG   S N N 79  
CYS OXT  O N N 80  
CYS H    H N N 81  
CYS H2   H N N 82  
CYS HA   H N N 83  
CYS HB2  H N N 84  
CYS HB3  H N N 85  
CYS HG   H N N 86  
CYS HXT  H N N 87  
GLN N    N N N 88  
GLN CA   C N S 89  
GLN C    C N N 90  
GLN O    O N N 91  
GLN CB   C N N 92  
GLN CG   C N N 93  
GLN CD   C N N 94  
GLN OE1  O N N 95  
GLN NE2  N N N 96  
GLN OXT  O N N 97  
GLN H    H N N 98  
GLN H2   H N N 99  
GLN HA   H N N 100 
GLN HB2  H N N 101 
GLN HB3  H N N 102 
GLN HG2  H N N 103 
GLN HG3  H N N 104 
GLN HE21 H N N 105 
GLN HE22 H N N 106 
GLN HXT  H N N 107 
GLU N    N N N 108 
GLU CA   C N S 109 
GLU C    C N N 110 
GLU O    O N N 111 
GLU CB   C N N 112 
GLU CG   C N N 113 
GLU CD   C N N 114 
GLU OE1  O N N 115 
GLU OE2  O N N 116 
GLU OXT  O N N 117 
GLU H    H N N 118 
GLU H2   H N N 119 
GLU HA   H N N 120 
GLU HB2  H N N 121 
GLU HB3  H N N 122 
GLU HG2  H N N 123 
GLU HG3  H N N 124 
GLU HE2  H N N 125 
GLU HXT  H N N 126 
GLY N    N N N 127 
GLY CA   C N N 128 
GLY C    C N N 129 
GLY O    O N N 130 
GLY OXT  O N N 131 
GLY H    H N N 132 
GLY H2   H N N 133 
GLY HA2  H N N 134 
GLY HA3  H N N 135 
GLY HXT  H N N 136 
HOH O    O N N 137 
HOH H1   H N N 138 
HOH H2   H N N 139 
ILE N    N N N 140 
ILE CA   C N S 141 
ILE C    C N N 142 
ILE O    O N N 143 
ILE CB   C N S 144 
ILE CG1  C N N 145 
ILE CG2  C N N 146 
ILE CD1  C N N 147 
ILE OXT  O N N 148 
ILE H    H N N 149 
ILE H2   H N N 150 
ILE HA   H N N 151 
ILE HB   H N N 152 
ILE HG12 H N N 153 
ILE HG13 H N N 154 
ILE HG21 H N N 155 
ILE HG22 H N N 156 
ILE HG23 H N N 157 
ILE HD11 H N N 158 
ILE HD12 H N N 159 
ILE HD13 H N N 160 
ILE HXT  H N N 161 
LEU N    N N N 162 
LEU CA   C N S 163 
LEU C    C N N 164 
LEU O    O N N 165 
LEU CB   C N N 166 
LEU CG   C N N 167 
LEU CD1  C N N 168 
LEU CD2  C N N 169 
LEU OXT  O N N 170 
LEU H    H N N 171 
LEU H2   H N N 172 
LEU HA   H N N 173 
LEU HB2  H N N 174 
LEU HB3  H N N 175 
LEU HG   H N N 176 
LEU HD11 H N N 177 
LEU HD12 H N N 178 
LEU HD13 H N N 179 
LEU HD21 H N N 180 
LEU HD22 H N N 181 
LEU HD23 H N N 182 
LEU HXT  H N N 183 
LYS N    N N N 184 
LYS CA   C N S 185 
LYS C    C N N 186 
LYS O    O N N 187 
LYS CB   C N N 188 
LYS CG   C N N 189 
LYS CD   C N N 190 
LYS CE   C N N 191 
LYS NZ   N N N 192 
LYS OXT  O N N 193 
LYS H    H N N 194 
LYS H2   H N N 195 
LYS HA   H N N 196 
LYS HB2  H N N 197 
LYS HB3  H N N 198 
LYS HG2  H N N 199 
LYS HG3  H N N 200 
LYS HD2  H N N 201 
LYS HD3  H N N 202 
LYS HE2  H N N 203 
LYS HE3  H N N 204 
LYS HZ1  H N N 205 
LYS HZ2  H N N 206 
LYS HZ3  H N N 207 
LYS HXT  H N N 208 
MET N    N N N 209 
MET CA   C N S 210 
MET C    C N N 211 
MET O    O N N 212 
MET CB   C N N 213 
MET CG   C N N 214 
MET SD   S N N 215 
MET CE   C N N 216 
MET OXT  O N N 217 
MET H    H N N 218 
MET H2   H N N 219 
MET HA   H N N 220 
MET HB2  H N N 221 
MET HB3  H N N 222 
MET HG2  H N N 223 
MET HG3  H N N 224 
MET HE1  H N N 225 
MET HE2  H N N 226 
MET HE3  H N N 227 
MET HXT  H N N 228 
NAG C1   C N R 229 
NAG C2   C N R 230 
NAG C3   C N R 231 
NAG C4   C N S 232 
NAG C5   C N R 233 
NAG C6   C N N 234 
NAG C7   C N N 235 
NAG C8   C N N 236 
NAG N2   N N N 237 
NAG O1   O N N 238 
NAG O3   O N N 239 
NAG O4   O N N 240 
NAG O5   O N N 241 
NAG O6   O N N 242 
NAG O7   O N N 243 
NAG H1   H N N 244 
NAG H2   H N N 245 
NAG H3   H N N 246 
NAG H4   H N N 247 
NAG H5   H N N 248 
NAG H61  H N N 249 
NAG H62  H N N 250 
NAG H81  H N N 251 
NAG H82  H N N 252 
NAG H83  H N N 253 
NAG HN2  H N N 254 
NAG HO1  H N N 255 
NAG HO3  H N N 256 
NAG HO4  H N N 257 
NAG HO6  H N N 258 
PHE N    N N N 259 
PHE CA   C N S 260 
PHE C    C N N 261 
PHE O    O N N 262 
PHE CB   C N N 263 
PHE CG   C Y N 264 
PHE CD1  C Y N 265 
PHE CD2  C Y N 266 
PHE CE1  C Y N 267 
PHE CE2  C Y N 268 
PHE CZ   C Y N 269 
PHE OXT  O N N 270 
PHE H    H N N 271 
PHE H2   H N N 272 
PHE HA   H N N 273 
PHE HB2  H N N 274 
PHE HB3  H N N 275 
PHE HD1  H N N 276 
PHE HD2  H N N 277 
PHE HE1  H N N 278 
PHE HE2  H N N 279 
PHE HZ   H N N 280 
PHE HXT  H N N 281 
PRO N    N N N 282 
PRO CA   C N S 283 
PRO C    C N N 284 
PRO O    O N N 285 
PRO CB   C N N 286 
PRO CG   C N N 287 
PRO CD   C N N 288 
PRO OXT  O N N 289 
PRO H    H N N 290 
PRO HA   H N N 291 
PRO HB2  H N N 292 
PRO HB3  H N N 293 
PRO HG2  H N N 294 
PRO HG3  H N N 295 
PRO HD2  H N N 296 
PRO HD3  H N N 297 
PRO HXT  H N N 298 
SER N    N N N 299 
SER CA   C N S 300 
SER C    C N N 301 
SER O    O N N 302 
SER CB   C N N 303 
SER OG   O N N 304 
SER OXT  O N N 305 
SER H    H N N 306 
SER H2   H N N 307 
SER HA   H N N 308 
SER HB2  H N N 309 
SER HB3  H N N 310 
SER HG   H N N 311 
SER HXT  H N N 312 
THR N    N N N 313 
THR CA   C N S 314 
THR C    C N N 315 
THR O    O N N 316 
THR CB   C N R 317 
THR OG1  O N N 318 
THR CG2  C N N 319 
THR OXT  O N N 320 
THR H    H N N 321 
THR H2   H N N 322 
THR HA   H N N 323 
THR HB   H N N 324 
THR HG1  H N N 325 
THR HG21 H N N 326 
THR HG22 H N N 327 
THR HG23 H N N 328 
THR HXT  H N N 329 
TRP N    N N N 330 
TRP CA   C N S 331 
TRP C    C N N 332 
TRP O    O N N 333 
TRP CB   C N N 334 
TRP CG   C Y N 335 
TRP CD1  C Y N 336 
TRP CD2  C Y N 337 
TRP NE1  N Y N 338 
TRP CE2  C Y N 339 
TRP CE3  C Y N 340 
TRP CZ2  C Y N 341 
TRP CZ3  C Y N 342 
TRP CH2  C Y N 343 
TRP OXT  O N N 344 
TRP H    H N N 345 
TRP H2   H N N 346 
TRP HA   H N N 347 
TRP HB2  H N N 348 
TRP HB3  H N N 349 
TRP HD1  H N N 350 
TRP HE1  H N N 351 
TRP HE3  H N N 352 
TRP HZ2  H N N 353 
TRP HZ3  H N N 354 
TRP HH2  H N N 355 
TRP HXT  H N N 356 
TYR N    N N N 357 
TYR CA   C N S 358 
TYR C    C N N 359 
TYR O    O N N 360 
TYR CB   C N N 361 
TYR CG   C Y N 362 
TYR CD1  C Y N 363 
TYR CD2  C Y N 364 
TYR CE1  C Y N 365 
TYR CE2  C Y N 366 
TYR CZ   C Y N 367 
TYR OH   O N N 368 
TYR OXT  O N N 369 
TYR H    H N N 370 
TYR H2   H N N 371 
TYR HA   H N N 372 
TYR HB2  H N N 373 
TYR HB3  H N N 374 
TYR HD1  H N N 375 
TYR HD2  H N N 376 
TYR HE1  H N N 377 
TYR HE2  H N N 378 
TYR HH   H N N 379 
TYR HXT  H N N 380 
VAL N    N N N 381 
VAL CA   C N S 382 
VAL C    C N N 383 
VAL O    O N N 384 
VAL CB   C N N 385 
VAL CG1  C N N 386 
VAL CG2  C N N 387 
VAL OXT  O N N 388 
VAL H    H N N 389 
VAL H2   H N N 390 
VAL HA   H N N 391 
VAL HB   H N N 392 
VAL HG11 H N N 393 
VAL HG12 H N N 394 
VAL HG13 H N N 395 
VAL HG21 H N N 396 
VAL HG22 H N N 397 
VAL HG23 H N N 398 
VAL HXT  H N N 399 
# 
loop_
_chem_comp_bond.comp_id 
_chem_comp_bond.atom_id_1 
_chem_comp_bond.atom_id_2 
_chem_comp_bond.value_order 
_chem_comp_bond.pdbx_aromatic_flag 
_chem_comp_bond.pdbx_stereo_config 
_chem_comp_bond.pdbx_ordinal 
ALA N   CA   sing N N 1   
ALA N   H    sing N N 2   
ALA N   H2   sing N N 3   
ALA CA  C    sing N N 4   
ALA CA  CB   sing N N 5   
ALA CA  HA   sing N N 6   
ALA C   O    doub N N 7   
ALA C   OXT  sing N N 8   
ALA CB  HB1  sing N N 9   
ALA CB  HB2  sing N N 10  
ALA CB  HB3  sing N N 11  
ALA OXT HXT  sing N N 12  
ARG N   CA   sing N N 13  
ARG N   H    sing N N 14  
ARG N   H2   sing N N 15  
ARG CA  C    sing N N 16  
ARG CA  CB   sing N N 17  
ARG CA  HA   sing N N 18  
ARG C   O    doub N N 19  
ARG C   OXT  sing N N 20  
ARG CB  CG   sing N N 21  
ARG CB  HB2  sing N N 22  
ARG CB  HB3  sing N N 23  
ARG CG  CD   sing N N 24  
ARG CG  HG2  sing N N 25  
ARG CG  HG3  sing N N 26  
ARG CD  NE   sing N N 27  
ARG CD  HD2  sing N N 28  
ARG CD  HD3  sing N N 29  
ARG NE  CZ   sing N N 30  
ARG NE  HE   sing N N 31  
ARG CZ  NH1  sing N N 32  
ARG CZ  NH2  doub N N 33  
ARG NH1 HH11 sing N N 34  
ARG NH1 HH12 sing N N 35  
ARG NH2 HH21 sing N N 36  
ARG NH2 HH22 sing N N 37  
ARG OXT HXT  sing N N 38  
ASN N   CA   sing N N 39  
ASN N   H    sing N N 40  
ASN N   H2   sing N N 41  
ASN CA  C    sing N N 42  
ASN CA  CB   sing N N 43  
ASN CA  HA   sing N N 44  
ASN C   O    doub N N 45  
ASN C   OXT  sing N N 46  
ASN CB  CG   sing N N 47  
ASN CB  HB2  sing N N 48  
ASN CB  HB3  sing N N 49  
ASN CG  OD1  doub N N 50  
ASN CG  ND2  sing N N 51  
ASN ND2 HD21 sing N N 52  
ASN ND2 HD22 sing N N 53  
ASN OXT HXT  sing N N 54  
ASP N   CA   sing N N 55  
ASP N   H    sing N N 56  
ASP N   H2   sing N N 57  
ASP CA  C    sing N N 58  
ASP CA  CB   sing N N 59  
ASP CA  HA   sing N N 60  
ASP C   O    doub N N 61  
ASP C   OXT  sing N N 62  
ASP CB  CG   sing N N 63  
ASP CB  HB2  sing N N 64  
ASP CB  HB3  sing N N 65  
ASP CG  OD1  doub N N 66  
ASP CG  OD2  sing N N 67  
ASP OD2 HD2  sing N N 68  
ASP OXT HXT  sing N N 69  
CYS N   CA   sing N N 70  
CYS N   H    sing N N 71  
CYS N   H2   sing N N 72  
CYS CA  C    sing N N 73  
CYS CA  CB   sing N N 74  
CYS CA  HA   sing N N 75  
CYS C   O    doub N N 76  
CYS C   OXT  sing N N 77  
CYS CB  SG   sing N N 78  
CYS CB  HB2  sing N N 79  
CYS CB  HB3  sing N N 80  
CYS SG  HG   sing N N 81  
CYS OXT HXT  sing N N 82  
GLN N   CA   sing N N 83  
GLN N   H    sing N N 84  
GLN N   H2   sing N N 85  
GLN CA  C    sing N N 86  
GLN CA  CB   sing N N 87  
GLN CA  HA   sing N N 88  
GLN C   O    doub N N 89  
GLN C   OXT  sing N N 90  
GLN CB  CG   sing N N 91  
GLN CB  HB2  sing N N 92  
GLN CB  HB3  sing N N 93  
GLN CG  CD   sing N N 94  
GLN CG  HG2  sing N N 95  
GLN CG  HG3  sing N N 96  
GLN CD  OE1  doub N N 97  
GLN CD  NE2  sing N N 98  
GLN NE2 HE21 sing N N 99  
GLN NE2 HE22 sing N N 100 
GLN OXT HXT  sing N N 101 
GLU N   CA   sing N N 102 
GLU N   H    sing N N 103 
GLU N   H2   sing N N 104 
GLU CA  C    sing N N 105 
GLU CA  CB   sing N N 106 
GLU CA  HA   sing N N 107 
GLU C   O    doub N N 108 
GLU C   OXT  sing N N 109 
GLU CB  CG   sing N N 110 
GLU CB  HB2  sing N N 111 
GLU CB  HB3  sing N N 112 
GLU CG  CD   sing N N 113 
GLU CG  HG2  sing N N 114 
GLU CG  HG3  sing N N 115 
GLU CD  OE1  doub N N 116 
GLU CD  OE2  sing N N 117 
GLU OE2 HE2  sing N N 118 
GLU OXT HXT  sing N N 119 
GLY N   CA   sing N N 120 
GLY N   H    sing N N 121 
GLY N   H2   sing N N 122 
GLY CA  C    sing N N 123 
GLY CA  HA2  sing N N 124 
GLY CA  HA3  sing N N 125 
GLY C   O    doub N N 126 
GLY C   OXT  sing N N 127 
GLY OXT HXT  sing N N 128 
HOH O   H1   sing N N 129 
HOH O   H2   sing N N 130 
ILE N   CA   sing N N 131 
ILE N   H    sing N N 132 
ILE N   H2   sing N N 133 
ILE CA  C    sing N N 134 
ILE CA  CB   sing N N 135 
ILE CA  HA   sing N N 136 
ILE C   O    doub N N 137 
ILE C   OXT  sing N N 138 
ILE CB  CG1  sing N N 139 
ILE CB  CG2  sing N N 140 
ILE CB  HB   sing N N 141 
ILE CG1 CD1  sing N N 142 
ILE CG1 HG12 sing N N 143 
ILE CG1 HG13 sing N N 144 
ILE CG2 HG21 sing N N 145 
ILE CG2 HG22 sing N N 146 
ILE CG2 HG23 sing N N 147 
ILE CD1 HD11 sing N N 148 
ILE CD1 HD12 sing N N 149 
ILE CD1 HD13 sing N N 150 
ILE OXT HXT  sing N N 151 
LEU N   CA   sing N N 152 
LEU N   H    sing N N 153 
LEU N   H2   sing N N 154 
LEU CA  C    sing N N 155 
LEU CA  CB   sing N N 156 
LEU CA  HA   sing N N 157 
LEU C   O    doub N N 158 
LEU C   OXT  sing N N 159 
LEU CB  CG   sing N N 160 
LEU CB  HB2  sing N N 161 
LEU CB  HB3  sing N N 162 
LEU CG  CD1  sing N N 163 
LEU CG  CD2  sing N N 164 
LEU CG  HG   sing N N 165 
LEU CD1 HD11 sing N N 166 
LEU CD1 HD12 sing N N 167 
LEU CD1 HD13 sing N N 168 
LEU CD2 HD21 sing N N 169 
LEU CD2 HD22 sing N N 170 
LEU CD2 HD23 sing N N 171 
LEU OXT HXT  sing N N 172 
LYS N   CA   sing N N 173 
LYS N   H    sing N N 174 
LYS N   H2   sing N N 175 
LYS CA  C    sing N N 176 
LYS CA  CB   sing N N 177 
LYS CA  HA   sing N N 178 
LYS C   O    doub N N 179 
LYS C   OXT  sing N N 180 
LYS CB  CG   sing N N 181 
LYS CB  HB2  sing N N 182 
LYS CB  HB3  sing N N 183 
LYS CG  CD   sing N N 184 
LYS CG  HG2  sing N N 185 
LYS CG  HG3  sing N N 186 
LYS CD  CE   sing N N 187 
LYS CD  HD2  sing N N 188 
LYS CD  HD3  sing N N 189 
LYS CE  NZ   sing N N 190 
LYS CE  HE2  sing N N 191 
LYS CE  HE3  sing N N 192 
LYS NZ  HZ1  sing N N 193 
LYS NZ  HZ2  sing N N 194 
LYS NZ  HZ3  sing N N 195 
LYS OXT HXT  sing N N 196 
MET N   CA   sing N N 197 
MET N   H    sing N N 198 
MET N   H2   sing N N 199 
MET CA  C    sing N N 200 
MET CA  CB   sing N N 201 
MET CA  HA   sing N N 202 
MET C   O    doub N N 203 
MET C   OXT  sing N N 204 
MET CB  CG   sing N N 205 
MET CB  HB2  sing N N 206 
MET CB  HB3  sing N N 207 
MET CG  SD   sing N N 208 
MET CG  HG2  sing N N 209 
MET CG  HG3  sing N N 210 
MET SD  CE   sing N N 211 
MET CE  HE1  sing N N 212 
MET CE  HE2  sing N N 213 
MET CE  HE3  sing N N 214 
MET OXT HXT  sing N N 215 
NAG C1  C2   sing N N 216 
NAG C1  O1   sing N N 217 
NAG C1  O5   sing N N 218 
NAG C1  H1   sing N N 219 
NAG C2  C3   sing N N 220 
NAG C2  N2   sing N N 221 
NAG C2  H2   sing N N 222 
NAG C3  C4   sing N N 223 
NAG C3  O3   sing N N 224 
NAG C3  H3   sing N N 225 
NAG C4  C5   sing N N 226 
NAG C4  O4   sing N N 227 
NAG C4  H4   sing N N 228 
NAG C5  C6   sing N N 229 
NAG C5  O5   sing N N 230 
NAG C5  H5   sing N N 231 
NAG C6  O6   sing N N 232 
NAG C6  H61  sing N N 233 
NAG C6  H62  sing N N 234 
NAG C7  C8   sing N N 235 
NAG C7  N2   sing N N 236 
NAG C7  O7   doub N N 237 
NAG C8  H81  sing N N 238 
NAG C8  H82  sing N N 239 
NAG C8  H83  sing N N 240 
NAG N2  HN2  sing N N 241 
NAG O1  HO1  sing N N 242 
NAG O3  HO3  sing N N 243 
NAG O4  HO4  sing N N 244 
NAG O6  HO6  sing N N 245 
PHE N   CA   sing N N 246 
PHE N   H    sing N N 247 
PHE N   H2   sing N N 248 
PHE CA  C    sing N N 249 
PHE CA  CB   sing N N 250 
PHE CA  HA   sing N N 251 
PHE C   O    doub N N 252 
PHE C   OXT  sing N N 253 
PHE CB  CG   sing N N 254 
PHE CB  HB2  sing N N 255 
PHE CB  HB3  sing N N 256 
PHE CG  CD1  doub Y N 257 
PHE CG  CD2  sing Y N 258 
PHE CD1 CE1  sing Y N 259 
PHE CD1 HD1  sing N N 260 
PHE CD2 CE2  doub Y N 261 
PHE CD2 HD2  sing N N 262 
PHE CE1 CZ   doub Y N 263 
PHE CE1 HE1  sing N N 264 
PHE CE2 CZ   sing Y N 265 
PHE CE2 HE2  sing N N 266 
PHE CZ  HZ   sing N N 267 
PHE OXT HXT  sing N N 268 
PRO N   CA   sing N N 269 
PRO N   CD   sing N N 270 
PRO N   H    sing N N 271 
PRO CA  C    sing N N 272 
PRO CA  CB   sing N N 273 
PRO CA  HA   sing N N 274 
PRO C   O    doub N N 275 
PRO C   OXT  sing N N 276 
PRO CB  CG   sing N N 277 
PRO CB  HB2  sing N N 278 
PRO CB  HB3  sing N N 279 
PRO CG  CD   sing N N 280 
PRO CG  HG2  sing N N 281 
PRO CG  HG3  sing N N 282 
PRO CD  HD2  sing N N 283 
PRO CD  HD3  sing N N 284 
PRO OXT HXT  sing N N 285 
SER N   CA   sing N N 286 
SER N   H    sing N N 287 
SER N   H2   sing N N 288 
SER CA  C    sing N N 289 
SER CA  CB   sing N N 290 
SER CA  HA   sing N N 291 
SER C   O    doub N N 292 
SER C   OXT  sing N N 293 
SER CB  OG   sing N N 294 
SER CB  HB2  sing N N 295 
SER CB  HB3  sing N N 296 
SER OG  HG   sing N N 297 
SER OXT HXT  sing N N 298 
THR N   CA   sing N N 299 
THR N   H    sing N N 300 
THR N   H2   sing N N 301 
THR CA  C    sing N N 302 
THR CA  CB   sing N N 303 
THR CA  HA   sing N N 304 
THR C   O    doub N N 305 
THR C   OXT  sing N N 306 
THR CB  OG1  sing N N 307 
THR CB  CG2  sing N N 308 
THR CB  HB   sing N N 309 
THR OG1 HG1  sing N N 310 
THR CG2 HG21 sing N N 311 
THR CG2 HG22 sing N N 312 
THR CG2 HG23 sing N N 313 
THR OXT HXT  sing N N 314 
TRP N   CA   sing N N 315 
TRP N   H    sing N N 316 
TRP N   H2   sing N N 317 
TRP CA  C    sing N N 318 
TRP CA  CB   sing N N 319 
TRP CA  HA   sing N N 320 
TRP C   O    doub N N 321 
TRP C   OXT  sing N N 322 
TRP CB  CG   sing N N 323 
TRP CB  HB2  sing N N 324 
TRP CB  HB3  sing N N 325 
TRP CG  CD1  doub Y N 326 
TRP CG  CD2  sing Y N 327 
TRP CD1 NE1  sing Y N 328 
TRP CD1 HD1  sing N N 329 
TRP CD2 CE2  doub Y N 330 
TRP CD2 CE3  sing Y N 331 
TRP NE1 CE2  sing Y N 332 
TRP NE1 HE1  sing N N 333 
TRP CE2 CZ2  sing Y N 334 
TRP CE3 CZ3  doub Y N 335 
TRP CE3 HE3  sing N N 336 
TRP CZ2 CH2  doub Y N 337 
TRP CZ2 HZ2  sing N N 338 
TRP CZ3 CH2  sing Y N 339 
TRP CZ3 HZ3  sing N N 340 
TRP CH2 HH2  sing N N 341 
TRP OXT HXT  sing N N 342 
TYR N   CA   sing N N 343 
TYR N   H    sing N N 344 
TYR N   H2   sing N N 345 
TYR CA  C    sing N N 346 
TYR CA  CB   sing N N 347 
TYR CA  HA   sing N N 348 
TYR C   O    doub N N 349 
TYR C   OXT  sing N N 350 
TYR CB  CG   sing N N 351 
TYR CB  HB2  sing N N 352 
TYR CB  HB3  sing N N 353 
TYR CG  CD1  doub Y N 354 
TYR CG  CD2  sing Y N 355 
TYR CD1 CE1  sing Y N 356 
TYR CD1 HD1  sing N N 357 
TYR CD2 CE2  doub Y N 358 
TYR CD2 HD2  sing N N 359 
TYR CE1 CZ   doub Y N 360 
TYR CE1 HE1  sing N N 361 
TYR CE2 CZ   sing Y N 362 
TYR CE2 HE2  sing N N 363 
TYR CZ  OH   sing N N 364 
TYR OH  HH   sing N N 365 
TYR OXT HXT  sing N N 366 
VAL N   CA   sing N N 367 
VAL N   H    sing N N 368 
VAL N   H2   sing N N 369 
VAL CA  C    sing N N 370 
VAL CA  CB   sing N N 371 
VAL CA  HA   sing N N 372 
VAL C   O    doub N N 373 
VAL C   OXT  sing N N 374 
VAL CB  CG1  sing N N 375 
VAL CB  CG2  sing N N 376 
VAL CB  HB   sing N N 377 
VAL CG1 HG11 sing N N 378 
VAL CG1 HG12 sing N N 379 
VAL CG1 HG13 sing N N 380 
VAL CG2 HG21 sing N N 381 
VAL CG2 HG22 sing N N 382 
VAL CG2 HG23 sing N N 383 
VAL OXT HXT  sing N N 384 
# 
_pdbx_initial_refinement_model.id               1 
_pdbx_initial_refinement_model.entity_id_list   ? 
_pdbx_initial_refinement_model.type             'experimental model' 
_pdbx_initial_refinement_model.source_name      PDB 
_pdbx_initial_refinement_model.accession_code   5FNW 
_pdbx_initial_refinement_model.details          'PDB ENTRY 5FNW' 
# 
_atom_sites.entry_id                    5G00 
_atom_sites.fract_transf_matrix[1][1]   0.00557749 
_atom_sites.fract_transf_matrix[1][2]   -0.01115206 
_atom_sites.fract_transf_matrix[1][3]   0.00352236 
_atom_sites.fract_transf_matrix[2][1]   -0.00320789 
_atom_sites.fract_transf_matrix[2][2]   -0.00521158 
_atom_sites.fract_transf_matrix[2][3]   -0.01142071 
_atom_sites.fract_transf_matrix[3][1]   0.00905140 
_atom_sites.fract_transf_matrix[3][2]   0.00325476 
_atom_sites.fract_transf_matrix[3][3]   -0.00402763 
_atom_sites.fract_transf_vector[1]      -0.267303 
_atom_sites.fract_transf_vector[2]      0.034517 
_atom_sites.fract_transf_vector[3]      -0.012238 
# 
loop_
_atom_type.symbol 
C 
N 
O 
S 
# 
loop_
_atom_site.group_PDB 
_atom_site.id 
_atom_site.type_symbol 
_atom_site.label_atom_id 
_atom_site.label_alt_id 
_atom_site.label_comp_id 
_atom_site.label_asym_id 
_atom_site.label_entity_id 
_atom_site.label_seq_id 
_atom_site.pdbx_PDB_ins_code 
_atom_site.Cartn_x 
_atom_site.Cartn_y 
_atom_site.Cartn_z 
_atom_site.occupancy 
_atom_site.B_iso_or_equiv 
_atom_site.pdbx_formal_charge 
_atom_site.auth_seq_id 
_atom_site.auth_comp_id 
_atom_site.auth_asym_id 
_atom_site.auth_atom_id 
_atom_site.pdbx_PDB_model_num 
ATOM   1    N N   . PRO A 1 3   ? -4.605  3.366   -26.472 1.00 116.63 ? 3    PRO A N   1 
ATOM   2    C CA  . PRO A 1 3   ? -4.790  4.078   -25.201 1.00 118.32 ? 3    PRO A CA  1 
ATOM   3    C C   . PRO A 1 3   ? -3.553  4.015   -24.292 1.00 114.44 ? 3    PRO A C   1 
ATOM   4    O O   . PRO A 1 3   ? -3.376  3.040   -23.562 1.00 114.43 ? 3    PRO A O   1 
ATOM   5    C CB  . PRO A 1 3   ? -5.979  3.344   -24.577 1.00 116.43 ? 3    PRO A CB  1 
ATOM   6    C CG  . PRO A 1 3   ? -6.805  2.931   -25.749 1.00 115.94 ? 3    PRO A CG  1 
ATOM   7    C CD  . PRO A 1 3   ? -5.849  2.713   -26.918 1.00 115.34 ? 3    PRO A CD  1 
ATOM   8    N N   . LEU A 1 4   ? -2.715  5.054   -24.337 1.00 108.21 ? 4    LEU A N   1 
ATOM   9    C CA  . LEU A 1 4   ? -1.391  5.015   -23.693 1.00 105.17 ? 4    LEU A CA  1 
ATOM   10   C C   . LEU A 1 4   ? -1.480  4.937   -22.162 1.00 102.49 ? 4    LEU A C   1 
ATOM   11   O O   . LEU A 1 4   ? -2.268  5.652   -21.539 1.00 103.91 ? 4    LEU A O   1 
ATOM   12   C CB  . LEU A 1 4   ? -0.524  6.234   -24.113 1.00 101.47 ? 4    LEU A CB  1 
ATOM   13   C CG  . LEU A 1 4   ? -1.065  7.680   -24.201 1.00 103.61 ? 4    LEU A CG  1 
ATOM   14   C CD1 . LEU A 1 4   ? -1.434  8.298   -22.836 1.00 99.88  ? 4    LEU A CD1 1 
ATOM   15   C CD2 . LEU A 1 4   ? -0.064  8.586   -24.930 1.00 95.15  ? 4    LEU A CD2 1 
ATOM   16   N N   . PRO A 1 5   ? -0.699  4.026   -21.559 1.00 97.15  ? 5    PRO A N   1 
ATOM   17   C CA  . PRO A 1 5   ? -0.509  3.983   -20.110 1.00 92.58  ? 5    PRO A CA  1 
ATOM   18   C C   . PRO A 1 5   ? -0.288  5.354   -19.488 1.00 92.49  ? 5    PRO A C   1 
ATOM   19   O O   . PRO A 1 5   ? 0.563   6.110   -19.953 1.00 92.31  ? 5    PRO A O   1 
ATOM   20   C CB  . PRO A 1 5   ? 0.732   3.116   -19.968 1.00 83.21  ? 5    PRO A CB  1 
ATOM   21   C CG  . PRO A 1 5   ? 0.526   2.089   -21.040 1.00 91.77  ? 5    PRO A CG  1 
ATOM   22   C CD  . PRO A 1 5   ? -0.141  2.823   -22.202 1.00 98.35  ? 5    PRO A CD  1 
ATOM   23   N N   . LYS A 1 6   ? -1.070  5.663   -18.456 1.00 87.57  ? 6    LYS A N   1 
ATOM   24   C CA  . LYS A 1 6   ? -0.951  6.926   -17.746 1.00 79.01  ? 6    LYS A CA  1 
ATOM   25   C C   . LYS A 1 6   ? -0.012  6.749   -16.551 1.00 78.78  ? 6    LYS A C   1 
ATOM   26   O O   . LYS A 1 6   ? -0.153  5.790   -15.789 1.00 77.39  ? 6    LYS A O   1 
ATOM   27   C CB  . LYS A 1 6   ? -2.338  7.422   -17.301 1.00 75.23  ? 6    LYS A CB  1 
ATOM   28   C CG  . LYS A 1 6   ? -2.336  8.743   -16.504 1.00 78.95  ? 6    LYS A CG  1 
ATOM   29   C CD  . LYS A 1 6   ? -1.993  9.956   -17.382 1.00 81.40  ? 6    LYS A CD  1 
ATOM   30   C CE  . LYS A 1 6   ? -1.604  11.201  -16.575 1.00 79.15  ? 6    LYS A CE  1 
ATOM   31   N NZ  . LYS A 1 6   ? -0.212  11.200  -15.998 1.00 75.23  ? 6    LYS A NZ  1 
ATOM   32   N N   . PRO A 1 7   ? 0.972   7.655   -16.400 1.00 77.12  ? 7    PRO A N   1 
ATOM   33   C CA  . PRO A 1 7   ? 1.917   7.608   -15.286 1.00 71.47  ? 7    PRO A CA  1 
ATOM   34   C C   . PRO A 1 7   ? 1.348   8.218   -14.024 1.00 73.97  ? 7    PRO A C   1 
ATOM   35   O O   . PRO A 1 7   ? 0.521   9.128   -14.084 1.00 75.78  ? 7    PRO A O   1 
ATOM   36   C CB  . PRO A 1 7   ? 3.092   8.447   -15.793 1.00 73.30  ? 7    PRO A CB  1 
ATOM   37   C CG  . PRO A 1 7   ? 2.459   9.450   -16.651 1.00 70.74  ? 7    PRO A CG  1 
ATOM   38   C CD  . PRO A 1 7   ? 1.349   8.702   -17.366 1.00 80.87  ? 7    PRO A CD  1 
ATOM   39   N N   . VAL A 1 8   ? 1.818   7.737   -12.885 1.00 68.18  ? 8    VAL A N   1 
ATOM   40   C CA  . VAL A 1 8   ? 1.345   8.230   -11.606 1.00 70.51  ? 8    VAL A CA  1 
ATOM   41   C C   . VAL A 1 8   ? 2.224   9.402   -11.187 1.00 71.30  ? 8    VAL A C   1 
ATOM   42   O O   . VAL A 1 8   ? 3.446   9.326   -11.324 1.00 69.93  ? 8    VAL A O   1 
ATOM   43   C CB  . VAL A 1 8   ? 1.361   7.100   -10.557 1.00 69.00  ? 8    VAL A CB  1 
ATOM   44   C CG1 . VAL A 1 8   ? 1.027   7.626   -9.178  1.00 61.36  ? 8    VAL A CG1 1 
ATOM   45   C CG2 . VAL A 1 8   ? 0.391   5.991   -10.995 1.00 63.16  ? 8    VAL A CG2 1 
ATOM   46   N N   . LEU A 1 9   ? 1.616   10.492  -10.714 1.00 68.77  ? 9    LEU A N   1 
ATOM   47   C CA  . LEU A 1 9   ? 2.389   11.692  -10.389 1.00 66.44  ? 9    LEU A CA  1 
ATOM   48   C C   . LEU A 1 9   ? 2.423   11.979  -8.901  1.00 69.31  ? 9    LEU A C   1 
ATOM   49   O O   . LEU A 1 9   ? 1.521   11.588  -8.165  1.00 71.73  ? 9    LEU A O   1 
ATOM   50   C CB  . LEU A 1 9   ? 1.830   12.912  -11.107 1.00 69.06  ? 9    LEU A CB  1 
ATOM   51   C CG  . LEU A 1 9   ? 1.400   12.814  -12.572 1.00 78.34  ? 9    LEU A CG  1 
ATOM   52   C CD1 . LEU A 1 9   ? 0.942   14.188  -13.023 1.00 73.38  ? 9    LEU A CD1 1 
ATOM   53   C CD2 . LEU A 1 9   ? 2.516   12.286  -13.472 1.00 76.89  ? 9    LEU A CD2 1 
ATOM   54   N N   . ASP A 1 10  ? 3.455   12.688  -8.461  1.00 69.24  ? 10   ASP A N   1 
ATOM   55   C CA  . ASP A 1 10  ? 3.530   13.057  -7.060  1.00 68.49  ? 10   ASP A CA  1 
ATOM   56   C C   . ASP A 1 10  ? 2.818   14.391  -6.772  1.00 70.53  ? 10   ASP A C   1 
ATOM   57   O O   . ASP A 1 10  ? 1.949   14.836  -7.542  1.00 63.55  ? 10   ASP A O   1 
ATOM   58   C CB  . ASP A 1 10  ? 5.004   13.080  -6.578  1.00 72.79  ? 10   ASP A CB  1 
ATOM   59   C CG  . ASP A 1 10  ? 5.862   14.183  -7.213  1.00 77.18  ? 10   ASP A CG  1 
ATOM   60   O OD1 . ASP A 1 10  ? 5.459   14.802  -8.222  1.00 75.48  ? 10   ASP A OD1 1 
ATOM   61   O OD2 . ASP A 1 10  ? 6.978   14.413  -6.683  1.00 80.39  ? 10   ASP A OD2 1 
ATOM   62   N N   . THR A 1 11  ? 3.154   14.994  -5.631  1.00 67.91  ? 11   THR A N   1 
ATOM   63   C CA  . THR A 1 11  ? 2.484   16.196  -5.173  1.00 69.13  ? 11   THR A CA  1 
ATOM   64   C C   . THR A 1 11  ? 3.066   17.416  -5.892  1.00 77.91  ? 11   THR A C   1 
ATOM   65   O O   . THR A 1 11  ? 2.808   18.560  -5.505  1.00 77.98  ? 11   THR A O   1 
ATOM   66   C CB  . THR A 1 11  ? 2.600   16.394  -3.615  1.00 71.48  ? 11   THR A CB  1 
ATOM   67   O OG1 . THR A 1 11  ? 3.969   16.575  -3.218  1.00 66.58  ? 11   THR A OG1 1 
ATOM   68   C CG2 . THR A 1 11  ? 1.998   15.227  -2.858  1.00 73.14  ? 11   THR A CG2 1 
ATOM   69   N N   . ASN A 1 12  ? 3.858   17.171  -6.933  1.00 74.90  ? 12   ASN A N   1 
ATOM   70   C CA  . ASN A 1 12  ? 4.505   18.252  -7.661  1.00 69.02  ? 12   ASN A CA  1 
ATOM   71   C C   . ASN A 1 12  ? 4.296   18.130  -9.165  1.00 73.86  ? 12   ASN A C   1 
ATOM   72   O O   . ASN A 1 12  ? 4.801   18.944  -9.925  1.00 78.72  ? 12   ASN A O   1 
ATOM   73   C CB  . ASN A 1 12  ? 6.000   18.297  -7.337  1.00 64.52  ? 12   ASN A CB  1 
ATOM   74   C CG  . ASN A 1 12  ? 6.291   19.007  -6.037  1.00 70.51  ? 12   ASN A CG  1 
ATOM   75   O OD1 . ASN A 1 12  ? 5.438   19.717  -5.504  1.00 78.76  ? 12   ASN A OD1 1 
ATOM   76   N ND2 . ASN A 1 12  ? 7.497   18.830  -5.519  1.00 64.47  ? 12   ASN A ND2 1 
ATOM   77   N N   . GLY A 1 13  ? 3.529   17.132  -9.591  1.00 72.61  ? 13   GLY A N   1 
ATOM   78   C CA  . GLY A 1 13  ? 3.284   16.910  -11.006 1.00 70.99  ? 13   GLY A CA  1 
ATOM   79   C C   . GLY A 1 13  ? 4.284   15.930  -11.599 1.00 77.39  ? 13   GLY A C   1 
ATOM   80   O O   . GLY A 1 13  ? 3.941   15.124  -12.478 1.00 78.55  ? 13   GLY A O   1 
ATOM   81   N N   . LYS A 1 14  ? 5.521   15.991  -11.100 1.00 78.84  ? 14   LYS A N   1 
ATOM   82   C CA  . LYS A 1 14  ? 6.618   15.112  -11.537 1.00 75.73  ? 14   LYS A CA  1 
ATOM   83   C C   . LYS A 1 14  ? 6.301   13.628  -11.350 1.00 77.73  ? 14   LYS A C   1 
ATOM   84   O O   . LYS A 1 14  ? 5.908   13.208  -10.259 1.00 81.06  ? 14   LYS A O   1 
ATOM   85   C CB  . LYS A 1 14  ? 7.893   15.454  -10.775 1.00 77.26  ? 14   LYS A CB  1 
ATOM   86   C CG  . LYS A 1 14  ? 9.099   14.666  -11.235 1.00 81.48  ? 14   LYS A CG  1 
ATOM   87   C CD  . LYS A 1 14  ? 10.238  14.829  -10.245 1.00 86.27  ? 14   LYS A CD  1 
ATOM   88   C CE  . LYS A 1 14  ? 11.422  13.962  -10.622 1.00 90.97  ? 14   LYS A CE  1 
ATOM   89   N NZ  . LYS A 1 14  ? 12.459  14.026  -9.563  1.00 92.31  ? 14   LYS A NZ  1 
ATOM   90   N N   . GLU A 1 15  ? 6.482   12.834  -12.404 1.00 77.34  ? 15   GLU A N   1 
ATOM   91   C CA  . GLU A 1 15  ? 6.050   11.438  -12.385 1.00 75.06  ? 15   GLU A CA  1 
ATOM   92   C C   . GLU A 1 15  ? 6.766   10.624  -11.310 1.00 76.71  ? 15   GLU A C   1 
ATOM   93   O O   . GLU A 1 15  ? 7.748   11.080  -10.712 1.00 68.82  ? 15   GLU A O   1 
ATOM   94   C CB  . GLU A 1 15  ? 6.256   10.789  -13.751 1.00 70.04  ? 15   GLU A CB  1 
ATOM   95   C CG  . GLU A 1 15  ? 5.688   11.594  -14.899 1.00 85.13  ? 15   GLU A CG  1 
ATOM   96   C CD  . GLU A 1 15  ? 6.208   11.135  -16.252 1.00 94.70  ? 15   GLU A CD  1 
ATOM   97   O OE1 . GLU A 1 15  ? 7.244   10.439  -16.276 1.00 98.90  ? 15   GLU A OE1 1 
ATOM   98   O OE2 . GLU A 1 15  ? 5.584   11.467  -17.288 1.00 95.63  ? 15   GLU A OE2 1 
ATOM   99   N N   . LEU A 1 16  ? 6.241   9.424   -11.055 1.00 78.59  ? 16   LEU A N   1 
ATOM   100  C CA  . LEU A 1 16  ? 6.776   8.564   -10.005 1.00 75.47  ? 16   LEU A CA  1 
ATOM   101  C C   . LEU A 1 16  ? 7.962   7.773   -10.531 1.00 79.74  ? 16   LEU A C   1 
ATOM   102  O O   . LEU A 1 16  ? 7.900   7.100   -11.582 1.00 76.30  ? 16   LEU A O   1 
ATOM   103  C CB  . LEU A 1 16  ? 5.704   7.617   -9.433  1.00 73.96  ? 16   LEU A CB  1 
ATOM   104  C CG  . LEU A 1 16  ? 4.868   8.158   -8.260  1.00 73.45  ? 16   LEU A CG  1 
ATOM   105  C CD1 . LEU A 1 16  ? 4.514   7.062   -7.238  1.00 68.97  ? 16   LEU A CD1 1 
ATOM   106  C CD2 . LEU A 1 16  ? 5.564   9.327   -7.582  1.00 70.25  ? 16   LEU A CD2 1 
ATOM   107  N N   . ASN A 1 17  ? 9.041   7.882   -9.762  1.00 80.00  ? 17   ASN A N   1 
ATOM   108  C CA  . ASN A 1 17  ? 10.354  7.368   -10.115 1.00 79.75  ? 17   ASN A CA  1 
ATOM   109  C C   . ASN A 1 17  ? 10.828  6.262   -9.157  1.00 72.50  ? 17   ASN A C   1 
ATOM   110  O O   . ASN A 1 17  ? 10.982  6.512   -7.955  1.00 71.84  ? 17   ASN A O   1 
ATOM   111  C CB  . ASN A 1 17  ? 11.345  8.544   -10.126 1.00 80.80  ? 17   ASN A CB  1 
ATOM   112  C CG  . ASN A 1 17  ? 12.758  8.125   -10.479 1.00 86.76  ? 17   ASN A CG  1 
ATOM   113  O OD1 . ASN A 1 17  ? 12.997  6.976   -10.854 1.00 88.38  ? 17   ASN A OD1 1 
ATOM   114  N ND2 . ASN A 1 17  ? 13.709  9.059   -10.360 1.00 83.08  ? 17   ASN A ND2 1 
ATOM   115  N N   . PRO A 1 18  ? 11.070  5.041   -9.688  1.00 74.87  ? 18   PRO A N   1 
ATOM   116  C CA  . PRO A 1 18  ? 11.661  3.933   -8.923  1.00 67.46  ? 18   PRO A CA  1 
ATOM   117  C C   . PRO A 1 18  ? 12.901  4.359   -8.123  1.00 71.74  ? 18   PRO A C   1 
ATOM   118  O O   . PRO A 1 18  ? 13.189  3.831   -7.038  1.00 75.28  ? 18   PRO A O   1 
ATOM   119  C CB  . PRO A 1 18  ? 12.027  2.933   -10.012 1.00 62.73  ? 18   PRO A CB  1 
ATOM   120  C CG  . PRO A 1 18  ? 10.992  3.141   -11.065 1.00 63.91  ? 18   PRO A CG  1 
ATOM   121  C CD  . PRO A 1 18  ? 10.728  4.627   -11.066 1.00 77.16  ? 18   PRO A CD  1 
ATOM   122  N N   . ASN A 1 19  ? 13.595  5.359   -8.649  1.00 71.72  ? 19   ASN A N   1 
ATOM   123  C CA  . ASN A 1 19  ? 14.826  5.837   -8.082  1.00 69.11  ? 19   ASN A CA  1 
ATOM   124  C C   . ASN A 1 19  ? 14.599  6.784   -6.947  1.00 74.94  ? 19   ASN A C   1 
ATOM   125  O O   . ASN A 1 19  ? 15.537  7.280   -6.376  1.00 76.09  ? 19   ASN A O   1 
ATOM   126  C CB  . ASN A 1 19  ? 15.679  6.506   -9.150  1.00 80.12  ? 19   ASN A CB  1 
ATOM   127  C CG  . ASN A 1 19  ? 16.272  5.515   -10.126 1.00 91.87  ? 19   ASN A CG  1 
ATOM   128  O OD1 . ASN A 1 19  ? 16.312  4.327   -9.857  1.00 90.31  ? 19   ASN A OD1 1 
ATOM   129  N ND2 . ASN A 1 19  ? 16.733  6.002   -11.266 1.00 93.93  ? 19   ASN A ND2 1 
ATOM   130  N N   . SER A 1 20  ? 13.349  7.020   -6.580  1.00 80.18  ? 20   SER A N   1 
ATOM   131  C CA  . SER A 1 20  ? 13.089  7.958   -5.494  1.00 77.46  ? 20   SER A CA  1 
ATOM   132  C C   . SER A 1 20  ? 12.177  7.380   -4.402  1.00 71.13  ? 20   SER A C   1 
ATOM   133  O O   . SER A 1 20  ? 11.517  6.362   -4.618  1.00 66.53  ? 20   SER A O   1 
ATOM   134  C CB  . SER A 1 20  ? 12.491  9.246   -6.059  1.00 72.86  ? 20   SER A CB  1 
ATOM   135  O OG  . SER A 1 20  ? 12.643  10.296  -5.123  1.00 79.16  ? 20   SER A OG  1 
ATOM   136  N N   . SER A 1 21  ? 12.162  8.044   -3.243  1.00 66.09  ? 21   SER A N   1 
ATOM   137  C CA  . SER A 1 21  ? 11.306  7.674   -2.110  1.00 71.21  ? 21   SER A CA  1 
ATOM   138  C C   . SER A 1 21  ? 10.178  8.673   -1.853  1.00 77.23  ? 21   SER A C   1 
ATOM   139  O O   . SER A 1 21  ? 10.370  9.885   -1.956  1.00 79.36  ? 21   SER A O   1 
ATOM   140  C CB  . SER A 1 21  ? 12.134  7.537   -0.838  1.00 66.95  ? 21   SER A CB  1 
ATOM   141  O OG  . SER A 1 21  ? 13.073  6.488   -0.984  1.00 80.72  ? 21   SER A OG  1 
ATOM   142  N N   . TYR A 1 22  ? 9.011   8.148   -1.484  1.00 73.97  ? 22   TYR A N   1 
ATOM   143  C CA  . TYR A 1 22  ? 7.808   8.947   -1.284  1.00 70.14  ? 22   TYR A CA  1 
ATOM   144  C C   . TYR A 1 22  ? 7.115   8.658   0.037   1.00 69.16  ? 22   TYR A C   1 
ATOM   145  O O   . TYR A 1 22  ? 7.137   7.528   0.528   1.00 68.25  ? 22   TYR A O   1 
ATOM   146  C CB  . TYR A 1 22  ? 6.831   8.693   -2.422  1.00 64.69  ? 22   TYR A CB  1 
ATOM   147  C CG  . TYR A 1 22  ? 7.466   8.918   -3.751  1.00 70.48  ? 22   TYR A CG  1 
ATOM   148  C CD1 . TYR A 1 22  ? 8.155   7.900   -4.388  1.00 67.30  ? 22   TYR A CD1 1 
ATOM   149  C CD2 . TYR A 1 22  ? 7.404   10.165  -4.369  1.00 77.55  ? 22   TYR A CD2 1 
ATOM   150  C CE1 . TYR A 1 22  ? 8.758   8.102   -5.612  1.00 74.69  ? 22   TYR A CE1 1 
ATOM   151  C CE2 . TYR A 1 22  ? 8.014   10.392  -5.600  1.00 74.92  ? 22   TYR A CE2 1 
ATOM   152  C CZ  . TYR A 1 22  ? 8.687   9.351   -6.226  1.00 78.38  ? 22   TYR A CZ  1 
ATOM   153  O OH  . TYR A 1 22  ? 9.291   9.537   -7.461  1.00 74.84  ? 22   TYR A OH  1 
ATOM   154  N N   . ARG A 1 23  ? 6.498   9.684   0.613   1.00 70.09  ? 23   ARG A N   1 
ATOM   155  C CA  . ARG A 1 23  ? 5.519   9.468   1.670   1.00 62.07  ? 23   ARG A CA  1 
ATOM   156  C C   . ARG A 1 23  ? 4.154   9.314   1.023   1.00 65.18  ? 23   ARG A C   1 
ATOM   157  O O   . ARG A 1 23  ? 3.792   10.090  0.145   1.00 66.25  ? 23   ARG A O   1 
ATOM   158  C CB  . ARG A 1 23  ? 5.516   10.610  2.672   1.00 62.71  ? 23   ARG A CB  1 
ATOM   159  C CG  . ARG A 1 23  ? 6.444   10.380  3.820   1.00 65.51  ? 23   ARG A CG  1 
ATOM   160  C CD  . ARG A 1 23  ? 7.225   11.615  4.142   1.00 71.34  ? 23   ARG A CD  1 
ATOM   161  N NE  . ARG A 1 23  ? 8.500   11.287  4.773   1.00 76.95  ? 23   ARG A NE  1 
ATOM   162  C CZ  . ARG A 1 23  ? 9.496   12.152  4.960   1.00 81.89  ? 23   ARG A CZ  1 
ATOM   163  N NH1 . ARG A 1 23  ? 9.368   13.417  4.562   1.00 86.55  ? 23   ARG A NH1 1 
ATOM   164  N NH2 . ARG A 1 23  ? 10.620  11.752  5.545   1.00 81.14  ? 23   ARG A NH2 1 
ATOM   165  N N   . ILE A 1 24  ? 3.428   8.270   1.410   1.00 65.42  ? 24   ILE A N   1 
ATOM   166  C CA  . ILE A 1 24  ? 2.044   8.142   1.022   1.00 58.50  ? 24   ILE A CA  1 
ATOM   167  C C   . ILE A 1 24  ? 1.288   8.968   2.024   1.00 64.90  ? 24   ILE A C   1 
ATOM   168  O O   . ILE A 1 24  ? 1.216   8.603   3.210   1.00 59.48  ? 24   ILE A O   1 
ATOM   169  C CB  . ILE A 1 24  ? 1.543   6.696   1.027   1.00 60.05  ? 24   ILE A CB  1 
ATOM   170  C CG1 . ILE A 1 24  ? 2.482   5.822   0.198   1.00 60.00  ? 24   ILE A CG1 1 
ATOM   171  C CG2 . ILE A 1 24  ? 0.145   6.634   0.468   1.00 51.13  ? 24   ILE A CG2 1 
ATOM   172  C CD1 . ILE A 1 24  ? 1.953   4.454   -0.077  1.00 58.65  ? 24   ILE A CD1 1 
ATOM   173  N N   . ILE A 1 25  ? 0.770   10.108  1.550   1.00 67.32  ? 25   ILE A N   1 
ATOM   174  C CA  . ILE A 1 25  ? 0.075   11.050  2.415   1.00 60.20  ? 25   ILE A CA  1 
ATOM   175  C C   . ILE A 1 25  ? -1.397  11.131  2.061   1.00 59.28  ? 25   ILE A C   1 
ATOM   176  O O   . ILE A 1 25  ? -1.818  10.816  0.932   1.00 60.94  ? 25   ILE A O   1 
ATOM   177  C CB  . ILE A 1 25  ? 0.688   12.482  2.357   1.00 67.32  ? 25   ILE A CB  1 
ATOM   178  C CG1 . ILE A 1 25  ? 0.286   13.219  1.070   1.00 67.98  ? 25   ILE A CG1 1 
ATOM   179  C CG2 . ILE A 1 25  ? 2.208   12.442  2.538   1.00 62.32  ? 25   ILE A CG2 1 
ATOM   180  C CD1 . ILE A 1 25  ? 0.799   14.677  0.997   1.00 61.97  ? 25   ILE A CD1 1 
ATOM   181  N N   . SER A 1 26  ? -2.157  11.567  3.056   1.00 53.93  ? 26   SER A N   1 
ATOM   182  C CA  . SER A 1 26  ? -3.603  11.664  2.998   1.00 58.75  ? 26   SER A CA  1 
ATOM   183  C C   . SER A 1 26  ? -4.173  12.984  2.417   1.00 64.06  ? 26   SER A C   1 
ATOM   184  O O   . SER A 1 26  ? -3.821  14.077  2.869   1.00 59.32  ? 26   SER A O   1 
ATOM   185  C CB  . SER A 1 26  ? -4.162  11.474  4.411   1.00 61.14  ? 26   SER A CB  1 
ATOM   186  O OG  . SER A 1 26  ? -5.576  11.542  4.382   1.00 67.88  ? 26   SER A OG  1 
ATOM   187  N N   . ILE A 1 27  ? -5.065  12.867  1.429   1.00 64.53  ? 27   ILE A N   1 
ATOM   188  C CA  . ILE A 1 27  ? -5.985  13.953  1.067   1.00 64.34  ? 27   ILE A CA  1 
ATOM   189  C C   . ILE A 1 27  ? -6.584  14.621  2.326   1.00 66.81  ? 27   ILE A C   1 
ATOM   190  O O   . ILE A 1 27  ? -6.363  15.801  2.562   1.00 72.60  ? 27   ILE A O   1 
ATOM   191  C CB  . ILE A 1 27  ? -7.140  13.440  0.172   1.00 65.42  ? 27   ILE A CB  1 
ATOM   192  C CG1 . ILE A 1 27  ? -6.595  12.902  -1.148  1.00 68.76  ? 27   ILE A CG1 1 
ATOM   193  C CG2 . ILE A 1 27  ? -8.183  14.541  -0.071  1.00 71.72  ? 27   ILE A CG2 1 
ATOM   194  C CD1 . ILE A 1 27  ? -5.838  13.959  -1.960  1.00 74.06  ? 27   ILE A CD1 1 
ATOM   195  N N   . GLY A 1 28  ? -7.334  13.860  3.124   1.00 70.44  ? 28   GLY A N   1 
ATOM   196  C CA  . GLY A 1 28  ? -7.880  14.341  4.387   1.00 66.70  ? 28   GLY A CA  1 
ATOM   197  C C   . GLY A 1 28  ? -6.898  15.158  5.210   1.00 72.68  ? 28   GLY A C   1 
ATOM   198  O O   . GLY A 1 28  ? -5.691  14.866  5.254   1.00 72.75  ? 28   GLY A O   1 
ATOM   199  N N   . ARG A 1 29  ? -7.412  16.199  5.857   1.00 79.14  ? 29   ARG A N   1 
ATOM   200  C CA  . ARG A 1 29  ? -6.560  17.146  6.567   1.00 75.32  ? 29   ARG A CA  1 
ATOM   201  C C   . ARG A 1 29  ? -6.815  17.098  8.081   1.00 76.86  ? 29   ARG A C   1 
ATOM   202  O O   . ARG A 1 29  ? -7.942  16.873  8.540   1.00 75.10  ? 29   ARG A O   1 
ATOM   203  C CB  . ARG A 1 29  ? -6.782  18.557  5.993   1.00 78.57  ? 29   ARG A CB  1 
ATOM   204  C CG  . ARG A 1 29  ? -7.333  18.529  4.542   1.00 82.77  ? 29   ARG A CG  1 
ATOM   205  C CD  . ARG A 1 29  ? -7.629  19.907  3.910   1.00 83.25  ? 29   ARG A CD  1 
ATOM   206  N NE  . ARG A 1 29  ? -8.974  20.402  4.251   1.00 92.23  ? 29   ARG A NE  1 
ATOM   207  C CZ  . ARG A 1 29  ? -10.119 20.003  3.681   1.00 89.87  ? 29   ARG A CZ  1 
ATOM   208  N NH1 . ARG A 1 29  ? -10.125 19.090  2.710   1.00 79.37  ? 29   ARG A NH1 1 
ATOM   209  N NH2 . ARG A 1 29  ? -11.275 20.529  4.088   1.00 93.52  ? 29   ARG A NH2 1 
ATOM   210  N N   . GLY A 1 30  ? -5.751  17.282  8.853   1.00 76.03  ? 30   GLY A N   1 
ATOM   211  C CA  . GLY A 1 30  ? -5.860  17.321  10.299  1.00 75.02  ? 30   GLY A CA  1 
ATOM   212  C C   . GLY A 1 30  ? -6.140  15.969  10.915  1.00 80.76  ? 30   GLY A C   1 
ATOM   213  O O   . GLY A 1 30  ? -5.366  15.011  10.760  1.00 80.90  ? 30   GLY A O   1 
ATOM   214  N N   . ALA A 1 31  ? -7.250  15.893  11.637  1.00 80.33  ? 31   ALA A N   1 
ATOM   215  C CA  . ALA A 1 31  ? -7.670  14.640  12.237  1.00 76.22  ? 31   ALA A CA  1 
ATOM   216  C C   . ALA A 1 31  ? -7.923  13.614  11.137  1.00 78.44  ? 31   ALA A C   1 
ATOM   217  O O   . ALA A 1 31  ? -7.522  12.457  11.281  1.00 78.79  ? 31   ALA A O   1 
ATOM   218  C CB  . ALA A 1 31  ? -8.913  14.835  13.096  1.00 76.36  ? 31   ALA A CB  1 
ATOM   219  N N   . LEU A 1 32  ? -8.560  14.048  10.040  1.00 76.35  ? 32   LEU A N   1 
ATOM   220  C CA  . LEU A 1 32  ? -8.815  13.196  8.869   1.00 67.62  ? 32   LEU A CA  1 
ATOM   221  C C   . LEU A 1 32  ? -7.572  12.753  8.077   1.00 69.04  ? 32   LEU A C   1 
ATOM   222  O O   . LEU A 1 32  ? -7.704  12.129  7.021   1.00 64.30  ? 32   LEU A O   1 
ATOM   223  C CB  . LEU A 1 32  ? -9.736  13.906  7.889   1.00 66.39  ? 32   LEU A CB  1 
ATOM   224  C CG  . LEU A 1 32  ? -11.246 13.959  8.076   1.00 73.27  ? 32   LEU A CG  1 
ATOM   225  C CD1 . LEU A 1 32  ? -11.890 14.120  6.701   1.00 77.63  ? 32   LEU A CD1 1 
ATOM   226  C CD2 . LEU A 1 32  ? -11.791 12.735  8.794   1.00 77.43  ? 32   LEU A CD2 1 
ATOM   227  N N   . GLY A 1 33  ? -6.380  13.098  8.552   1.00 68.65  ? 33   GLY A N   1 
ATOM   228  C CA  . GLY A 1 33  ? -5.166  12.771  7.833   1.00 65.99  ? 33   GLY A CA  1 
ATOM   229  C C   . GLY A 1 33  ? -4.178  11.995  8.688   1.00 70.09  ? 33   GLY A C   1 
ATOM   230  O O   . GLY A 1 33  ? -4.414  11.717  9.867   1.00 66.35  ? 33   GLY A O   1 
ATOM   231  N N   . GLY A 1 34  ? -3.047  11.669  8.082   1.00 67.85  ? 34   GLY A N   1 
ATOM   232  C CA  . GLY A 1 34  ? -2.041  10.839  8.713   1.00 63.18  ? 34   GLY A CA  1 
ATOM   233  C C   . GLY A 1 34  ? -1.402  10.007  7.617   1.00 57.34  ? 34   GLY A C   1 
ATOM   234  O O   . GLY A 1 34  ? -2.100  9.309   6.876   1.00 54.45  ? 34   GLY A O   1 
ATOM   235  N N   . ASP A 1 35  ? -0.083  10.118  7.489   1.00 60.10  ? 35   ASP A N   1 
ATOM   236  C CA  . ASP A 1 35  ? 0.662   9.366   6.487   1.00 60.15  ? 35   ASP A CA  1 
ATOM   237  C C   . ASP A 1 35  ? 0.654   7.862   6.783   1.00 59.50  ? 35   ASP A C   1 
ATOM   238  O O   . ASP A 1 35  ? 0.600   7.446   7.943   1.00 54.99  ? 35   ASP A O   1 
ATOM   239  C CB  . ASP A 1 35  ? 2.123   9.832   6.412   1.00 63.80  ? 35   ASP A CB  1 
ATOM   240  C CG  . ASP A 1 35  ? 2.287   11.358  6.306   1.00 71.49  ? 35   ASP A CG  1 
ATOM   241  O OD1 . ASP A 1 35  ? 1.381   12.075  5.786   1.00 62.10  ? 35   ASP A OD1 1 
ATOM   242  O OD2 . ASP A 1 35  ? 3.381   11.819  6.716   1.00 69.63  ? 35   ASP A OD2 1 
ATOM   243  N N   . VAL A 1 36  ? 0.724   7.059   5.725   1.00 57.13  ? 36   VAL A N   1 
ATOM   244  C CA  . VAL A 1 36  ? 1.033   5.642   5.854   1.00 60.84  ? 36   VAL A CA  1 
ATOM   245  C C   . VAL A 1 36  ? 2.421   5.432   6.516   1.00 66.27  ? 36   VAL A C   1 
ATOM   246  O O   . VAL A 1 36  ? 3.364   6.193   6.244   1.00 65.68  ? 36   VAL A O   1 
ATOM   247  C CB  . VAL A 1 36  ? 0.979   4.966   4.485   1.00 56.00  ? 36   VAL A CB  1 
ATOM   248  C CG1 . VAL A 1 36  ? 1.371   3.498   4.591   1.00 62.79  ? 36   VAL A CG1 1 
ATOM   249  C CG2 . VAL A 1 36  ? -0.414  5.112   3.904   1.00 50.20  ? 36   VAL A CG2 1 
ATOM   250  N N   . TYR A 1 37  ? 2.532   4.453   7.423   1.00 60.27  ? 37   TYR A N   1 
ATOM   251  C CA  . TYR A 1 37  ? 3.827   4.145   8.061   1.00 62.11  ? 37   TYR A CA  1 
ATOM   252  C C   . TYR A 1 37  ? 3.979   2.653   8.367   1.00 64.33  ? 37   TYR A C   1 
ATOM   253  O O   . TYR A 1 37  ? 3.078   1.848   8.121   1.00 62.71  ? 37   TYR A O   1 
ATOM   254  C CB  . TYR A 1 37  ? 4.050   4.971   9.354   1.00 60.52  ? 37   TYR A CB  1 
ATOM   255  C CG  . TYR A 1 37  ? 3.155   4.628   10.551  1.00 65.34  ? 37   TYR A CG  1 
ATOM   256  C CD1 . TYR A 1 37  ? 1.847   5.128   10.646  1.00 63.44  ? 37   TYR A CD1 1 
ATOM   257  C CD2 . TYR A 1 37  ? 3.620   3.833   11.596  1.00 60.04  ? 37   TYR A CD2 1 
ATOM   258  C CE1 . TYR A 1 37  ? 1.028   4.832   11.743  1.00 57.38  ? 37   TYR A CE1 1 
ATOM   259  C CE2 . TYR A 1 37  ? 2.803   3.530   12.700  1.00 58.79  ? 37   TYR A CE2 1 
ATOM   260  C CZ  . TYR A 1 37  ? 1.513   4.028   12.761  1.00 59.60  ? 37   TYR A CZ  1 
ATOM   261  O OH  . TYR A 1 37  ? 0.704   3.727   13.835  1.00 62.93  ? 37   TYR A OH  1 
ATOM   262  N N   . LEU A 1 38  ? 5.149   2.296   8.882   1.00 67.30  ? 38   LEU A N   1 
ATOM   263  C CA  . LEU A 1 38  ? 5.460   0.921   9.244   1.00 64.08  ? 38   LEU A CA  1 
ATOM   264  C C   . LEU A 1 38  ? 5.341   0.746   10.752  1.00 67.51  ? 38   LEU A C   1 
ATOM   265  O O   . LEU A 1 38  ? 6.127   1.328   11.514  1.00 59.21  ? 38   LEU A O   1 
ATOM   266  C CB  . LEU A 1 38  ? 6.876   0.547   8.777   1.00 63.41  ? 38   LEU A CB  1 
ATOM   267  C CG  . LEU A 1 38  ? 7.450   -0.753  9.355   1.00 61.30  ? 38   LEU A CG  1 
ATOM   268  C CD1 . LEU A 1 38  ? 6.705   -1.948  8.792   1.00 60.43  ? 38   LEU A CD1 1 
ATOM   269  C CD2 . LEU A 1 38  ? 8.938   -0.849  9.071   1.00 56.81  ? 38   LEU A CD2 1 
ATOM   270  N N   . GLY A 1 39  ? 4.367   -0.055  11.184  1.00 67.07  ? 39   GLY A N   1 
ATOM   271  C CA  . GLY A 1 39  ? 4.192   -0.317  12.606  1.00 67.19  ? 39   GLY A CA  1 
ATOM   272  C C   . GLY A 1 39  ? 4.196   -1.789  12.986  1.00 73.43  ? 39   GLY A C   1 
ATOM   273  O O   . GLY A 1 39  ? 4.249   -2.679  12.126  1.00 70.27  ? 39   GLY A O   1 
ATOM   274  N N   . LYS A 1 40  ? 4.147   -2.053  14.288  1.00 78.89  ? 40   LYS A N   1 
ATOM   275  C CA  . LYS A 1 40  ? 3.999   -3.421  14.752  1.00 76.25  ? 40   LYS A CA  1 
ATOM   276  C C   . LYS A 1 40  ? 2.541   -3.687  15.070  1.00 77.51  ? 40   LYS A C   1 
ATOM   277  O O   . LYS A 1 40  ? 1.889   -2.950  15.841  1.00 70.26  ? 40   LYS A O   1 
ATOM   278  C CB  . LYS A 1 40  ? 4.873   -3.717  15.975  1.00 80.72  ? 40   LYS A CB  1 
ATOM   279  C CG  . LYS A 1 40  ? 4.850   -5.200  16.389  1.00 87.69  ? 40   LYS A CG  1 
ATOM   280  C CD  . LYS A 1 40  ? 6.124   -5.946  15.953  1.00 85.46  ? 40   LYS A CD  1 
ATOM   281  C CE  . LYS A 1 40  ? 6.086   -7.431  16.311  1.00 77.67  ? 40   LYS A CE  1 
ATOM   282  N NZ  . LYS A 1 40  ? 7.465   -7.998  16.218  1.00 73.73  ? 40   LYS A NZ  1 
ATOM   283  N N   . SER A 1 41  ? 2.052   -4.754  14.449  1.00 76.16  ? 41   SER A N   1 
ATOM   284  C CA  . SER A 1 41  ? 0.704   -5.255  14.648  1.00 78.21  ? 41   SER A CA  1 
ATOM   285  C C   . SER A 1 41  ? 0.510   -5.665  16.121  1.00 77.58  ? 41   SER A C   1 
ATOM   286  O O   . SER A 1 41  ? 1.346   -6.363  16.702  1.00 72.63  ? 41   SER A O   1 
ATOM   287  C CB  . SER A 1 41  ? 0.466   -6.446  13.714  1.00 75.38  ? 41   SER A CB  1 
ATOM   288  O OG  . SER A 1 41  ? 1.369   -6.405  12.608  1.00 72.46  ? 41   SER A OG  1 
ATOM   289  N N   . PRO A 1 42  ? -0.603  -5.240  16.725  1.00 73.56  ? 42   PRO A N   1 
ATOM   290  C CA  . PRO A 1 42  ? -0.846  -5.483  18.158  1.00 78.00  ? 42   PRO A CA  1 
ATOM   291  C C   . PRO A 1 42  ? -0.748  -6.965  18.566  1.00 81.15  ? 42   PRO A C   1 
ATOM   292  O O   . PRO A 1 42  ? -0.422  -7.299  19.710  1.00 76.27  ? 42   PRO A O   1 
ATOM   293  C CB  . PRO A 1 42  ? -2.281  -4.969  18.361  1.00 79.09  ? 42   PRO A CB  1 
ATOM   294  C CG  . PRO A 1 42  ? -2.898  -4.952  16.986  1.00 75.05  ? 42   PRO A CG  1 
ATOM   295  C CD  . PRO A 1 42  ? -1.764  -4.641  16.044  1.00 73.56  ? 42   PRO A CD  1 
ATOM   296  N N   . ASN A 1 43  ? -1.037  -7.840  17.611  1.00 79.28  ? 43   ASN A N   1 
ATOM   297  C CA  . ASN A 1 43  ? -1.088  -9.264  17.847  1.00 76.32  ? 43   ASN A CA  1 
ATOM   298  C C   . ASN A 1 43  ? -0.195  -10.030 16.873  1.00 84.41  ? 43   ASN A C   1 
ATOM   299  O O   . ASN A 1 43  ? -0.530  -11.140 16.465  1.00 85.62  ? 43   ASN A O   1 
ATOM   300  C CB  . ASN A 1 43  ? -2.530  -9.758  17.724  1.00 75.63  ? 43   ASN A CB  1 
ATOM   301  C CG  . ASN A 1 43  ? -3.199  -9.273  16.445  1.00 79.32  ? 43   ASN A CG  1 
ATOM   302  O OD1 . ASN A 1 43  ? -2.537  -8.689  15.588  1.00 80.14  ? 43   ASN A OD1 1 
ATOM   303  N ND2 . ASN A 1 43  ? -4.508  -9.515  16.308  1.00 71.25  ? 43   ASN A ND2 1 
ATOM   304  N N   . SER A 1 44  ? 0.937   -9.447  16.489  1.00 86.58  ? 44   SER A N   1 
ATOM   305  C CA  . SER A 1 44  ? 1.826   -10.138 15.565  1.00 84.30  ? 44   SER A CA  1 
ATOM   306  C C   . SER A 1 44  ? 2.902   -10.897 16.311  1.00 81.69  ? 44   SER A C   1 
ATOM   307  O O   . SER A 1 44  ? 3.443   -10.413 17.302  1.00 82.26  ? 44   SER A O   1 
ATOM   308  C CB  . SER A 1 44  ? 2.483   -9.165  14.589  1.00 77.39  ? 44   SER A CB  1 
ATOM   309  O OG  . SER A 1 44  ? 3.270   -9.871  13.645  1.00 77.53  ? 44   SER A OG  1 
ATOM   310  N N   . ASP A 1 45  ? 3.214   -12.086 15.818  1.00 79.29  ? 45   ASP A N   1 
ATOM   311  C CA  . ASP A 1 45  ? 4.327   -12.852 16.360  1.00 88.86  ? 45   ASP A CA  1 
ATOM   312  C C   . ASP A 1 45  ? 5.629   -12.523 15.649  1.00 88.02  ? 45   ASP A C   1 
ATOM   313  O O   . ASP A 1 45  ? 6.696   -12.929 16.097  1.00 85.15  ? 45   ASP A O   1 
ATOM   314  C CB  . ASP A 1 45  ? 4.049   -14.352 16.257  1.00 95.25  ? 45   ASP A CB  1 
ATOM   315  C CG  . ASP A 1 45  ? 2.862   -14.777 17.092  1.00 95.01  ? 45   ASP A CG  1 
ATOM   316  O OD1 . ASP A 1 45  ? 3.043   -14.926 18.319  1.00 89.72  ? 45   ASP A OD1 1 
ATOM   317  O OD2 . ASP A 1 45  ? 1.757   -14.950 16.524  1.00 96.12  ? 45   ASP A OD2 1 
ATOM   318  N N   . ALA A 1 46  ? 5.529   -11.799 14.536  1.00 86.99  ? 46   ALA A N   1 
ATOM   319  C CA  . ALA A 1 46  ? 6.695   -11.406 13.756  1.00 75.59  ? 46   ALA A CA  1 
ATOM   320  C C   . ALA A 1 46  ? 7.747   -10.801 14.656  1.00 73.02  ? 46   ALA A C   1 
ATOM   321  O O   . ALA A 1 46  ? 7.419   -10.145 15.646  1.00 76.74  ? 46   ALA A O   1 
ATOM   322  C CB  . ALA A 1 46  ? 6.293   -10.428 12.672  1.00 77.97  ? 46   ALA A CB  1 
ATOM   323  N N   . PRO A 1 47  ? 9.023   -11.047 14.344  1.00 71.48  ? 47   PRO A N   1 
ATOM   324  C CA  . PRO A 1 47  ? 10.093  -10.462 15.162  1.00 74.58  ? 47   PRO A CA  1 
ATOM   325  C C   . PRO A 1 47  ? 10.417  -9.019  14.735  1.00 76.47  ? 47   PRO A C   1 
ATOM   326  O O   . PRO A 1 47  ? 11.227  -8.343  15.365  1.00 74.82  ? 47   PRO A O   1 
ATOM   327  C CB  . PRO A 1 47  ? 11.274  -11.395 14.900  1.00 74.06  ? 47   PRO A CB  1 
ATOM   328  C CG  . PRO A 1 47  ? 11.049  -11.866 13.500  1.00 69.20  ? 47   PRO A CG  1 
ATOM   329  C CD  . PRO A 1 47  ? 9.545   -11.962 13.316  1.00 70.59  ? 47   PRO A CD  1 
ATOM   330  N N   . CYS A 1 48  ? 9.782   -8.565  13.661  1.00 73.16  ? 48   CYS A N   1 
ATOM   331  C CA  . CYS A 1 48  ? 9.930   -7.197  13.190  1.00 71.22  ? 48   CYS A CA  1 
ATOM   332  C C   . CYS A 1 48  ? 8.577   -6.541  13.085  1.00 69.53  ? 48   CYS A C   1 
ATOM   333  O O   . CYS A 1 48  ? 7.558   -7.226  13.064  1.00 68.40  ? 48   CYS A O   1 
ATOM   334  C CB  . CYS A 1 48  ? 10.610  -7.171  11.831  1.00 74.34  ? 48   CYS A CB  1 
ATOM   335  S SG  . CYS A 1 48  ? 12.153  -8.046  11.809  1.00 84.03  ? 48   CYS A SG  1 
ATOM   336  N N   . PRO A 1 49  ? 8.556   -5.209  13.010  1.00 69.79  ? 49   PRO A N   1 
ATOM   337  C CA  . PRO A 1 49  ? 7.324   -4.512  12.620  1.00 67.99  ? 49   PRO A CA  1 
ATOM   338  C C   . PRO A 1 49  ? 6.882   -4.959  11.243  1.00 64.06  ? 49   PRO A C   1 
ATOM   339  O O   . PRO A 1 49  ? 7.673   -4.952  10.288  1.00 67.97  ? 49   PRO A O   1 
ATOM   340  C CB  . PRO A 1 49  ? 7.725   -3.042  12.618  1.00 65.48  ? 49   PRO A CB  1 
ATOM   341  C CG  . PRO A 1 49  ? 9.229   -3.049  12.564  1.00 71.39  ? 49   PRO A CG  1 
ATOM   342  C CD  . PRO A 1 49  ? 9.649   -4.277  13.310  1.00 71.53  ? 49   PRO A CD  1 
ATOM   343  N N   . ASP A 1 50  ? 5.625   -5.364  11.156  1.00 59.21  ? 50   ASP A N   1 
ATOM   344  C CA  . ASP A 1 50  ? 5.119   -6.040  9.974   1.00 62.92  ? 50   ASP A CA  1 
ATOM   345  C C   . ASP A 1 50  ? 3.730   -5.546  9.555   1.00 64.47  ? 50   ASP A C   1 
ATOM   346  O O   . ASP A 1 50  ? 3.052   -6.217  8.790   1.00 59.91  ? 50   ASP A O   1 
ATOM   347  C CB  . ASP A 1 50  ? 5.044   -7.546  10.225  1.00 60.54  ? 50   ASP A CB  1 
ATOM   348  C CG  . ASP A 1 50  ? 3.916   -7.919  11.202  1.00 69.14  ? 50   ASP A CG  1 
ATOM   349  O OD1 . ASP A 1 50  ? 3.557   -7.078  12.070  1.00 64.24  ? 50   ASP A OD1 1 
ATOM   350  O OD2 . ASP A 1 50  ? 3.388   -9.052  11.100  1.00 69.75  ? 50   ASP A OD2 1 
ATOM   351  N N   . GLY A 1 51  ? 3.287   -4.405  10.074  1.00 61.62  ? 51   GLY A N   1 
ATOM   352  C CA  . GLY A 1 51  ? 1.970   -3.904  9.736   1.00 58.05  ? 51   GLY A CA  1 
ATOM   353  C C   . GLY A 1 51  ? 2.011   -2.571  9.009   1.00 58.37  ? 51   GLY A C   1 
ATOM   354  O O   . GLY A 1 51  ? 2.886   -1.734  9.268   1.00 58.36  ? 51   GLY A O   1 
ATOM   355  N N   . VAL A 1 52  ? 1.062   -2.364  8.102   1.00 55.16  ? 52   VAL A N   1 
ATOM   356  C CA  . VAL A 1 52  ? 0.951   -1.081  7.424   1.00 58.23  ? 52   VAL A CA  1 
ATOM   357  C C   . VAL A 1 52  ? -0.213  -0.229  7.962   1.00 58.96  ? 52   VAL A C   1 
ATOM   358  O O   . VAL A 1 52  ? -1.401  -0.531  7.729   1.00 55.93  ? 52   VAL A O   1 
ATOM   359  C CB  . VAL A 1 52  ? 0.796   -1.277  5.924   1.00 56.85  ? 52   VAL A CB  1 
ATOM   360  C CG1 . VAL A 1 52  ? 1.002   0.041   5.203   1.00 56.51  ? 52   VAL A CG1 1 
ATOM   361  C CG2 . VAL A 1 52  ? 1.805   -2.295  5.440   1.00 57.38  ? 52   VAL A CG2 1 
ATOM   362  N N   . PHE A 1 53  ? 0.160   0.835   8.682   1.00 59.18  ? 53   PHE A N   1 
ATOM   363  C CA  . PHE A 1 53  ? -0.772  1.773   9.320   1.00 59.35  ? 53   PHE A CA  1 
ATOM   364  C C   . PHE A 1 53  ? -0.627  3.212   8.779   1.00 64.88  ? 53   PHE A C   1 
ATOM   365  O O   . PHE A 1 53  ? 0.447   3.612   8.296   1.00 61.95  ? 53   PHE A O   1 
ATOM   366  C CB  . PHE A 1 53  ? -0.548  1.856   10.846  1.00 57.34  ? 53   PHE A CB  1 
ATOM   367  C CG  . PHE A 1 53  ? -0.475  0.532   11.577  1.00 56.59  ? 53   PHE A CG  1 
ATOM   368  C CD1 . PHE A 1 53  ? 0.678   -0.254  11.529  1.00 58.66  ? 53   PHE A CD1 1 
ATOM   369  C CD2 . PHE A 1 53  ? -1.527  0.122   12.401  1.00 60.99  ? 53   PHE A CD2 1 
ATOM   370  C CE1 . PHE A 1 53  ? 0.756   -1.456  12.236  1.00 63.26  ? 53   PHE A CE1 1 
ATOM   371  C CE2 . PHE A 1 53  ? -1.455  -1.079  13.125  1.00 59.68  ? 53   PHE A CE2 1 
ATOM   372  C CZ  . PHE A 1 53  ? -0.313  -1.863  13.041  1.00 64.81  ? 53   PHE A CZ  1 
ATOM   373  N N   . ARG A 1 54  ? -1.682  4.012   8.916   1.00 63.33  ? 54   ARG A N   1 
ATOM   374  C CA  . ARG A 1 54  ? -1.534  5.468   8.819   1.00 61.78  ? 54   ARG A CA  1 
ATOM   375  C C   . ARG A 1 54  ? -1.773  6.113   10.188  1.00 64.71  ? 54   ARG A C   1 
ATOM   376  O O   . ARG A 1 54  ? -2.549  5.600   11.019  1.00 60.33  ? 54   ARG A O   1 
ATOM   377  C CB  . ARG A 1 54  ? -2.486  6.061   7.781   1.00 55.45  ? 54   ARG A CB  1 
ATOM   378  C CG  . ARG A 1 54  ? -3.906  5.692   8.048   1.00 59.32  ? 54   ARG A CG  1 
ATOM   379  C CD  . ARG A 1 54  ? -4.787  6.062   6.907   1.00 58.92  ? 54   ARG A CD  1 
ATOM   380  N NE  . ARG A 1 54  ? -4.918  7.498   6.824   1.00 68.24  ? 54   ARG A NE  1 
ATOM   381  C CZ  . ARG A 1 54  ? -6.072  8.136   6.900   1.00 65.93  ? 54   ARG A CZ  1 
ATOM   382  N NH1 . ARG A 1 54  ? -7.194  7.444   7.065   1.00 69.63  ? 54   ARG A NH1 1 
ATOM   383  N NH2 . ARG A 1 54  ? -6.093  9.454   6.802   1.00 57.97  ? 54   ARG A NH2 1 
ATOM   384  N N   . TYR A 1 55  ? -1.091  7.233   10.422  1.00 63.93  ? 55   TYR A N   1 
ATOM   385  C CA  . TYR A 1 55  ? -1.232  7.969   11.673  1.00 59.51  ? 55   TYR A CA  1 
ATOM   386  C C   . TYR A 1 55  ? -2.627  8.521   11.849  1.00 62.83  ? 55   TYR A C   1 
ATOM   387  O O   . TYR A 1 55  ? -3.416  8.592   10.892  1.00 56.95  ? 55   TYR A O   1 
ATOM   388  C CB  . TYR A 1 55  ? -0.246  9.106   11.740  1.00 59.52  ? 55   TYR A CB  1 
ATOM   389  C CG  . TYR A 1 55  ? 1.165   8.644   11.876  1.00 59.41  ? 55   TYR A CG  1 
ATOM   390  C CD1 . TYR A 1 55  ? 1.671   8.293   13.117  1.00 58.50  ? 55   TYR A CD1 1 
ATOM   391  C CD2 . TYR A 1 55  ? 2.005   8.566   10.764  1.00 60.38  ? 55   TYR A CD2 1 
ATOM   392  C CE1 . TYR A 1 55  ? 2.975   7.868   13.261  1.00 60.70  ? 55   TYR A CE1 1 
ATOM   393  C CE2 . TYR A 1 55  ? 3.316   8.144   10.898  1.00 59.71  ? 55   TYR A CE2 1 
ATOM   394  C CZ  . TYR A 1 55  ? 3.795   7.792   12.154  1.00 65.01  ? 55   TYR A CZ  1 
ATOM   395  O OH  . TYR A 1 55  ? 5.099   7.367   12.319  1.00 73.22  ? 55   TYR A OH  1 
ATOM   396  N N   . ASN A 1 56  ? -2.928  8.907   13.083  1.00 65.55  ? 56   ASN A N   1 
ATOM   397  C CA  . ASN A 1 56  ? -4.284  9.309   13.432  1.00 70.44  ? 56   ASN A CA  1 
ATOM   398  C C   . ASN A 1 56  ? -4.544  10.813  13.209  1.00 73.36  ? 56   ASN A C   1 
ATOM   399  O O   . ASN A 1 56  ? -5.691  11.223  12.990  1.00 71.23  ? 56   ASN A O   1 
ATOM   400  C CB  . ASN A 1 56  ? -4.579  8.863   14.862  1.00 65.11  ? 56   ASN A CB  1 
ATOM   401  C CG  . ASN A 1 56  ? -4.977  7.390   14.923  1.00 76.95  ? 56   ASN A CG  1 
ATOM   402  O OD1 . ASN A 1 56  ? -6.164  7.042   14.799  1.00 73.85  ? 56   ASN A OD1 1 
ATOM   403  N ND2 . ASN A 1 56  ? -3.977  6.509   15.035  1.00 80.45  ? 56   ASN A ND2 1 
ATOM   404  N N   . SER A 1 57  ? -3.482  11.619  13.216  1.00 73.14  ? 57   SER A N   1 
ATOM   405  C CA  . SER A 1 57  ? -3.553  12.975  12.658  1.00 76.71  ? 57   SER A CA  1 
ATOM   406  C C   . SER A 1 57  ? -2.349  13.278  11.756  1.00 77.09  ? 57   SER A C   1 
ATOM   407  O O   . SER A 1 57  ? -1.309  12.629  11.862  1.00 75.66  ? 57   SER A O   1 
ATOM   408  C CB  . SER A 1 57  ? -3.637  14.016  13.766  1.00 78.04  ? 57   SER A CB  1 
ATOM   409  O OG  . SER A 1 57  ? -3.853  15.298  13.204  1.00 82.67  ? 57   SER A OG  1 
ATOM   410  N N   . ASP A 1 58  ? -2.481  14.261  10.868  1.00 78.88  ? 58   ASP A N   1 
ATOM   411  C CA  . ASP A 1 58  ? -1.317  14.705  10.094  1.00 80.70  ? 58   ASP A CA  1 
ATOM   412  C C   . ASP A 1 58  ? -0.473  15.726  10.875  1.00 82.77  ? 58   ASP A C   1 
ATOM   413  O O   . ASP A 1 58  ? 0.476   16.295  10.350  1.00 83.81  ? 58   ASP A O   1 
ATOM   414  C CB  . ASP A 1 58  ? -1.743  15.293  8.746   1.00 79.29  ? 58   ASP A CB  1 
ATOM   415  C CG  . ASP A 1 58  ? -2.786  16.370  8.887   1.00 80.30  ? 58   ASP A CG  1 
ATOM   416  O OD1 . ASP A 1 58  ? -2.812  17.043  9.940   1.00 80.58  ? 58   ASP A OD1 1 
ATOM   417  O OD2 . ASP A 1 58  ? -3.589  16.538  7.942   1.00 81.39  ? 58   ASP A OD2 1 
ATOM   418  N N   . VAL A 1 59  ? -0.810  15.949  12.136  1.00 81.81  ? 59   VAL A N   1 
ATOM   419  C CA  . VAL A 1 59  ? -0.092  16.933  12.916  1.00 81.25  ? 59   VAL A CA  1 
ATOM   420  C C   . VAL A 1 59  ? 1.037   16.292  13.720  1.00 88.95  ? 59   VAL A C   1 
ATOM   421  O O   . VAL A 1 59  ? 1.634   16.931  14.588  1.00 97.05  ? 59   VAL A O   1 
ATOM   422  C CB  . VAL A 1 59  ? -1.038  17.681  13.862  1.00 84.41  ? 59   VAL A CB  1 
ATOM   423  C CG1 . VAL A 1 59  ? -2.117  18.394  13.055  1.00 80.55  ? 59   VAL A CG1 1 
ATOM   424  C CG2 . VAL A 1 59  ? -1.653  16.716  14.871  1.00 89.81  ? 59   VAL A CG2 1 
ATOM   425  N N   . GLY A 1 60  ? 1.335   15.030  13.429  1.00 86.46  ? 60   GLY A N   1 
ATOM   426  C CA  . GLY A 1 60  ? 2.441   14.348  14.083  1.00 84.81  ? 60   GLY A CA  1 
ATOM   427  C C   . GLY A 1 60  ? 3.526   14.007  13.070  1.00 89.59  ? 60   GLY A C   1 
ATOM   428  O O   . GLY A 1 60  ? 3.747   14.755  12.115  1.00 94.06  ? 60   GLY A O   1 
ATOM   429  N N   . PRO A 1 61  ? 4.199   12.864  13.257  1.00 82.66  ? 61   PRO A N   1 
ATOM   430  C CA  . PRO A 1 61  ? 5.317   12.423  12.406  1.00 81.72  ? 61   PRO A CA  1 
ATOM   431  C C   . PRO A 1 61  ? 4.979   12.212  10.916  1.00 78.44  ? 61   PRO A C   1 
ATOM   432  O O   . PRO A 1 61  ? 3.828   11.909  10.567  1.00 73.91  ? 61   PRO A O   1 
ATOM   433  C CB  . PRO A 1 61  ? 5.729   11.092  13.047  1.00 81.60  ? 61   PRO A CB  1 
ATOM   434  C CG  . PRO A 1 61  ? 5.305   11.220  14.483  1.00 80.38  ? 61   PRO A CG  1 
ATOM   435  C CD  . PRO A 1 61  ? 4.025   12.004  14.442  1.00 80.48  ? 61   PRO A CD  1 
ATOM   436  N N   . SER A 1 62  ? 5.992   12.377  10.056  1.00 80.37  ? 62   SER A N   1 
ATOM   437  C CA  . SER A 1 62  ? 5.888   12.053  8.629   1.00 75.59  ? 62   SER A CA  1 
ATOM   438  C C   . SER A 1 62  ? 5.811   10.544  8.481   1.00 75.07  ? 62   SER A C   1 
ATOM   439  O O   . SER A 1 62  ? 6.220   9.805   9.385   1.00 74.88  ? 62   SER A O   1 
ATOM   440  C CB  . SER A 1 62  ? 7.090   12.574  7.835   1.00 70.23  ? 62   SER A CB  1 
ATOM   441  O OG  . SER A 1 62  ? 7.593   13.777  8.384   1.00 81.09  ? 62   SER A OG  1 
ATOM   442  N N   . GLY A 1 63  ? 5.316   10.081  7.339   1.00 70.99  ? 63   GLY A N   1 
ATOM   443  C CA  . GLY A 1 63  ? 5.235   8.654   7.091   1.00 67.79  ? 63   GLY A CA  1 
ATOM   444  C C   . GLY A 1 63  ? 6.581   7.982   6.877   1.00 72.51  ? 63   GLY A C   1 
ATOM   445  O O   . GLY A 1 63  ? 7.650   8.613   6.959   1.00 67.92  ? 63   GLY A O   1 
ATOM   446  N N   . THR A 1 64  ? 6.524   6.680   6.621   1.00 65.28  ? 64   THR A N   1 
ATOM   447  C CA  . THR A 1 64  ? 7.715   5.928   6.292   1.00 64.18  ? 64   THR A CA  1 
ATOM   448  C C   . THR A 1 64  ? 7.801   5.937   4.769   1.00 63.15  ? 64   THR A C   1 
ATOM   449  O O   . THR A 1 64  ? 6.839   5.556   4.077   1.00 64.03  ? 64   THR A O   1 
ATOM   450  C CB  . THR A 1 64  ? 7.681   4.465   6.856   1.00 63.40  ? 64   THR A CB  1 
ATOM   451  O OG1 . THR A 1 64  ? 7.125   4.447   8.182   1.00 63.14  ? 64   THR A OG1 1 
ATOM   452  C CG2 . THR A 1 64  ? 9.072   3.888   6.916   1.00 61.30  ? 64   THR A CG2 1 
ATOM   453  N N   . PRO A 1 65  ? 8.937   6.410   4.239   1.00 58.78  ? 65   PRO A N   1 
ATOM   454  C CA  . PRO A 1 65  ? 9.174   6.449   2.795   1.00 62.88  ? 65   PRO A CA  1 
ATOM   455  C C   . PRO A 1 65  ? 9.036   5.074   2.145   1.00 63.07  ? 65   PRO A C   1 
ATOM   456  O O   . PRO A 1 65  ? 9.653   4.105   2.590   1.00 65.53  ? 65   PRO A O   1 
ATOM   457  C CB  . PRO A 1 65  ? 10.615  6.956   2.694   1.00 63.03  ? 65   PRO A CB  1 
ATOM   458  C CG  . PRO A 1 65  ? 10.851  7.688   3.953   1.00 56.90  ? 65   PRO A CG  1 
ATOM   459  C CD  . PRO A 1 65  ? 10.073  6.959   4.998   1.00 60.28  ? 65   PRO A CD  1 
ATOM   460  N N   . VAL A 1 66  ? 8.205   4.979   1.122   1.00 62.04  ? 66   VAL A N   1 
ATOM   461  C CA  . VAL A 1 66  ? 8.109   3.747   0.370   1.00 62.43  ? 66   VAL A CA  1 
ATOM   462  C C   . VAL A 1 66  ? 8.781   3.992   -0.953  1.00 61.81  ? 66   VAL A C   1 
ATOM   463  O O   . VAL A 1 66  ? 9.141   5.119   -1.261  1.00 69.19  ? 66   VAL A O   1 
ATOM   464  C CB  . VAL A 1 66  ? 6.658   3.303   0.126   1.00 65.04  ? 66   VAL A CB  1 
ATOM   465  C CG1 . VAL A 1 66  ? 5.847   3.325   1.434   1.00 63.71  ? 66   VAL A CG1 1 
ATOM   466  C CG2 . VAL A 1 66  ? 6.022   4.193   -0.937  1.00 65.44  ? 66   VAL A CG2 1 
ATOM   467  N N   . ARG A 1 67  ? 8.960   2.936   -1.728  1.00 61.99  ? 67   ARG A N   1 
ATOM   468  C CA  . ARG A 1 67  ? 9.407   3.060   -3.103  1.00 62.80  ? 67   ARG A CA  1 
ATOM   469  C C   . ARG A 1 67  ? 8.614   2.026   -3.862  1.00 63.18  ? 67   ARG A C   1 
ATOM   470  O O   . ARG A 1 67  ? 8.040   1.124   -3.247  1.00 64.32  ? 67   ARG A O   1 
ATOM   471  C CB  . ARG A 1 67  ? 10.920  2.847   -3.243  1.00 67.07  ? 67   ARG A CB  1 
ATOM   472  C CG  . ARG A 1 67  ? 11.382  1.414   -3.118  1.00 73.13  ? 67   ARG A CG  1 
ATOM   473  C CD  . ARG A 1 67  ? 12.904  1.323   -3.068  1.00 76.98  ? 67   ARG A CD  1 
ATOM   474  N NE  . ARG A 1 67  ? 13.362  -0.064  -3.089  1.00 80.45  ? 67   ARG A NE  1 
ATOM   475  C CZ  . ARG A 1 67  ? 13.447  -0.804  -4.196  1.00 88.70  ? 67   ARG A CZ  1 
ATOM   476  N NH1 . ARG A 1 67  ? 13.108  -0.283  -5.378  1.00 85.18  ? 67   ARG A NH1 1 
ATOM   477  N NH2 . ARG A 1 67  ? 13.874  -2.066  -4.129  1.00 81.57  ? 67   ARG A NH2 1 
ATOM   478  N N   . PHE A 1 68  ? 8.560   2.150   -5.183  1.00 58.58  ? 68   PHE A N   1 
ATOM   479  C CA  . PHE A 1 68  ? 7.687   1.293   -5.964  1.00 58.77  ? 68   PHE A CA  1 
ATOM   480  C C   . PHE A 1 68  ? 8.507   0.513   -6.989  1.00 65.05  ? 68   PHE A C   1 
ATOM   481  O O   . PHE A 1 68  ? 9.581   0.955   -7.417  1.00 67.87  ? 68   PHE A O   1 
ATOM   482  C CB  . PHE A 1 68  ? 6.596   2.125   -6.637  1.00 62.52  ? 68   PHE A CB  1 
ATOM   483  C CG  . PHE A 1 68  ? 5.728   2.904   -5.663  1.00 62.25  ? 68   PHE A CG  1 
ATOM   484  C CD1 . PHE A 1 68  ? 6.093   4.179   -5.243  1.00 64.36  ? 68   PHE A CD1 1 
ATOM   485  C CD2 . PHE A 1 68  ? 4.546   2.369   -5.182  1.00 57.98  ? 68   PHE A CD2 1 
ATOM   486  C CE1 . PHE A 1 68  ? 5.300   4.899   -4.354  1.00 60.35  ? 68   PHE A CE1 1 
ATOM   487  C CE2 . PHE A 1 68  ? 3.752   3.086   -4.295  1.00 61.77  ? 68   PHE A CE2 1 
ATOM   488  C CZ  . PHE A 1 68  ? 4.131   4.347   -3.880  1.00 63.10  ? 68   PHE A CZ  1 
ATOM   489  N N   . ILE A 1 69  ? 8.009   -0.661  -7.363  1.00 66.02  ? 69   ILE A N   1 
ATOM   490  C CA  . ILE A 1 69  ? 8.774   -1.595  -8.185  1.00 61.76  ? 69   ILE A CA  1 
ATOM   491  C C   . ILE A 1 69  ? 7.890   -2.179  -9.255  1.00 57.13  ? 69   ILE A C   1 
ATOM   492  O O   . ILE A 1 69  ? 7.222   -3.182  -9.036  1.00 61.73  ? 69   ILE A O   1 
ATOM   493  C CB  . ILE A 1 69  ? 9.384   -2.763  -7.340  1.00 65.22  ? 69   ILE A CB  1 
ATOM   494  C CG1 . ILE A 1 69  ? 10.399  -2.236  -6.322  1.00 61.85  ? 69   ILE A CG1 1 
ATOM   495  C CG2 . ILE A 1 69  ? 10.021  -3.816  -8.239  1.00 55.80  ? 69   ILE A CG2 1 
ATOM   496  C CD1 . ILE A 1 69  ? 9.823   -2.006  -4.955  1.00 59.36  ? 69   ILE A CD1 1 
ATOM   497  N N   . PRO A 1 70  ? 7.869   -1.550  -10.429 1.00 67.22  ? 70   PRO A N   1 
ATOM   498  C CA  . PRO A 1 70  ? 6.979   -2.057  -11.486 1.00 70.04  ? 70   PRO A CA  1 
ATOM   499  C C   . PRO A 1 70  ? 7.446   -3.358  -12.127 1.00 74.16  ? 70   PRO A C   1 
ATOM   500  O O   . PRO A 1 70  ? 8.609   -3.736  -11.983 1.00 70.82  ? 70   PRO A O   1 
ATOM   501  C CB  . PRO A 1 70  ? 6.971   -0.924  -12.516 1.00 72.20  ? 70   PRO A CB  1 
ATOM   502  C CG  . PRO A 1 70  ? 8.187   -0.079  -12.188 1.00 76.89  ? 70   PRO A CG  1 
ATOM   503  C CD  . PRO A 1 70  ? 8.384   -0.198  -10.714 1.00 67.69  ? 70   PRO A CD  1 
ATOM   504  N N   . LEU A 1 71  ? 6.523   -4.040  -12.806 1.00 78.05  ? 71   LEU A N   1 
ATOM   505  C CA  . LEU A 1 71  ? 6.871   -5.153  -13.683 1.00 80.68  ? 71   LEU A CA  1 
ATOM   506  C C   . LEU A 1 71  ? 7.525   -4.581  -14.935 1.00 87.85  ? 71   LEU A C   1 
ATOM   507  O O   . LEU A 1 71  ? 8.358   -5.219  -15.581 1.00 87.91  ? 71   LEU A O   1 
ATOM   508  C CB  . LEU A 1 71  ? 5.634   -5.976  -14.035 1.00 81.91  ? 71   LEU A CB  1 
ATOM   509  C CG  . LEU A 1 71  ? 4.943   -6.597  -12.812 1.00 82.63  ? 71   LEU A CG  1 
ATOM   510  C CD1 . LEU A 1 71  ? 3.840   -7.607  -13.208 1.00 63.77  ? 71   LEU A CD1 1 
ATOM   511  C CD2 . LEU A 1 71  ? 5.991   -7.220  -11.842 1.00 76.69  ? 71   LEU A CD2 1 
ATOM   512  N N   . SER A 1 72  ? 7.128   -3.344  -15.225 1.00 94.20  ? 72   SER A N   1 
ATOM   513  C CA  . SER A 1 72  ? 7.601   -2.496  -16.294 1.00 94.39  ? 72   SER A CA  1 
ATOM   514  C C   . SER A 1 72  ? 8.917   -1.906  -15.889 1.00 92.68  ? 72   SER A C   1 
ATOM   515  O O   . SER A 1 72  ? 9.600   -2.408  -15.018 1.00 88.68  ? 72   SER A O   1 
ATOM   516  C CB  . SER A 1 72  ? 6.589   -1.360  -16.510 1.00 91.53  ? 72   SER A CB  1 
ATOM   517  O OG  . SER A 1 72  ? 7.180   -0.139  -16.943 1.00 97.19  ? 72   SER A OG  1 
ATOM   518  N N   . THR A 1 73  ? 9.284   -0.856  -16.615 1.00 93.25  ? 73   THR A N   1 
ATOM   519  C CA  . THR A 1 73  ? 10.433  -0.035  -16.298 1.00 94.08  ? 73   THR A CA  1 
ATOM   520  C C   . THR A 1 73  ? 9.919   1.209   -15.567 1.00 92.68  ? 73   THR A C   1 
ATOM   521  O O   . THR A 1 73  ? 10.572  1.717   -14.661 1.00 92.69  ? 73   THR A O   1 
ATOM   522  C CB  . THR A 1 73  ? 11.218  0.361   -17.579 1.00 100.60 ? 73   THR A CB  1 
ATOM   523  O OG1 . THR A 1 73  ? 10.655  1.552   -18.143 1.00 107.46 ? 73   THR A OG1 1 
ATOM   524  C CG2 . THR A 1 73  ? 11.161  -0.762  -18.635 1.00 92.58  ? 73   THR A CG2 1 
ATOM   525  N N   . ASN A 1 74  ? 8.722   1.663   -15.948 1.00 91.64  ? 74   ASN A N   1 
ATOM   526  C CA  . ASN A 1 74  ? 8.087   2.856   -15.362 1.00 91.16  ? 74   ASN A CA  1 
ATOM   527  C C   . ASN A 1 74  ? 6.817   2.596   -14.531 1.00 84.44  ? 74   ASN A C   1 
ATOM   528  O O   . ASN A 1 74  ? 6.085   1.629   -14.753 1.00 83.16  ? 74   ASN A O   1 
ATOM   529  C CB  . ASN A 1 74  ? 7.737   3.850   -16.470 1.00 90.87  ? 74   ASN A CB  1 
ATOM   530  C CG  . ASN A 1 74  ? 8.963   4.485   -17.098 1.00 96.43  ? 74   ASN A CG  1 
ATOM   531  O OD1 . ASN A 1 74  ? 9.967   4.756   -16.428 1.00 96.12  ? 74   ASN A OD1 1 
ATOM   532  N ND2 . ASN A 1 74  ? 8.889   4.721   -18.403 1.00 102.96 ? 74   ASN A ND2 1 
ATOM   533  N N   . ILE A 1 75  ? 6.550   3.490   -13.587 1.00 82.62  ? 75   ILE A N   1 
ATOM   534  C CA  . ILE A 1 75  ? 5.397   3.359   -12.710 1.00 74.09  ? 75   ILE A CA  1 
ATOM   535  C C   . ILE A 1 75  ? 4.152   3.968   -13.347 1.00 69.45  ? 75   ILE A C   1 
ATOM   536  O O   . ILE A 1 75  ? 4.063   5.181   -13.481 1.00 71.49  ? 75   ILE A O   1 
ATOM   537  C CB  . ILE A 1 75  ? 5.675   4.029   -11.356 1.00 72.74  ? 75   ILE A CB  1 
ATOM   538  C CG1 . ILE A 1 75  ? 7.054   3.594   -10.834 1.00 67.12  ? 75   ILE A CG1 1 
ATOM   539  C CG2 . ILE A 1 75  ? 4.528   3.749   -10.371 1.00 71.84  ? 75   ILE A CG2 1 
ATOM   540  C CD1 . ILE A 1 75  ? 7.505   4.290   -9.570  1.00 62.46  ? 75   ILE A CD1 1 
ATOM   541  N N   . PHE A 1 76  ? 3.204   3.115   -13.731 1.00 72.07  ? 76   PHE A N   1 
ATOM   542  C CA  . PHE A 1 76  ? 1.946   3.525   -14.378 1.00 73.58  ? 76   PHE A CA  1 
ATOM   543  C C   . PHE A 1 76  ? 0.704   3.320   -13.520 1.00 71.98  ? 76   PHE A C   1 
ATOM   544  O O   . PHE A 1 76  ? 0.730   2.570   -12.560 1.00 73.48  ? 76   PHE A O   1 
ATOM   545  C CB  . PHE A 1 76  ? 1.738   2.748   -15.674 1.00 77.38  ? 76   PHE A CB  1 
ATOM   546  C CG  . PHE A 1 76  ? 2.677   3.133   -16.757 1.00 83.87  ? 76   PHE A CG  1 
ATOM   547  C CD1 . PHE A 1 76  ? 3.134   4.435   -16.852 1.00 82.10  ? 76   PHE A CD1 1 
ATOM   548  C CD2 . PHE A 1 76  ? 3.131   2.191   -17.664 1.00 85.42  ? 76   PHE A CD2 1 
ATOM   549  C CE1 . PHE A 1 76  ? 4.013   4.798   -17.844 1.00 85.19  ? 76   PHE A CE1 1 
ATOM   550  C CE2 . PHE A 1 76  ? 4.003   2.546   -18.661 1.00 86.57  ? 76   PHE A CE2 1 
ATOM   551  C CZ  . PHE A 1 76  ? 4.447   3.853   -18.752 1.00 88.50  ? 76   PHE A CZ  1 
ATOM   552  N N   . GLU A 1 77  ? -0.399  3.964   -13.885 1.00 72.56  ? 77   GLU A N   1 
ATOM   553  C CA  . GLU A 1 77  ? -1.673  3.631   -13.263 1.00 69.73  ? 77   GLU A CA  1 
ATOM   554  C C   . GLU A 1 77  ? -2.055  2.216   -13.664 1.00 68.12  ? 77   GLU A C   1 
ATOM   555  O O   . GLU A 1 77  ? -1.613  1.718   -14.699 1.00 67.79  ? 77   GLU A O   1 
ATOM   556  C CB  . GLU A 1 77  ? -2.782  4.614   -13.670 1.00 68.11  ? 77   GLU A CB  1 
ATOM   557  C CG  . GLU A 1 77  ? -2.656  6.011   -13.074 1.00 70.63  ? 77   GLU A CG  1 
ATOM   558  C CD  . GLU A 1 77  ? -3.730  6.972   -13.594 1.00 74.70  ? 77   GLU A CD  1 
ATOM   559  O OE1 . GLU A 1 77  ? -4.661  6.515   -14.315 1.00 71.05  ? 77   GLU A OE1 1 
ATOM   560  O OE2 . GLU A 1 77  ? -3.625  8.186   -13.295 1.00 64.81  ? 77   GLU A OE2 1 
ATOM   561  N N   . ASP A 1 78  ? -2.863  1.577   -12.824 1.00 67.04  ? 78   ASP A N   1 
ATOM   562  C CA  . ASP A 1 78  ? -3.521  0.319   -13.151 1.00 68.57  ? 78   ASP A CA  1 
ATOM   563  C C   . ASP A 1 78  ? -2.573  -0.763  -13.661 1.00 69.61  ? 78   ASP A C   1 
ATOM   564  O O   . ASP A 1 78  ? -2.908  -1.518  -14.584 1.00 71.49  ? 78   ASP A O   1 
ATOM   565  C CB  . ASP A 1 78  ? -4.623  0.554   -14.182 1.00 68.56  ? 78   ASP A CB  1 
ATOM   566  C CG  . ASP A 1 78  ? -5.647  -0.557  -14.178 1.00 80.27  ? 78   ASP A CG  1 
ATOM   567  O OD1 . ASP A 1 78  ? -5.599  -1.383  -13.234 1.00 80.22  ? 78   ASP A OD1 1 
ATOM   568  O OD2 . ASP A 1 78  ? -6.499  -0.605  -15.095 1.00 88.09  ? 78   ASP A OD2 1 
ATOM   569  N N   . GLN A 1 79  ? -1.397  -0.843  -13.048 1.00 66.73  ? 79   GLN A N   1 
ATOM   570  C CA  . GLN A 1 79  ? -0.426  -1.886  -13.400 1.00 73.42  ? 79   GLN A CA  1 
ATOM   571  C C   . GLN A 1 79  ? 0.236   -2.464  -12.151 1.00 61.14  ? 79   GLN A C   1 
ATOM   572  O O   . GLN A 1 79  ? 0.648   -1.710  -11.256 1.00 63.07  ? 79   GLN A O   1 
ATOM   573  C CB  . GLN A 1 79  ? 0.640   -1.333  -14.353 1.00 73.60  ? 79   GLN A CB  1 
ATOM   574  C CG  . GLN A 1 79  ? 0.211   -1.264  -15.830 1.00 75.95  ? 79   GLN A CG  1 
ATOM   575  C CD  . GLN A 1 79  ? 1.222   -0.490  -16.679 1.00 85.96  ? 79   GLN A CD  1 
ATOM   576  O OE1 . GLN A 1 79  ? 2.397   -0.348  -16.292 1.00 79.59  ? 79   GLN A OE1 1 
ATOM   577  N NE2 . GLN A 1 79  ? 0.769   0.028   -17.828 1.00 80.70  ? 79   GLN A NE2 1 
ATOM   578  N N   . LEU A 1 80  ? 0.338   -3.791  -12.094 1.00 57.87  ? 80   LEU A N   1 
ATOM   579  C CA  . LEU A 1 80  ? 0.857   -4.466  -10.895 1.00 56.51  ? 80   LEU A CA  1 
ATOM   580  C C   . LEU A 1 80  ? 2.207   -3.904  -10.495 1.00 55.41  ? 80   LEU A C   1 
ATOM   581  O O   . LEU A 1 80  ? 3.024   -3.533  -11.340 1.00 61.82  ? 80   LEU A O   1 
ATOM   582  C CB  . LEU A 1 80  ? 0.951   -5.968  -11.120 1.00 51.34  ? 80   LEU A CB  1 
ATOM   583  C CG  . LEU A 1 80  ? -0.398  -6.571  -11.515 1.00 57.82  ? 80   LEU A CG  1 
ATOM   584  C CD1 . LEU A 1 80  ? -0.265  -8.012  -12.002 1.00 49.21  ? 80   LEU A CD1 1 
ATOM   585  C CD2 . LEU A 1 80  ? -1.352  -6.488  -10.327 1.00 54.02  ? 80   LEU A CD2 1 
ATOM   586  N N   . LEU A 1 81  ? 2.426   -3.793  -9.200  1.00 55.53  ? 81   LEU A N   1 
ATOM   587  C CA  . LEU A 1 81  ? 3.708   -3.326  -8.712  1.00 58.03  ? 81   LEU A CA  1 
ATOM   588  C C   . LEU A 1 81  ? 3.916   -3.747  -7.261  1.00 55.80  ? 81   LEU A C   1 
ATOM   589  O O   . LEU A 1 81  ? 2.992   -4.154  -6.569  1.00 59.86  ? 81   LEU A O   1 
ATOM   590  C CB  . LEU A 1 81  ? 3.831   -1.800  -8.874  1.00 60.45  ? 81   LEU A CB  1 
ATOM   591  C CG  . LEU A 1 81  ? 2.897   -0.808  -8.146  1.00 66.27  ? 81   LEU A CG  1 
ATOM   592  C CD1 . LEU A 1 81  ? 3.336   -0.623  -6.693  1.00 58.52  ? 81   LEU A CD1 1 
ATOM   593  C CD2 . LEU A 1 81  ? 2.815   0.568   -8.849  1.00 48.62  ? 81   LEU A CD2 1 
ATOM   594  N N   . ASN A 1 82  ? 5.148   -3.656  -6.801  1.00 59.15  ? 82   ASN A N   1 
ATOM   595  C CA  . ASN A 1 82  ? 5.437   -3.938  -5.420  1.00 58.26  ? 82   ASN A CA  1 
ATOM   596  C C   . ASN A 1 82  ? 5.659   -2.634  -4.720  1.00 56.64  ? 82   ASN A C   1 
ATOM   597  O O   . ASN A 1 82  ? 6.086   -1.658  -5.341  1.00 58.48  ? 82   ASN A O   1 
ATOM   598  C CB  . ASN A 1 82  ? 6.658   -4.830  -5.293  1.00 55.52  ? 82   ASN A CB  1 
ATOM   599  C CG  . ASN A 1 82  ? 6.518   -6.087  -6.091  1.00 60.95  ? 82   ASN A CG  1 
ATOM   600  O OD1 . ASN A 1 82  ? 7.365   -6.396  -6.936  1.00 60.01  ? 82   ASN A OD1 1 
ATOM   601  N ND2 . ASN A 1 82  ? 5.420   -6.822  -5.851  1.00 57.26  ? 82   ASN A ND2 1 
ATOM   602  N N   . ILE A 1 83  ? 5.356   -2.619  -3.434  1.00 48.93  ? 83   ILE A N   1 
ATOM   603  C CA  . ILE A 1 83  ? 5.623   -1.470  -2.606  1.00 51.33  ? 83   ILE A CA  1 
ATOM   604  C C   . ILE A 1 83  ? 6.555   -1.936  -1.486  1.00 55.32  ? 83   ILE A C   1 
ATOM   605  O O   . ILE A 1 83  ? 6.416   -3.055  -0.994  1.00 57.52  ? 83   ILE A O   1 
ATOM   606  C CB  . ILE A 1 83  ? 4.316   -0.892  -2.043  1.00 53.82  ? 83   ILE A CB  1 
ATOM   607  C CG1 . ILE A 1 83  ? 3.288   -0.734  -3.172  1.00 53.44  ? 83   ILE A CG1 1 
ATOM   608  C CG2 . ILE A 1 83  ? 4.559   0.405   -1.271  1.00 51.27  ? 83   ILE A CG2 1 
ATOM   609  C CD1 . ILE A 1 83  ? 1.990   -0.191  -2.696  1.00 54.47  ? 83   ILE A CD1 1 
ATOM   610  N N   . GLN A 1 84  ? 7.497   -1.093  -1.089  1.00 49.46  ? 84   GLN A N   1 
ATOM   611  C CA  . GLN A 1 84  ? 8.447   -1.458  -0.058  1.00 56.46  ? 84   GLN A CA  1 
ATOM   612  C C   . GLN A 1 84  ? 8.875   -0.240  0.768   1.00 56.53  ? 84   GLN A C   1 
ATOM   613  O O   . GLN A 1 84  ? 9.296   0.763   0.215   1.00 59.36  ? 84   GLN A O   1 
ATOM   614  C CB  . GLN A 1 84  ? 9.674   -2.128  -0.694  1.00 57.95  ? 84   GLN A CB  1 
ATOM   615  C CG  . GLN A 1 84  ? 10.814  -2.395  0.268   1.00 59.59  ? 84   GLN A CG  1 
ATOM   616  C CD  . GLN A 1 84  ? 12.053  -2.948  -0.430  1.00 69.11  ? 84   GLN A CD  1 
ATOM   617  O OE1 . GLN A 1 84  ? 12.215  -2.814  -1.649  1.00 74.06  ? 84   GLN A OE1 1 
ATOM   618  N NE2 . GLN A 1 84  ? 12.922  -3.592  0.340   1.00 68.28  ? 84   GLN A NE2 1 
ATOM   619  N N   . PHE A 1 85  ? 8.766   -0.320  2.090   1.00 56.90  ? 85   PHE A N   1 
ATOM   620  C CA  . PHE A 1 85  ? 9.244   0.774   2.909   1.00 58.76  ? 85   PHE A CA  1 
ATOM   621  C C   . PHE A 1 85  ? 10.718  0.949   2.623   1.00 62.80  ? 85   PHE A C   1 
ATOM   622  O O   . PHE A 1 85  ? 11.444  -0.026  2.526   1.00 63.18  ? 85   PHE A O   1 
ATOM   623  C CB  . PHE A 1 85  ? 8.999   0.514   4.386   1.00 53.82  ? 85   PHE A CB  1 
ATOM   624  C CG  . PHE A 1 85  ? 7.559   0.598   4.772   1.00 63.31  ? 85   PHE A CG  1 
ATOM   625  C CD1 . PHE A 1 85  ? 6.921   1.827   4.835   1.00 61.43  ? 85   PHE A CD1 1 
ATOM   626  C CD2 . PHE A 1 85  ? 6.831   -0.549  5.054   1.00 64.24  ? 85   PHE A CD2 1 
ATOM   627  C CE1 . PHE A 1 85  ? 5.599   1.913   5.194   1.00 57.78  ? 85   PHE A CE1 1 
ATOM   628  C CE2 . PHE A 1 85  ? 5.496   -0.472  5.418   1.00 60.91  ? 85   PHE A CE2 1 
ATOM   629  C CZ  . PHE A 1 85  ? 4.879   0.757   5.487   1.00 62.06  ? 85   PHE A CZ  1 
ATOM   630  N N   . ASN A 1 86  ? 11.155  2.190   2.448   1.00 67.88  ? 86   ASN A N   1 
ATOM   631  C CA  . ASN A 1 86  ? 12.539  2.447   2.098   1.00 64.19  ? 86   ASN A CA  1 
ATOM   632  C C   . ASN A 1 86  ? 13.285  3.003   3.275   1.00 73.10  ? 86   ASN A C   1 
ATOM   633  O O   . ASN A 1 86  ? 13.537  4.203   3.343   1.00 81.90  ? 86   ASN A O   1 
ATOM   634  C CB  . ASN A 1 86  ? 12.632  3.414   0.931   1.00 64.67  ? 86   ASN A CB  1 
ATOM   635  C CG  . ASN A 1 86  ? 13.968  3.340   0.226   1.00 79.63  ? 86   ASN A CG  1 
ATOM   636  O OD1 . ASN A 1 86  ? 15.003  3.089   0.849   1.00 80.08  ? 86   ASN A OD1 1 
ATOM   637  N ND2 . ASN A 1 86  ? 13.955  3.553   -1.086  1.00 82.90  ? 86   ASN A ND2 1 
ATOM   638  N N   . ILE A 1 87  ? 13.640  2.133   4.208   1.00 72.58  ? 87   ILE A N   1 
ATOM   639  C CA  . ILE A 1 87  ? 14.343  2.577   5.395   1.00 74.45  ? 87   ILE A CA  1 
ATOM   640  C C   . ILE A 1 87  ? 15.466  1.622   5.798   1.00 76.55  ? 87   ILE A C   1 
ATOM   641  O O   . ILE A 1 87  ? 15.369  0.421   5.586   1.00 75.98  ? 87   ILE A O   1 
ATOM   642  C CB  . ILE A 1 87  ? 13.358  2.765   6.562   1.00 72.34  ? 87   ILE A CB  1 
ATOM   643  C CG1 . ILE A 1 87  ? 12.185  1.789   6.450   1.00 69.11  ? 87   ILE A CG1 1 
ATOM   644  C CG2 . ILE A 1 87  ? 12.812  4.174   6.534   1.00 74.38  ? 87   ILE A CG2 1 
ATOM   645  C CD1 . ILE A 1 87  ? 12.517  0.369   6.798   1.00 69.83  ? 87   ILE A CD1 1 
ATOM   646  N N   . PRO A 1 88  ? 16.557  2.169   6.360   1.00 83.55  ? 88   PRO A N   1 
ATOM   647  C CA  . PRO A 1 88  ? 17.566  1.289   6.954   1.00 81.36  ? 88   PRO A CA  1 
ATOM   648  C C   . PRO A 1 88  ? 16.956  0.475   8.077   1.00 81.96  ? 88   PRO A C   1 
ATOM   649  O O   . PRO A 1 88  ? 16.151  0.968   8.870   1.00 79.69  ? 88   PRO A O   1 
ATOM   650  C CB  . PRO A 1 88  ? 18.628  2.258   7.481   1.00 75.55  ? 88   PRO A CB  1 
ATOM   651  C CG  . PRO A 1 88  ? 17.911  3.570   7.613   1.00 75.09  ? 88   PRO A CG  1 
ATOM   652  C CD  . PRO A 1 88  ? 16.911  3.592   6.500   1.00 79.69  ? 88   PRO A CD  1 
ATOM   653  N N   . THR A 1 89  ? 17.343  -0.786  8.135   1.00 85.85  ? 89   THR A N   1 
ATOM   654  C CA  . THR A 1 89  ? 16.743  -1.711  9.067   1.00 86.82  ? 89   THR A CA  1 
ATOM   655  C C   . THR A 1 89  ? 17.836  -2.404  9.908   1.00 90.30  ? 89   THR A C   1 
ATOM   656  O O   . THR A 1 89  ? 18.987  -2.506  9.471   1.00 87.00  ? 89   THR A O   1 
ATOM   657  C CB  . THR A 1 89  ? 15.923  -2.767  8.308   1.00 85.69  ? 89   THR A CB  1 
ATOM   658  O OG1 . THR A 1 89  ? 15.153  -3.531  9.237   1.00 89.43  ? 89   THR A OG1 1 
ATOM   659  C CG2 . THR A 1 89  ? 16.865  -3.705  7.590   1.00 80.96  ? 89   THR A CG2 1 
ATOM   660  N N   . VAL A 1 90  ? 17.491  -2.855  11.116  1.00 92.07  ? 90   VAL A N   1 
ATOM   661  C CA  . VAL A 1 90  ? 18.306  -3.866  11.793  1.00 88.91  ? 90   VAL A CA  1 
ATOM   662  C C   . VAL A 1 90  ? 18.083  -5.139  11.000  1.00 90.47  ? 90   VAL A C   1 
ATOM   663  O O   . VAL A 1 90  ? 17.010  -5.331  10.424  1.00 94.26  ? 90   VAL A O   1 
ATOM   664  C CB  . VAL A 1 90  ? 17.927  -4.054  13.274  1.00 91.21  ? 90   VAL A CB  1 
ATOM   665  C CG1 . VAL A 1 90  ? 16.563  -4.771  13.425  1.00 84.12  ? 90   VAL A CG1 1 
ATOM   666  C CG2 . VAL A 1 90  ? 19.031  -4.792  13.991  1.00 97.17  ? 90   VAL A CG2 1 
ATOM   667  N N   . LYS A 1 91  ? 19.078  -6.013  10.949  1.00 90.32  ? 91   LYS A N   1 
ATOM   668  C CA  . LYS A 1 91  ? 19.114  -6.972  9.848   1.00 93.97  ? 91   LYS A CA  1 
ATOM   669  C C   . LYS A 1 91  ? 18.497  -8.340  10.151  1.00 89.76  ? 91   LYS A C   1 
ATOM   670  O O   . LYS A 1 91  ? 18.723  -9.294  9.402   1.00 91.05  ? 91   LYS A O   1 
ATOM   671  C CB  . LYS A 1 91  ? 20.554  -7.146  9.333   1.00 90.43  ? 91   LYS A CB  1 
ATOM   672  C CG  . LYS A 1 91  ? 21.334  -5.840  9.177   1.00 95.19  ? 91   LYS A CG  1 
ATOM   673  C CD  . LYS A 1 91  ? 21.958  -5.354  10.476  1.00 98.36  ? 91   LYS A CD  1 
ATOM   674  C CE  . LYS A 1 91  ? 22.722  -4.061  10.277  1.00 88.36  ? 91   LYS A CE  1 
ATOM   675  N NZ  . LYS A 1 91  ? 23.366  -3.627  11.557  1.00 91.43  ? 91   LYS A NZ  1 
ATOM   676  N N   . LEU A 1 92  ? 17.700  -8.433  11.213  1.00 85.76  ? 92   LEU A N   1 
ATOM   677  C CA  . LEU A 1 92  ? 16.687  -9.483  11.254  1.00 93.75  ? 92   LEU A CA  1 
ATOM   678  C C   . LEU A 1 92  ? 15.572  -9.079  10.255  1.00 90.93  ? 92   LEU A C   1 
ATOM   679  O O   . LEU A 1 92  ? 15.229  -9.827  9.323   1.00 83.03  ? 92   LEU A O   1 
ATOM   680  C CB  . LEU A 1 92  ? 16.130  -9.683  12.675  1.00 92.72  ? 92   LEU A CB  1 
ATOM   681  C CG  . LEU A 1 92  ? 16.831  -10.626 13.671  1.00 89.98  ? 92   LEU A CG  1 
ATOM   682  C CD1 . LEU A 1 92  ? 18.343  -10.390 13.698  1.00 98.78  ? 92   LEU A CD1 1 
ATOM   683  C CD2 . LEU A 1 92  ? 16.244  -10.514 15.079  1.00 84.79  ? 92   LEU A CD2 1 
ATOM   684  N N   . CYS A 1 93  ? 15.075  -7.850  10.433  1.00 93.77  ? 93   CYS A N   1 
ATOM   685  C CA  . CYS A 1 93  ? 13.905  -7.309  9.726   1.00 85.03  ? 93   CYS A CA  1 
ATOM   686  C C   . CYS A 1 93  ? 14.130  -6.896  8.264   1.00 80.77  ? 93   CYS A C   1 
ATOM   687  O O   . CYS A 1 93  ? 13.186  -6.493  7.571   1.00 77.08  ? 93   CYS A O   1 
ATOM   688  C CB  . CYS A 1 93  ? 13.376  -6.105  10.504  1.00 83.93  ? 93   CYS A CB  1 
ATOM   689  S SG  . CYS A 1 93  ? 13.261  -6.392  12.284  1.00 85.58  ? 93   CYS A SG  1 
ATOM   690  N N   . VAL A 1 94  ? 15.371  -7.014  7.803   1.00 79.93  ? 94   VAL A N   1 
ATOM   691  C CA  . VAL A 1 94  ? 15.760  -6.695  6.429   1.00 81.19  ? 94   VAL A CA  1 
ATOM   692  C C   . VAL A 1 94  ? 14.748  -7.182  5.371   1.00 79.29  ? 94   VAL A C   1 
ATOM   693  O O   . VAL A 1 94  ? 14.629  -6.609  4.282   1.00 70.97  ? 94   VAL A O   1 
ATOM   694  C CB  . VAL A 1 94  ? 17.185  -7.264  6.157   1.00 86.53  ? 94   VAL A CB  1 
ATOM   695  C CG1 . VAL A 1 94  ? 17.310  -8.715  6.651   1.00 87.46  ? 94   VAL A CG1 1 
ATOM   696  C CG2 . VAL A 1 94  ? 17.552  -7.156  4.696   1.00 85.51  ? 94   VAL A CG2 1 
ATOM   697  N N   . SER A 1 95  ? 13.975  -8.204  5.730   1.00 85.22  ? 95   SER A N   1 
ATOM   698  C CA  . SER A 1 95  ? 12.912  -8.725  4.875   1.00 84.70  ? 95   SER A CA  1 
ATOM   699  C C   . SER A 1 95  ? 11.595  -7.978  5.050   1.00 79.34  ? 95   SER A C   1 
ATOM   700  O O   . SER A 1 95  ? 10.840  -7.786  4.076   1.00 78.78  ? 95   SER A O   1 
ATOM   701  C CB  . SER A 1 95  ? 12.692  -10.213 5.156   1.00 80.00  ? 95   SER A CB  1 
ATOM   702  O OG  . SER A 1 95  ? 13.867  -10.958 4.884   1.00 79.97  ? 95   SER A OG  1 
ATOM   703  N N   . TYR A 1 96  ? 11.336  -7.552  6.288   1.00 70.89  ? 96   TYR A N   1 
ATOM   704  C CA  . TYR A 1 96  ? 10.016  -7.050  6.685   1.00 70.19  ? 96   TYR A CA  1 
ATOM   705  C C   . TYR A 1 96  ? 9.719   -5.612  6.269   1.00 66.82  ? 96   TYR A C   1 
ATOM   706  O O   . TYR A 1 96  ? 9.144   -4.836  7.047   1.00 62.13  ? 96   TYR A O   1 
ATOM   707  C CB  . TYR A 1 96  ? 9.863   -7.167  8.193   1.00 69.99  ? 96   TYR A CB  1 
ATOM   708  C CG  . TYR A 1 96  ? 9.421   -8.533  8.647   1.00 75.38  ? 96   TYR A CG  1 
ATOM   709  C CD1 . TYR A 1 96  ? 8.094   -8.923  8.527   1.00 75.16  ? 96   TYR A CD1 1 
ATOM   710  C CD2 . TYR A 1 96  ? 10.327  -9.440  9.191   1.00 77.82  ? 96   TYR A CD2 1 
ATOM   711  C CE1 . TYR A 1 96  ? 7.673   -10.171 8.953   1.00 74.74  ? 96   TYR A CE1 1 
ATOM   712  C CE2 . TYR A 1 96  ? 9.916   -10.691 9.615   1.00 78.46  ? 96   TYR A CE2 1 
ATOM   713  C CZ  . TYR A 1 96  ? 8.584   -11.048 9.497   1.00 76.94  ? 96   TYR A CZ  1 
ATOM   714  O OH  . TYR A 1 96  ? 8.158   -12.287 9.914   1.00 81.81  ? 96   TYR A OH  1 
ATOM   715  N N   . THR A 1 97  ? 10.099  -5.273  5.040   1.00 67.73  ? 97   THR A N   1 
ATOM   716  C CA  . THR A 1 97  ? 9.840   -3.959  4.470   1.00 63.83  ? 97   THR A CA  1 
ATOM   717  C C   . THR A 1 97  ? 8.993   -4.028  3.198   1.00 63.29  ? 97   THR A C   1 
ATOM   718  O O   . THR A 1 97  ? 8.463   -3.012  2.748   1.00 65.39  ? 97   THR A O   1 
ATOM   719  C CB  . THR A 1 97  ? 11.131  -3.236  4.107   1.00 62.71  ? 97   THR A CB  1 
ATOM   720  O OG1 . THR A 1 97  ? 11.721  -3.886  2.969   1.00 57.97  ? 97   THR A OG1 1 
ATOM   721  C CG2 . THR A 1 97  ? 12.104  -3.216  5.286   1.00 65.32  ? 97   THR A CG2 1 
ATOM   722  N N   . ILE A 1 98  ? 8.873   -5.203  2.599   1.00 55.41  ? 98   ILE A N   1 
ATOM   723  C CA  . ILE A 1 98  ? 8.148   -5.292  1.351   1.00 54.52  ? 98   ILE A CA  1 
ATOM   724  C C   . ILE A 1 98  ? 6.679   -5.523  1.608   1.00 56.74  ? 98   ILE A C   1 
ATOM   725  O O   . ILE A 1 98  ? 6.329   -6.430  2.339   1.00 62.03  ? 98   ILE A O   1 
ATOM   726  C CB  . ILE A 1 98  ? 8.711   -6.396  0.469   1.00 55.67  ? 98   ILE A CB  1 
ATOM   727  C CG1 . ILE A 1 98  ? 10.174  -6.079  0.160   1.00 57.87  ? 98   ILE A CG1 1 
ATOM   728  C CG2 . ILE A 1 98  ? 7.893   -6.546  -0.834  1.00 51.46  ? 98   ILE A CG2 1 
ATOM   729  C CD1 . ILE A 1 98  ? 10.680  -6.779  -1.059  1.00 54.13  ? 98   ILE A CD1 1 
ATOM   730  N N   . TRP A 1 99  ? 5.818   -4.698  1.012   1.00 60.69  ? 99   TRP A N   1 
ATOM   731  C CA  . TRP A 1 99  ? 4.377   -4.767  1.286   1.00 58.05  ? 99   TRP A CA  1 
ATOM   732  C C   . TRP A 1 99  ? 3.777   -6.061  0.798   1.00 52.23  ? 99   TRP A C   1 
ATOM   733  O O   . TRP A 1 99  ? 4.261   -6.651  -0.143  1.00 55.20  ? 99   TRP A O   1 
ATOM   734  C CB  . TRP A 1 99  ? 3.628   -3.609  0.643   1.00 56.29  ? 99   TRP A CB  1 
ATOM   735  C CG  . TRP A 1 99  ? 3.834   -2.293  1.304   1.00 54.64  ? 99   TRP A CG  1 
ATOM   736  C CD1 . TRP A 1 99  ? 4.926   -1.884  2.002   1.00 54.55  ? 99   TRP A CD1 1 
ATOM   737  C CD2 . TRP A 1 99  ? 2.901   -1.216  1.322   1.00 54.42  ? 99   TRP A CD2 1 
ATOM   738  N NE1 . TRP A 1 99  ? 4.726   -0.605  2.470   1.00 57.26  ? 99   TRP A NE1 1 
ATOM   739  C CE2 . TRP A 1 99  ? 3.502   -0.166  2.062   1.00 55.49  ? 99   TRP A CE2 1 
ATOM   740  C CE3 . TRP A 1 99  ? 1.626   -1.021  0.787   1.00 50.89  ? 99   TRP A CE3 1 
ATOM   741  C CZ2 . TRP A 1 99  ? 2.863   1.059   2.266   1.00 56.19  ? 99   TRP A CZ2 1 
ATOM   742  C CZ3 . TRP A 1 99  ? 0.989   0.200   0.992   1.00 55.10  ? 99   TRP A CZ3 1 
ATOM   743  C CH2 . TRP A 1 99  ? 1.610   1.222   1.732   1.00 53.78  ? 99   TRP A CH2 1 
ATOM   744  N N   . LYS A 1 100 ? 2.685   -6.458  1.431   1.00 59.39  ? 100  LYS A N   1 
ATOM   745  C CA  . LYS A 1 100 ? 2.079   -7.773  1.265   1.00 54.87  ? 100  LYS A CA  1 
ATOM   746  C C   . LYS A 1 100 ? 0.639   -7.670  1.777   1.00 51.98  ? 100  LYS A C   1 
ATOM   747  O O   . LYS A 1 100 ? 0.342   -6.816  2.598   1.00 54.71  ? 100  LYS A O   1 
ATOM   748  C CB  . LYS A 1 100 ? 2.889   -8.811  2.052   1.00 59.96  ? 100  LYS A CB  1 
ATOM   749  C CG  . LYS A 1 100 ? 2.262   -10.177 2.186   1.00 63.48  ? 100  LYS A CG  1 
ATOM   750  C CD  . LYS A 1 100 ? 2.961   -11.000 3.245   1.00 57.96  ? 100  LYS A CD  1 
ATOM   751  C CE  . LYS A 1 100 ? 2.334   -12.386 3.281   1.00 70.00  ? 100  LYS A CE  1 
ATOM   752  N NZ  . LYS A 1 100 ? 2.248   -12.929 4.671   1.00 74.87  ? 100  LYS A NZ  1 
ATOM   753  N N   . VAL A 1 101 ? -0.257  -8.511  1.293   1.00 50.07  ? 101  VAL A N   1 
ATOM   754  C CA  . VAL A 1 101 ? -1.576  -8.613  1.899   1.00 53.23  ? 101  VAL A CA  1 
ATOM   755  C C   . VAL A 1 101 ? -1.688  -9.965  2.665   1.00 60.82  ? 101  VAL A C   1 
ATOM   756  O O   . VAL A 1 101 ? -1.278  -11.029 2.173   1.00 55.64  ? 101  VAL A O   1 
ATOM   757  C CB  . VAL A 1 101 ? -2.676  -8.414  0.814   1.00 56.78  ? 101  VAL A CB  1 
ATOM   758  C CG1 . VAL A 1 101 ? -3.567  -9.632  0.639   1.00 56.56  ? 101  VAL A CG1 1 
ATOM   759  C CG2 . VAL A 1 101 ? -3.496  -7.203  1.162   1.00 56.25  ? 101  VAL A CG2 1 
ATOM   760  N N   . GLY A 1 102 ? -2.202  -9.903  3.893   1.00 60.44  ? 102  GLY A N   1 
ATOM   761  C CA  . GLY A 1 102 ? -2.141  -11.026 4.810   1.00 49.93  ? 102  GLY A CA  1 
ATOM   762  C C   . GLY A 1 102 ? -3.146  -12.119 4.512   1.00 53.80  ? 102  GLY A C   1 
ATOM   763  O O   . GLY A 1 102 ? -3.835  -12.087 3.485   1.00 54.89  ? 102  GLY A O   1 
ATOM   764  N N   . ASN A 1 103 ? -3.226  -13.099 5.412   1.00 53.65  ? 103  ASN A N   1 
ATOM   765  C CA  . ASN A 1 103 ? -4.290  -14.104 5.358   1.00 49.94  ? 103  ASN A CA  1 
ATOM   766  C C   . ASN A 1 103 ? -5.596  -13.496 5.783   1.00 49.33  ? 103  ASN A C   1 
ATOM   767  O O   . ASN A 1 103 ? -5.626  -12.456 6.429   1.00 53.23  ? 103  ASN A O   1 
ATOM   768  C CB  . ASN A 1 103 ? -3.963  -15.299 6.242   1.00 48.99  ? 103  ASN A CB  1 
ATOM   769  C CG  . ASN A 1 103 ? -2.789  -16.088 5.708   1.00 54.07  ? 103  ASN A CG  1 
ATOM   770  O OD1 . ASN A 1 103 ? -2.793  -16.502 4.543   1.00 61.47  ? 103  ASN A OD1 1 
ATOM   771  N ND2 . ASN A 1 103 ? -1.755  -16.247 6.523   1.00 46.22  ? 103  ASN A ND2 1 
ATOM   772  N N   . LEU A 1 104 ? -6.684  -14.135 5.404   1.00 50.99  ? 104  LEU A N   1 
ATOM   773  C CA  . LEU A 1 104 ? -7.981  -13.633 5.781   1.00 51.13  ? 104  LEU A CA  1 
ATOM   774  C C   . LEU A 1 104 ? -8.061  -13.552 7.313   1.00 56.15  ? 104  LEU A C   1 
ATOM   775  O O   . LEU A 1 104 ? -7.655  -14.471 8.015   1.00 53.53  ? 104  LEU A O   1 
ATOM   776  C CB  . LEU A 1 104 ? -9.074  -14.525 5.196   1.00 49.57  ? 104  LEU A CB  1 
ATOM   777  C CG  . LEU A 1 104 ? -10.505 -14.317 5.697   1.00 56.60  ? 104  LEU A CG  1 
ATOM   778  C CD1 . LEU A 1 104 ? -10.926 -12.865 5.575   1.00 52.13  ? 104  LEU A CD1 1 
ATOM   779  C CD2 . LEU A 1 104 ? -11.473 -15.223 4.945   1.00 56.08  ? 104  LEU A CD2 1 
ATOM   780  N N   . ASN A 1 105 ? -8.538  -12.417 7.806   1.00 53.64  ? 105  ASN A N   1 
ATOM   781  C CA  . ASN A 1 105 ? -8.730  -12.166 9.218   1.00 46.64  ? 105  ASN A CA  1 
ATOM   782  C C   . ASN A 1 105 ? -10.221 -12.196 9.514   1.00 52.50  ? 105  ASN A C   1 
ATOM   783  O O   . ASN A 1 105 ? -10.949 -11.325 9.041   1.00 49.29  ? 105  ASN A O   1 
ATOM   784  C CB  . ASN A 1 105 ? -8.119  -10.807 9.570   1.00 54.32  ? 105  ASN A CB  1 
ATOM   785  C CG  . ASN A 1 105 ? -8.444  -10.332 10.987  1.00 52.81  ? 105  ASN A CG  1 
ATOM   786  O OD1 . ASN A 1 105 ? -9.603  -10.081 11.351  1.00 53.71  ? 105  ASN A OD1 1 
ATOM   787  N ND2 . ASN A 1 105 ? -7.404  -10.142 11.769  1.00 49.45  ? 105  ASN A ND2 1 
ATOM   788  N N   . ALA A 1 106 ? -10.668 -13.169 10.317  1.00 56.49  ? 106  ALA A N   1 
ATOM   789  C CA  . ALA A 1 106 ? -12.099 -13.418 10.534  1.00 48.58  ? 106  ALA A CA  1 
ATOM   790  C C   . ALA A 1 106 ? -12.774 -12.304 11.281  1.00 53.69  ? 106  ALA A C   1 
ATOM   791  O O   . ALA A 1 106 ? -13.976 -12.052 11.089  1.00 58.95  ? 106  ALA A O   1 
ATOM   792  C CB  . ALA A 1 106 ? -12.318 -14.724 11.283  1.00 50.37  ? 106  ALA A CB  1 
ATOM   793  N N   . TYR A 1 107 ? -12.035 -11.637 12.149  1.00 51.30  ? 107  TYR A N   1 
ATOM   794  C CA  . TYR A 1 107 ? -12.669 -10.579 12.939  1.00 58.02  ? 107  TYR A CA  1 
ATOM   795  C C   . TYR A 1 107 ? -13.070 -9.434  12.034  1.00 55.61  ? 107  TYR A C   1 
ATOM   796  O O   . TYR A 1 107 ? -14.207 -8.944  12.090  1.00 60.42  ? 107  TYR A O   1 
ATOM   797  C CB  . TYR A 1 107 ? -11.738 -10.098 14.049  1.00 54.16  ? 107  TYR A CB  1 
ATOM   798  C CG  . TYR A 1 107 ? -12.230 -8.920  14.847  1.00 59.91  ? 107  TYR A CG  1 
ATOM   799  C CD1 . TYR A 1 107 ? -13.265 -9.051  15.768  1.00 61.39  ? 107  TYR A CD1 1 
ATOM   800  C CD2 . TYR A 1 107 ? -11.636 -7.672  14.703  1.00 60.40  ? 107  TYR A CD2 1 
ATOM   801  C CE1 . TYR A 1 107 ? -13.699 -7.957  16.524  1.00 66.85  ? 107  TYR A CE1 1 
ATOM   802  C CE2 . TYR A 1 107 ? -12.061 -6.583  15.444  1.00 59.61  ? 107  TYR A CE2 1 
ATOM   803  C CZ  . TYR A 1 107 ? -13.084 -6.726  16.351  1.00 66.18  ? 107  TYR A CZ  1 
ATOM   804  O OH  . TYR A 1 107 ? -13.477 -5.624  17.070  1.00 67.02  ? 107  TYR A OH  1 
ATOM   805  N N   . PHE A 1 108 ? -12.125 -9.022  11.193  1.00 57.92  ? 108  PHE A N   1 
ATOM   806  C CA  . PHE A 1 108 ? -12.343 -7.922  10.252  1.00 55.52  ? 108  PHE A CA  1 
ATOM   807  C C   . PHE A 1 108 ? -12.941 -8.395  8.933   1.00 52.89  ? 108  PHE A C   1 
ATOM   808  O O   . PHE A 1 108 ? -13.363 -7.583  8.134   1.00 58.01  ? 108  PHE A O   1 
ATOM   809  C CB  . PHE A 1 108 ? -11.035 -7.196  9.965   1.00 50.67  ? 108  PHE A CB  1 
ATOM   810  C CG  . PHE A 1 108 ? -10.526 -6.368  11.102  1.00 52.03  ? 108  PHE A CG  1 
ATOM   811  C CD1 . PHE A 1 108 ? -11.218 -5.244  11.523  1.00 53.44  ? 108  PHE A CD1 1 
ATOM   812  C CD2 . PHE A 1 108 ? -9.328  -6.687  11.722  1.00 56.07  ? 108  PHE A CD2 1 
ATOM   813  C CE1 . PHE A 1 108 ? -10.737 -4.462  12.543  1.00 47.29  ? 108  PHE A CE1 1 
ATOM   814  C CE2 . PHE A 1 108 ? -8.841  -5.916  12.761  1.00 52.41  ? 108  PHE A CE2 1 
ATOM   815  C CZ  . PHE A 1 108 ? -9.549  -4.796  13.166  1.00 53.38  ? 108  PHE A CZ  1 
ATOM   816  N N   . ARG A 1 109 ? -12.963 -9.706  8.702   1.00 57.01  ? 109  ARG A N   1 
ATOM   817  C CA  . ARG A 1 109 ? -13.525 -10.268 7.475   1.00 53.93  ? 109  ARG A CA  1 
ATOM   818  C C   . ARG A 1 109 ? -12.862 -9.691  6.215   1.00 51.16  ? 109  ARG A C   1 
ATOM   819  O O   . ARG A 1 109 ? -13.508 -9.468  5.203   1.00 58.09  ? 109  ARG A O   1 
ATOM   820  C CB  . ARG A 1 109 ? -15.041 -10.045 7.435   1.00 56.08  ? 109  ARG A CB  1 
ATOM   821  C CG  . ARG A 1 109 ? -15.869 -11.238 7.953   1.00 63.52  ? 109  ARG A CG  1 
ATOM   822  C CD  . ARG A 1 109 ? -17.132 -10.811 8.722   1.00 66.79  ? 109  ARG A CD  1 
ATOM   823  N NE  . ARG A 1 109 ? -18.117 -10.114 7.898   1.00 60.02  ? 109  ARG A NE  1 
ATOM   824  C CZ  . ARG A 1 109 ? -19.247 -9.583  8.365   1.00 73.31  ? 109  ARG A CZ  1 
ATOM   825  N NH1 . ARG A 1 109 ? -19.555 -9.663  9.663   1.00 75.75  ? 109  ARG A NH1 1 
ATOM   826  N NH2 . ARG A 1 109 ? -20.082 -8.974  7.530   1.00 76.53  ? 109  ARG A NH2 1 
ATOM   827  N N   . THR A 1 110 ? -11.564 -9.464  6.280   1.00 46.55  ? 110  THR A N   1 
ATOM   828  C CA  . THR A 1 110 ? -10.837 -8.972  5.131   1.00 53.74  ? 110  THR A CA  1 
ATOM   829  C C   . THR A 1 110 ? -9.385  -9.314  5.366   1.00 54.13  ? 110  THR A C   1 
ATOM   830  O O   . THR A 1 110 ? -9.053  -9.854  6.422   1.00 53.78  ? 110  THR A O   1 
ATOM   831  C CB  . THR A 1 110 ? -10.994 -7.436  4.917   1.00 49.17  ? 110  THR A CB  1 
ATOM   832  O OG1 . THR A 1 110 ? -10.630 -7.111  3.576   1.00 54.68  ? 110  THR A OG1 1 
ATOM   833  C CG2 . THR A 1 110 ? -10.095 -6.648  5.844   1.00 42.07  ? 110  THR A CG2 1 
ATOM   834  N N   . MET A 1 111 ? -8.530  -8.992  4.398   1.00 49.16  ? 111  MET A N   1 
ATOM   835  C CA  . MET A 1 111 ? -7.110  -9.171  4.563   1.00 45.20  ? 111  MET A CA  1 
ATOM   836  C C   . MET A 1 111 ? -6.483  -7.849  4.918   1.00 51.01  ? 111  MET A C   1 
ATOM   837  O O   . MET A 1 111 ? -6.955  -6.796  4.490   1.00 57.13  ? 111  MET A O   1 
ATOM   838  C CB  . MET A 1 111 ? -6.496  -9.732  3.288   1.00 48.45  ? 111  MET A CB  1 
ATOM   839  C CG  . MET A 1 111 ? -7.251  -10.916 2.753   1.00 50.98  ? 111  MET A CG  1 
ATOM   840  S SD  . MET A 1 111 ? -6.422  -11.712 1.360   1.00 58.72  ? 111  MET A SD  1 
ATOM   841  C CE  . MET A 1 111 ? -7.831  -11.982 0.287   1.00 59.50  ? 111  MET A CE  1 
ATOM   842  N N   . LEU A 1 112 ? -5.405  -7.893  5.680   1.00 47.78  ? 112  LEU A N   1 
ATOM   843  C CA  . LEU A 1 112 ? -4.767  -6.679  6.124   1.00 48.03  ? 112  LEU A CA  1 
ATOM   844  C C   . LEU A 1 112 ? -3.418  -6.523  5.466   1.00 56.69  ? 112  LEU A C   1 
ATOM   845  O O   . LEU A 1 112 ? -2.790  -7.509  5.061   1.00 56.25  ? 112  LEU A O   1 
ATOM   846  C CB  . LEU A 1 112 ? -4.587  -6.667  7.639   1.00 45.32  ? 112  LEU A CB  1 
ATOM   847  C CG  . LEU A 1 112 ? -5.726  -7.086  8.564   1.00 47.84  ? 112  LEU A CG  1 
ATOM   848  C CD1 . LEU A 1 112 ? -5.320  -6.819  9.991   1.00 48.46  ? 112  LEU A CD1 1 
ATOM   849  C CD2 . LEU A 1 112 ? -7.000  -6.357  8.270   1.00 49.60  ? 112  LEU A CD2 1 
ATOM   850  N N   . LEU A 1 113 ? -2.959  -5.281  5.390   1.00 50.07  ? 113  LEU A N   1 
ATOM   851  C CA  . LEU A 1 113 ? -1.691  -5.001  4.788   1.00 48.81  ? 113  LEU A CA  1 
ATOM   852  C C   . LEU A 1 113 ? -0.607  -5.239  5.799   1.00 53.20  ? 113  LEU A C   1 
ATOM   853  O O   . LEU A 1 113 ? -0.703  -4.786  6.937   1.00 50.34  ? 113  LEU A O   1 
ATOM   854  C CB  . LEU A 1 113 ? -1.627  -3.555  4.261   1.00 55.68  ? 113  LEU A CB  1 
ATOM   855  C CG  . LEU A 1 113 ? -2.138  -3.333  2.834   1.00 53.16  ? 113  LEU A CG  1 
ATOM   856  C CD1 . LEU A 1 113 ? -3.643  -3.533  2.734   1.00 43.14  ? 113  LEU A CD1 1 
ATOM   857  C CD2 . LEU A 1 113 ? -1.723  -1.953  2.311   1.00 59.43  ? 113  LEU A CD2 1 
ATOM   858  N N   . GLU A 1 114 ? 0.441   -5.934  5.355   1.00 57.65  ? 114  GLU A N   1 
ATOM   859  C CA  . GLU A 1 114 ? 1.587   -6.252  6.200   1.00 61.20  ? 114  GLU A CA  1 
ATOM   860  C C   . GLU A 1 114 ? 2.881   -6.255  5.395   1.00 58.64  ? 114  GLU A C   1 
ATOM   861  O O   . GLU A 1 114 ? 2.848   -6.260  4.160   1.00 58.28  ? 114  GLU A O   1 
ATOM   862  C CB  . GLU A 1 114 ? 1.384   -7.612  6.876   1.00 59.37  ? 114  GLU A CB  1 
ATOM   863  C CG  . GLU A 1 114 ? 0.933   -8.702  5.953   1.00 60.65  ? 114  GLU A CG  1 
ATOM   864  C CD  . GLU A 1 114 ? 0.597   -9.986  6.702   1.00 70.58  ? 114  GLU A CD  1 
ATOM   865  O OE1 . GLU A 1 114 ? -0.463  -10.013 7.386   1.00 68.62  ? 114  GLU A OE1 1 
ATOM   866  O OE2 . GLU A 1 114 ? 1.390   -10.960 6.597   1.00 65.91  ? 114  GLU A OE2 1 
ATOM   867  N N   . THR A 1 115 ? 4.025   -6.239  6.068   1.00 56.13  ? 115  THR A N   1 
ATOM   868  C CA  . THR A 1 115 ? 5.256   -6.469  5.323   1.00 61.51  ? 115  THR A CA  1 
ATOM   869  C C   . THR A 1 115 ? 5.696   -7.919  5.476   1.00 62.41  ? 115  THR A C   1 
ATOM   870  O O   . THR A 1 115 ? 5.119   -8.677  6.252   1.00 65.49  ? 115  THR A O   1 
ATOM   871  C CB  . THR A 1 115 ? 6.388   -5.555  5.744   1.00 58.89  ? 115  THR A CB  1 
ATOM   872  O OG1 . THR A 1 115 ? 6.744   -5.838  7.092   1.00 62.70  ? 115  THR A OG1 1 
ATOM   873  C CG2 . THR A 1 115 ? 5.962   -4.113  5.617   1.00 61.63  ? 115  THR A CG2 1 
ATOM   874  N N   . GLY A 1 116 ? 6.716   -8.298  4.722   1.00 64.95  ? 116  GLY A N   1 
ATOM   875  C CA  . GLY A 1 116 ? 7.041   -9.692  4.559   1.00 60.52  ? 116  GLY A CA  1 
ATOM   876  C C   . GLY A 1 116 ? 6.754   -10.170 3.152   1.00 58.71  ? 116  GLY A C   1 
ATOM   877  O O   . GLY A 1 116 ? 6.758   -11.363 2.908   1.00 59.90  ? 116  GLY A O   1 
ATOM   878  N N   . GLY A 1 117 ? 6.517   -9.259  2.214   1.00 56.20  ? 117  GLY A N   1 
ATOM   879  C CA  . GLY A 1 117 ? 6.217   -9.662  0.850   1.00 54.58  ? 117  GLY A CA  1 
ATOM   880  C C   . GLY A 1 117 ? 7.464   -9.974  0.019   1.00 60.19  ? 117  GLY A C   1 
ATOM   881  O O   . GLY A 1 117 ? 8.577   -9.977  0.539   1.00 60.80  ? 117  GLY A O   1 
ATOM   882  N N   . THR A 1 118 ? 7.279   -10.240 -1.276  1.00 58.01  ? 118  THR A N   1 
ATOM   883  C CA  . THR A 1 118 ? 8.389   -10.481 -2.197  1.00 62.92  ? 118  THR A CA  1 
ATOM   884  C C   . THR A 1 118 ? 8.289   -9.636  -3.470  1.00 62.20  ? 118  THR A C   1 
ATOM   885  O O   . THR A 1 118 ? 7.192   -9.280  -3.908  1.00 59.25  ? 118  THR A O   1 
ATOM   886  C CB  . THR A 1 118 ? 8.453   -11.948 -2.637  1.00 64.49  ? 118  THR A CB  1 
ATOM   887  O OG1 . THR A 1 118 ? 7.266   -12.260 -3.382  1.00 68.39  ? 118  THR A OG1 1 
ATOM   888  C CG2 . THR A 1 118 ? 8.572   -12.884 -1.434  1.00 61.08  ? 118  THR A CG2 1 
ATOM   889  N N   . ILE A 1 119 ? 9.432   -9.352  -4.084  1.00 54.84  ? 119  ILE A N   1 
ATOM   890  C CA  . ILE A 1 119 ? 9.436   -8.574  -5.308  1.00 56.55  ? 119  ILE A CA  1 
ATOM   891  C C   . ILE A 1 119 ? 9.469   -9.504  -6.499  1.00 60.95  ? 119  ILE A C   1 
ATOM   892  O O   . ILE A 1 119 ? 10.215  -10.471 -6.502  1.00 68.69  ? 119  ILE A O   1 
ATOM   893  C CB  . ILE A 1 119 ? 10.642  -7.617  -5.378  1.00 55.60  ? 119  ILE A CB  1 
ATOM   894  C CG1 . ILE A 1 119 ? 10.489  -6.498  -4.365  1.00 54.50  ? 119  ILE A CG1 1 
ATOM   895  C CG2 . ILE A 1 119 ? 10.764  -7.011  -6.770  1.00 59.77  ? 119  ILE A CG2 1 
ATOM   896  C CD1 . ILE A 1 119 ? 11.641  -5.535  -4.339  1.00 60.05  ? 119  ILE A CD1 1 
ATOM   897  N N   . GLY A 1 120 ? 8.650   -9.228  -7.504  1.00 59.74  ? 120  GLY A N   1 
ATOM   898  C CA  . GLY A 1 120 ? 8.749   -9.934  -8.760  1.00 56.15  ? 120  GLY A CA  1 
ATOM   899  C C   . GLY A 1 120 ? 7.937   -11.203 -8.862  1.00 61.04  ? 120  GLY A C   1 
ATOM   900  O O   . GLY A 1 120 ? 7.789   -11.750 -9.947  1.00 73.09  ? 120  GLY A O   1 
ATOM   901  N N   . GLN A 1 121 ? 7.395   -11.671 -7.749  1.00 66.06  ? 121  GLN A N   1 
ATOM   902  C CA  . GLN A 1 121 ? 6.725   -12.972 -7.718  1.00 66.55  ? 121  GLN A CA  1 
ATOM   903  C C   . GLN A 1 121 ? 5.204   -12.889 -7.683  1.00 63.48  ? 121  GLN A C   1 
ATOM   904  O O   . GLN A 1 121 ? 4.631   -11.961 -7.121  1.00 66.82  ? 121  GLN A O   1 
ATOM   905  C CB  . GLN A 1 121 ? 7.232   -13.772 -6.518  1.00 65.63  ? 121  GLN A CB  1 
ATOM   906  C CG  . GLN A 1 121 ? 8.737   -13.652 -6.380  1.00 63.02  ? 121  GLN A CG  1 
ATOM   907  C CD  . GLN A 1 121 ? 9.310   -14.591 -5.367  1.00 62.47  ? 121  GLN A CD  1 
ATOM   908  O OE1 . GLN A 1 121 ? 8.697   -14.872 -4.336  1.00 66.34  ? 121  GLN A OE1 1 
ATOM   909  N NE2 . GLN A 1 121 ? 10.501  -15.089 -5.650  1.00 72.05  ? 121  GLN A NE2 1 
ATOM   910  N N   . ALA A 1 122 ? 4.574   -13.892 -8.284  1.00 68.59  ? 122  ALA A N   1 
ATOM   911  C CA  . ALA A 1 122 ? 3.121   -14.003 -8.397  1.00 69.65  ? 122  ALA A CA  1 
ATOM   912  C C   . ALA A 1 122 ? 2.434   -14.549 -7.122  1.00 72.20  ? 122  ALA A C   1 
ATOM   913  O O   . ALA A 1 122 ? 2.113   -15.740 -7.031  1.00 68.64  ? 122  ALA A O   1 
ATOM   914  C CB  . ALA A 1 122 ? 2.769   -14.888 -9.603  1.00 69.42  ? 122  ALA A CB  1 
ATOM   915  N N   . ASP A 1 123 ? 2.187   -13.660 -6.160  1.00 74.67  ? 123  ASP A N   1 
ATOM   916  C CA  . ASP A 1 123 ? 1.623   -14.035 -4.861  1.00 72.62  ? 123  ASP A CA  1 
ATOM   917  C C   . ASP A 1 123 ? 0.721   -12.914 -4.307  1.00 67.66  ? 123  ASP A C   1 
ATOM   918  O O   . ASP A 1 123 ? -0.172  -12.446 -5.016  1.00 63.63  ? 123  ASP A O   1 
ATOM   919  C CB  . ASP A 1 123 ? 2.753   -14.364 -3.879  1.00 66.69  ? 123  ASP A CB  1 
ATOM   920  C CG  . ASP A 1 123 ? 3.834   -13.294 -3.858  1.00 68.35  ? 123  ASP A CG  1 
ATOM   921  O OD1 . ASP A 1 123 ? 3.605   -12.225 -4.475  1.00 69.00  ? 123  ASP A OD1 1 
ATOM   922  O OD2 . ASP A 1 123 ? 4.898   -13.515 -3.222  1.00 70.89  ? 123  ASP A OD2 1 
ATOM   923  N N   . ASN A 1 124 ? 0.972   -12.481 -3.066  1.00 63.02  ? 124  ASN A N   1 
ATOM   924  C CA  . ASN A 1 124 ? 0.152   -11.460 -2.406  1.00 61.18  ? 124  ASN A CA  1 
ATOM   925  C C   . ASN A 1 124 ? 0.814   -10.100 -2.217  1.00 58.61  ? 124  ASN A C   1 
ATOM   926  O O   . ASN A 1 124 ? 0.391   -9.305  -1.372  1.00 57.71  ? 124  ASN A O   1 
ATOM   927  C CB  . ASN A 1 124 ? -0.290  -11.972 -1.047  1.00 59.80  ? 124  ASN A CB  1 
ATOM   928  C CG  . ASN A 1 124 ? -1.438  -12.922 -1.152  1.00 65.52  ? 124  ASN A CG  1 
ATOM   929  O OD1 . ASN A 1 124 ? -1.833  -13.298 -2.265  1.00 59.14  ? 124  ASN A OD1 1 
ATOM   930  N ND2 . ASN A 1 124 ? -2.000  -13.322 0.001   1.00 67.25  ? 124  ASN A ND2 1 
ATOM   931  N N   . SER A 1 125 ? 1.845   -9.834  -3.008  1.00 55.95  ? 125  SER A N   1 
ATOM   932  C CA  . SER A 1 125 ? 2.660   -8.652  -2.812  1.00 55.14  ? 125  SER A CA  1 
ATOM   933  C C   . SER A 1 125 ? 2.433   -7.590  -3.889  1.00 56.34  ? 125  SER A C   1 
ATOM   934  O O   . SER A 1 125 ? 3.130   -6.564  -3.908  1.00 58.74  ? 125  SER A O   1 
ATOM   935  C CB  . SER A 1 125 ? 4.146   -9.048  -2.766  1.00 57.45  ? 125  SER A CB  1 
ATOM   936  O OG  . SER A 1 125 ? 4.422   -9.997  -1.742  1.00 55.02  ? 125  SER A OG  1 
ATOM   937  N N   . TYR A 1 126 ? 1.468   -7.844  -4.776  1.00 50.15  ? 126  TYR A N   1 
ATOM   938  C CA  . TYR A 1 126 ? 1.152   -6.933  -5.875  1.00 56.30  ? 126  TYR A CA  1 
ATOM   939  C C   . TYR A 1 126 ? 0.031   -5.932  -5.575  1.00 57.20  ? 126  TYR A C   1 
ATOM   940  O O   . TYR A 1 126 ? -1.066  -6.296  -5.124  1.00 54.64  ? 126  TYR A O   1 
ATOM   941  C CB  . TYR A 1 126 ? 0.770   -7.729  -7.129  1.00 59.98  ? 126  TYR A CB  1 
ATOM   942  C CG  . TYR A 1 126 ? 1.957   -8.243  -7.869  1.00 59.96  ? 126  TYR A CG  1 
ATOM   943  C CD1 . TYR A 1 126 ? 3.114   -7.479  -7.959  1.00 64.00  ? 126  TYR A CD1 1 
ATOM   944  C CD2 . TYR A 1 126 ? 1.947   -9.497  -8.458  1.00 66.21  ? 126  TYR A CD2 1 
ATOM   945  C CE1 . TYR A 1 126 ? 4.231   -7.936  -8.634  1.00 65.72  ? 126  TYR A CE1 1 
ATOM   946  C CE2 . TYR A 1 126 ? 3.069   -9.974  -9.131  1.00 69.26  ? 126  TYR A CE2 1 
ATOM   947  C CZ  . TYR A 1 126 ? 4.204   -9.185  -9.213  1.00 68.12  ? 126  TYR A CZ  1 
ATOM   948  O OH  . TYR A 1 126 ? 5.313   -9.638  -9.883  1.00 71.74  ? 126  TYR A OH  1 
ATOM   949  N N   . PHE A 1 127 ? 0.312   -4.671  -5.881  1.00 57.50  ? 127  PHE A N   1 
ATOM   950  C CA  . PHE A 1 127 ? -0.655  -3.601  -5.728  1.00 56.19  ? 127  PHE A CA  1 
ATOM   951  C C   . PHE A 1 127 ? -0.824  -2.845  -7.056  1.00 62.86  ? 127  PHE A C   1 
ATOM   952  O O   . PHE A 1 127 ? -0.056  -3.071  -7.995  1.00 61.00  ? 127  PHE A O   1 
ATOM   953  C CB  . PHE A 1 127 ? -0.223  -2.665  -4.593  1.00 53.85  ? 127  PHE A CB  1 
ATOM   954  C CG  . PHE A 1 127 ? -0.105  -3.357  -3.258  1.00 57.07  ? 127  PHE A CG  1 
ATOM   955  C CD1 . PHE A 1 127 ? -1.208  -3.472  -2.426  1.00 51.17  ? 127  PHE A CD1 1 
ATOM   956  C CD2 . PHE A 1 127 ? 1.116   -3.920  -2.849  1.00 61.15  ? 127  PHE A CD2 1 
ATOM   957  C CE1 . PHE A 1 127 ? -1.099  -4.121  -1.196  1.00 60.33  ? 127  PHE A CE1 1 
ATOM   958  C CE2 . PHE A 1 127 ? 1.241   -4.573  -1.623  1.00 55.24  ? 127  PHE A CE2 1 
ATOM   959  C CZ  . PHE A 1 127 ? 0.135   -4.674  -0.792  1.00 62.48  ? 127  PHE A CZ  1 
ATOM   960  N N   . LYS A 1 128 ? -1.854  -1.996  -7.148  1.00 60.32  ? 128  LYS A N   1 
ATOM   961  C CA  . LYS A 1 128 ? -2.023  -1.078  -8.278  1.00 56.42  ? 128  LYS A CA  1 
ATOM   962  C C   . LYS A 1 128 ? -2.229  0.321   -7.736  1.00 61.14  ? 128  LYS A C   1 
ATOM   963  O O   . LYS A 1 128 ? -2.919  0.490   -6.731  1.00 62.53  ? 128  LYS A O   1 
ATOM   964  C CB  . LYS A 1 128 ? -3.215  -1.464  -9.159  1.00 53.49  ? 128  LYS A CB  1 
ATOM   965  C CG  . LYS A 1 128 ? -3.052  -2.744  -9.955  1.00 52.27  ? 128  LYS A CG  1 
ATOM   966  C CD  . LYS A 1 128 ? -4.292  -3.040  -10.810 1.00 55.93  ? 128  LYS A CD  1 
ATOM   967  C CE  . LYS A 1 128 ? -4.015  -4.110  -11.872 1.00 57.92  ? 128  LYS A CE  1 
ATOM   968  N NZ  . LYS A 1 128 ? -5.244  -4.709  -12.518 1.00 74.64  ? 128  LYS A NZ  1 
ATOM   969  N N   . ILE A 1 129 ? -1.625  1.324   -8.371  1.00 60.42  ? 129  ILE A N   1 
ATOM   970  C CA  . ILE A 1 129 ? -2.041  2.701   -8.139  1.00 56.22  ? 129  ILE A CA  1 
ATOM   971  C C   . ILE A 1 129 ? -3.123  3.050   -9.158  1.00 60.43  ? 129  ILE A C   1 
ATOM   972  O O   . ILE A 1 129 ? -2.994  2.729   -10.337 1.00 65.87  ? 129  ILE A O   1 
ATOM   973  C CB  . ILE A 1 129 ? -0.888  3.685   -8.253  1.00 56.86  ? 129  ILE A CB  1 
ATOM   974  C CG1 . ILE A 1 129 ? 0.285   3.204   -7.395  1.00 58.15  ? 129  ILE A CG1 1 
ATOM   975  C CG2 . ILE A 1 129 ? -1.345  5.072   -7.843  1.00 52.73  ? 129  ILE A CG2 1 
ATOM   976  C CD1 . ILE A 1 129 ? 1.277   4.251   -7.025  1.00 55.23  ? 129  ILE A CD1 1 
ATOM   977  N N   . VAL A 1 130 ? -4.215  3.646   -8.699  1.00 59.19  ? 130  VAL A N   1 
ATOM   978  C CA  . VAL A 1 130 ? -5.238  4.165   -9.606  1.00 60.98  ? 130  VAL A CA  1 
ATOM   979  C C   . VAL A 1 130 ? -5.784  5.499   -9.117  1.00 58.51  ? 130  VAL A C   1 
ATOM   980  O O   . VAL A 1 130 ? -5.407  6.002   -8.057  1.00 59.63  ? 130  VAL A O   1 
ATOM   981  C CB  . VAL A 1 130 ? -6.413  3.205   -9.773  1.00 53.79  ? 130  VAL A CB  1 
ATOM   982  C CG1 . VAL A 1 130 ? -5.986  1.965   -10.548 1.00 56.59  ? 130  VAL A CG1 1 
ATOM   983  C CG2 . VAL A 1 130 ? -6.989  2.862   -8.426  1.00 57.30  ? 130  VAL A CG2 1 
ATOM   984  N N   . LYS A 1 131 ? -6.680  6.074   -9.902  1.00 64.04  ? 131  LYS A N   1 
ATOM   985  C CA  . LYS A 1 131 ? -7.250  7.362   -9.548  1.00 62.66  ? 131  LYS A CA  1 
ATOM   986  C C   . LYS A 1 131 ? -8.433  7.135   -8.618  1.00 61.64  ? 131  LYS A C   1 
ATOM   987  O O   . LYS A 1 131 ? -9.315  6.297   -8.896  1.00 54.50  ? 131  LYS A O   1 
ATOM   988  C CB  . LYS A 1 131 ? -7.691  8.138   -10.803 1.00 69.00  ? 131  LYS A CB  1 
ATOM   989  C CG  . LYS A 1 131 ? -6.700  8.125   -11.986 1.00 70.99  ? 131  LYS A CG  1 
ATOM   990  C CD  . LYS A 1 131 ? -6.804  9.419   -12.829 1.00 72.77  ? 131  LYS A CD  1 
ATOM   991  C CE  . LYS A 1 131 ? -6.328  9.231   -14.276 1.00 64.98  ? 131  LYS A CE  1 
ATOM   992  N NZ  . LYS A 1 131 ? -7.235  8.334   -15.064 1.00 58.52  ? 131  LYS A NZ  1 
ATOM   993  N N   . SER A 1 132 ? -8.463  7.864   -7.508  1.00 58.04  ? 132  SER A N   1 
ATOM   994  C CA  . SER A 1 132 ? -9.671  7.834   -6.692  1.00 63.16  ? 132  SER A CA  1 
ATOM   995  C C   . SER A 1 132 ? -10.887 8.280   -7.486  1.00 64.15  ? 132  SER A C   1 
ATOM   996  O O   . SER A 1 132 ? -10.767 9.115   -8.386  1.00 67.58  ? 132  SER A O   1 
ATOM   997  C CB  . SER A 1 132 ? -9.551  8.732   -5.479  1.00 64.23  ? 132  SER A CB  1 
ATOM   998  O OG  . SER A 1 132 ? -10.821 8.792   -4.836  1.00 67.43  ? 132  SER A OG  1 
ATOM   999  N N   . SER A 1 133 ? -12.060 7.764   -7.128  1.00 64.85  ? 133  SER A N   1 
ATOM   1000 C CA  . SER A 1 133 ? -13.311 8.248   -7.718  1.00 64.66  ? 133  SER A CA  1 
ATOM   1001 C C   . SER A 1 133 ? -13.667 9.615   -7.137  1.00 63.24  ? 133  SER A C   1 
ATOM   1002 O O   . SER A 1 133 ? -14.578 10.302  -7.620  1.00 67.03  ? 133  SER A O   1 
ATOM   1003 C CB  . SER A 1 133 ? -14.449 7.258   -7.484  1.00 60.26  ? 133  SER A CB  1 
ATOM   1004 O OG  . SER A 1 133 ? -14.407 6.221   -8.451  1.00 74.75  ? 133  SER A OG  1 
ATOM   1005 N N   . LYS A 1 134 ? -12.932 10.005  -6.107  1.00 57.75  ? 134  LYS A N   1 
ATOM   1006 C CA  . LYS A 1 134 ? -13.146 11.264  -5.459  1.00 62.81  ? 134  LYS A CA  1 
ATOM   1007 C C   . LYS A 1 134 ? -11.961 12.179  -5.682  1.00 69.40  ? 134  LYS A C   1 
ATOM   1008 O O   . LYS A 1 134 ? -11.942 12.957  -6.608  1.00 70.86  ? 134  LYS A O   1 
ATOM   1009 C CB  . LYS A 1 134 ? -13.317 11.006  -3.979  1.00 61.21  ? 134  LYS A CB  1 
ATOM   1010 C CG  . LYS A 1 134 ? -13.603 12.220  -3.134  1.00 75.04  ? 134  LYS A CG  1 
ATOM   1011 C CD  . LYS A 1 134 ? -13.857 11.816  -1.689  1.00 69.89  ? 134  LYS A CD  1 
ATOM   1012 C CE  . LYS A 1 134 ? -13.677 12.987  -0.749  1.00 70.45  ? 134  LYS A CE  1 
ATOM   1013 N NZ  . LYS A 1 134 ? -13.044 12.613  0.537   1.00 75.89  ? 134  LYS A NZ  1 
ATOM   1014 N N   . ILE A 1 135 ? -10.958 12.114  -4.809  1.00 65.16  ? 135  ILE A N   1 
ATOM   1015 C CA  . ILE A 1 135 ? -9.779  12.975  -4.936  1.00 68.06  ? 135  ILE A CA  1 
ATOM   1016 C C   . ILE A 1 135 ? -8.474  12.163  -4.875  1.00 69.92  ? 135  ILE A C   1 
ATOM   1017 O O   . ILE A 1 135 ? -8.238  11.428  -3.923  1.00 67.53  ? 135  ILE A O   1 
ATOM   1018 C CB  . ILE A 1 135 ? -9.727  14.071  -3.814  1.00 71.27  ? 135  ILE A CB  1 
ATOM   1019 C CG1 . ILE A 1 135 ? -11.132 14.589  -3.468  1.00 77.63  ? 135  ILE A CG1 1 
ATOM   1020 C CG2 . ILE A 1 135 ? -8.795  15.216  -4.214  1.00 64.55  ? 135  ILE A CG2 1 
ATOM   1021 C CD1 . ILE A 1 135 ? -11.262 15.256  -2.080  1.00 74.45  ? 135  ILE A CD1 1 
ATOM   1022 N N   . GLY A 1 136 ? -7.619  12.291  -5.881  1.00 69.81  ? 136  GLY A N   1 
ATOM   1023 C CA  . GLY A 1 136 ? -6.289  11.709  -5.787  1.00 58.42  ? 136  GLY A CA  1 
ATOM   1024 C C   . GLY A 1 136 ? -6.199  10.240  -6.164  1.00 62.16  ? 136  GLY A C   1 
ATOM   1025 O O   . GLY A 1 136 ? -6.826  9.770   -7.124  1.00 59.87  ? 136  GLY A O   1 
ATOM   1026 N N   . TYR A 1 137 ? -5.412  9.497   -5.393  1.00 61.34  ? 137  TYR A N   1 
ATOM   1027 C CA  . TYR A 1 137 ? -5.117  8.127   -5.776  1.00 59.74  ? 137  TYR A CA  1 
ATOM   1028 C C   . TYR A 1 137 ? -5.654  7.081   -4.779  1.00 64.65  ? 137  TYR A C   1 
ATOM   1029 O O   . TYR A 1 137 ? -5.688  7.297   -3.554  1.00 61.20  ? 137  TYR A O   1 
ATOM   1030 C CB  . TYR A 1 137 ? -3.602  7.945   -5.941  1.00 62.05  ? 137  TYR A CB  1 
ATOM   1031 C CG  . TYR A 1 137 ? -2.960  8.675   -7.102  1.00 55.82  ? 137  TYR A CG  1 
ATOM   1032 C CD1 . TYR A 1 137 ? -3.157  8.242   -8.406  1.00 57.68  ? 137  TYR A CD1 1 
ATOM   1033 C CD2 . TYR A 1 137 ? -2.126  9.780   -6.887  1.00 56.49  ? 137  TYR A CD2 1 
ATOM   1034 C CE1 . TYR A 1 137 ? -2.564  8.889   -9.484  1.00 57.38  ? 137  TYR A CE1 1 
ATOM   1035 C CE2 . TYR A 1 137 ? -1.513  10.443  -7.965  1.00 62.37  ? 137  TYR A CE2 1 
ATOM   1036 C CZ  . TYR A 1 137 ? -1.746  9.984   -9.264  1.00 62.99  ? 137  TYR A CZ  1 
ATOM   1037 O OH  . TYR A 1 137 ? -1.165  10.606  -10.348 1.00 65.51  ? 137  TYR A OH  1 
ATOM   1038 N N   . ASN A 1 138 ? -6.065  5.942   -5.322  1.00 60.69  ? 138  ASN A N   1 
ATOM   1039 C CA  . ASN A 1 138 ? -6.361  4.768   -4.515  1.00 61.29  ? 138  ASN A CA  1 
ATOM   1040 C C   . ASN A 1 138 ? -5.275  3.690   -4.731  1.00 64.11  ? 138  ASN A C   1 
ATOM   1041 O O   . ASN A 1 138 ? -4.734  3.558   -5.845  1.00 58.71  ? 138  ASN A O   1 
ATOM   1042 C CB  . ASN A 1 138 ? -7.750  4.206   -4.865  1.00 56.26  ? 138  ASN A CB  1 
ATOM   1043 C CG  . ASN A 1 138 ? -8.886  5.044   -4.291  1.00 58.39  ? 138  ASN A CG  1 
ATOM   1044 O OD1 . ASN A 1 138 ? -8.725  5.730   -3.274  1.00 57.35  ? 138  ASN A OD1 1 
ATOM   1045 N ND2 . ASN A 1 138 ? -10.049 4.980   -4.937  1.00 56.59  ? 138  ASN A ND2 1 
ATOM   1046 N N   . LEU A 1 139 ? -4.935  2.953   -3.671  1.00 58.39  ? 139  LEU A N   1 
ATOM   1047 C CA  . LEU A 1 139 ? -4.132  1.738   -3.821  1.00 53.09  ? 139  LEU A CA  1 
ATOM   1048 C C   . LEU A 1 139 ? -5.069  0.561   -4.025  1.00 53.57  ? 139  LEU A C   1 
ATOM   1049 O O   . LEU A 1 139 ? -6.130  0.512   -3.404  1.00 57.37  ? 139  LEU A O   1 
ATOM   1050 C CB  . LEU A 1 139 ? -3.259  1.499   -2.605  1.00 42.30  ? 139  LEU A CB  1 
ATOM   1051 C CG  . LEU A 1 139 ? -2.276  2.619   -2.302  1.00 51.09  ? 139  LEU A CG  1 
ATOM   1052 C CD1 . LEU A 1 139 ? -1.227  2.145   -1.286  1.00 48.21  ? 139  LEU A CD1 1 
ATOM   1053 C CD2 . LEU A 1 139 ? -1.618  3.169   -3.577  1.00 57.62  ? 139  LEU A CD2 1 
ATOM   1054 N N   . LEU A 1 140 ? -4.707  -0.368  -4.905  1.00 50.80  ? 140  LEU A N   1 
ATOM   1055 C CA  . LEU A 1 140 ? -5.437  -1.638  -5.007  1.00 56.38  ? 140  LEU A CA  1 
ATOM   1056 C C   . LEU A 1 140 ? -4.563  -2.770  -4.545  1.00 54.48  ? 140  LEU A C   1 
ATOM   1057 O O   . LEU A 1 140 ? -3.345  -2.672  -4.573  1.00 59.97  ? 140  LEU A O   1 
ATOM   1058 C CB  . LEU A 1 140 ? -5.903  -1.930  -6.431  1.00 53.46  ? 140  LEU A CB  1 
ATOM   1059 C CG  . LEU A 1 140 ? -6.803  -0.852  -6.995  1.00 56.87  ? 140  LEU A CG  1 
ATOM   1060 C CD1 . LEU A 1 140 ? -7.515  -1.382  -8.233  1.00 52.12  ? 140  LEU A CD1 1 
ATOM   1061 C CD2 . LEU A 1 140 ? -7.765  -0.437  -5.898  1.00 50.78  ? 140  LEU A CD2 1 
ATOM   1062 N N   . SER A 1 141 ? -5.181  -3.848  -4.111  1.00 56.97  ? 141  SER A N   1 
ATOM   1063 C CA  . SER A 1 141 ? -4.426  -5.041  -3.805  1.00 53.99  ? 141  SER A CA  1 
ATOM   1064 C C   . SER A 1 141 ? -4.971  -6.110  -4.711  1.00 52.80  ? 141  SER A C   1 
ATOM   1065 O O   . SER A 1 141 ? -6.178  -6.351  -4.734  1.00 57.67  ? 141  SER A O   1 
ATOM   1066 C CB  . SER A 1 141 ? -4.536  -5.412  -2.317  1.00 54.15  ? 141  SER A CB  1 
ATOM   1067 O OG  . SER A 1 141 ? -4.439  -6.816  -2.085  1.00 55.83  ? 141  SER A OG  1 
ATOM   1068 N N   . CYS A 1 142 ? -4.087  -6.706  -5.505  1.00 55.70  ? 142  CYS A N   1 
ATOM   1069 C CA  . CYS A 1 142 ? -4.478  -7.780  -6.409  1.00 61.26  ? 142  CYS A CA  1 
ATOM   1070 C C   . CYS A 1 142 ? -3.810  -9.069  -5.928  1.00 64.35  ? 142  CYS A C   1 
ATOM   1071 O O   . CYS A 1 142 ? -2.800  -9.509  -6.488  1.00 61.12  ? 142  CYS A O   1 
ATOM   1072 C CB  . CYS A 1 142 ? -4.088  -7.458  -7.866  1.00 51.10  ? 142  CYS A CB  1 
ATOM   1073 S SG  . CYS A 1 142 ? -4.773  -5.910  -8.554  1.00 64.28  ? 142  CYS A SG  1 
ATOM   1074 N N   . PRO A 1 143 ? -4.361  -9.676  -4.867  1.00 61.66  ? 143  PRO A N   1 
ATOM   1075 C CA  . PRO A 1 143 ? -3.741  -10.898 -4.346  1.00 63.25  ? 143  PRO A CA  1 
ATOM   1076 C C   . PRO A 1 143 ? -4.035  -12.078 -5.276  1.00 59.76  ? 143  PRO A C   1 
ATOM   1077 O O   . PRO A 1 143 ? -4.930  -11.958 -6.116  1.00 66.16  ? 143  PRO A O   1 
ATOM   1078 C CB  . PRO A 1 143 ? -4.425  -11.075 -2.978  1.00 62.41  ? 143  PRO A CB  1 
ATOM   1079 C CG  . PRO A 1 143 ? -5.797  -10.540 -3.195  1.00 60.64  ? 143  PRO A CG  1 
ATOM   1080 C CD  . PRO A 1 143 ? -5.652  -9.396  -4.207  1.00 62.12  ? 143  PRO A CD  1 
ATOM   1081 N N   . PHE A 1 144 ? -3.299  -13.174 -5.139  1.00 56.96  ? 144  PHE A N   1 
ATOM   1082 C CA  . PHE A 1 144 ? -3.557  -14.411 -5.891  1.00 59.88  ? 144  PHE A CA  1 
ATOM   1083 C C   . PHE A 1 144 ? -3.441  -14.293 -7.418  1.00 56.17  ? 144  PHE A C   1 
ATOM   1084 O O   . PHE A 1 144 ? -4.226  -14.890 -8.153  1.00 53.24  ? 144  PHE A O   1 
ATOM   1085 C CB  . PHE A 1 144 ? -4.941  -14.949 -5.520  1.00 58.49  ? 144  PHE A CB  1 
ATOM   1086 C CG  . PHE A 1 144 ? -5.176  -14.985 -4.043  1.00 58.52  ? 144  PHE A CG  1 
ATOM   1087 C CD1 . PHE A 1 144 ? -4.246  -15.551 -3.204  1.00 55.24  ? 144  PHE A CD1 1 
ATOM   1088 C CD2 . PHE A 1 144 ? -6.294  -14.407 -3.493  1.00 61.45  ? 144  PHE A CD2 1 
ATOM   1089 C CE1 . PHE A 1 144 ? -4.427  -15.567 -1.841  1.00 61.46  ? 144  PHE A CE1 1 
ATOM   1090 C CE2 . PHE A 1 144 ? -6.472  -14.414 -2.134  1.00 68.04  ? 144  PHE A CE2 1 
ATOM   1091 C CZ  . PHE A 1 144 ? -5.537  -14.999 -1.300  1.00 61.42  ? 144  PHE A CZ  1 
ATOM   1092 N N   . THR A 1 145 ? -2.439  -13.560 -7.894  1.00 52.80  ? 145  THR A N   1 
ATOM   1093 C CA  . THR A 1 145 ? -2.182  -13.472 -9.330  1.00 55.55  ? 145  THR A CA  1 
ATOM   1094 C C   . THR A 1 145 ? -1.957  -14.835 -10.028 1.00 57.46  ? 145  THR A C   1 
ATOM   1095 O O   . THR A 1 145 ? -2.008  -14.921 -11.252 1.00 59.25  ? 145  THR A O   1 
ATOM   1096 C CB  . THR A 1 145 ? -0.973  -12.590 -9.593  1.00 56.97  ? 145  THR A CB  1 
ATOM   1097 O OG1 . THR A 1 145 ? 0.128   -13.097 -8.841  1.00 68.20  ? 145  THR A OG1 1 
ATOM   1098 C CG2 . THR A 1 145 ? -1.243  -11.158 -9.121  1.00 60.46  ? 145  THR A CG2 1 
ATOM   1099 N N   . SER A 1 146 ? -1.698  -15.883 -9.251  1.00 52.59  ? 146  SER A N   1 
ATOM   1100 C CA  . SER A 1 146 ? -1.489  -17.215 -9.787  1.00 49.36  ? 146  SER A CA  1 
ATOM   1101 C C   . SER A 1 146 ? -2.779  -17.953 -10.003 1.00 58.32  ? 146  SER A C   1 
ATOM   1102 O O   . SER A 1 146 ? -2.768  -19.107 -10.454 1.00 57.49  ? 146  SER A O   1 
ATOM   1103 C CB  . SER A 1 146 ? -0.635  -18.059 -8.845  1.00 55.11  ? 146  SER A CB  1 
ATOM   1104 O OG  . SER A 1 146 ? 0.728   -17.720 -8.959  1.00 71.42  ? 146  SER A OG  1 
ATOM   1105 N N   . ILE A 1 147 ? -3.891  -17.345 -9.608  1.00 59.21  ? 147  ILE A N   1 
ATOM   1106 C CA  . ILE A 1 147 ? -5.162  -18.055 -9.697  1.00 57.32  ? 147  ILE A CA  1 
ATOM   1107 C C   . ILE A 1 147 ? -6.124  -17.346 -10.616 1.00 54.61  ? 147  ILE A C   1 
ATOM   1108 O O   . ILE A 1 147 ? -6.332  -16.123 -10.532 1.00 54.50  ? 147  ILE A O   1 
ATOM   1109 C CB  . ILE A 1 147 ? -5.842  -18.234 -8.331  1.00 54.22  ? 147  ILE A CB  1 
ATOM   1110 C CG1 . ILE A 1 147 ? -4.888  -18.868 -7.325  1.00 47.59  ? 147  ILE A CG1 1 
ATOM   1111 C CG2 . ILE A 1 147 ? -7.103  -19.100 -8.481  1.00 48.99  ? 147  ILE A CG2 1 
ATOM   1112 C CD1 . ILE A 1 147 ? -5.596  -19.342 -6.071  1.00 49.23  ? 147  ILE A CD1 1 
ATOM   1113 N N   . ILE A 1 148 ? -6.696  -18.136 -11.509 1.00 57.22  ? 148  ILE A N   1 
ATOM   1114 C CA  . ILE A 1 148 ? -7.694  -17.635 -12.434 1.00 65.68  ? 148  ILE A CA  1 
ATOM   1115 C C   . ILE A 1 148 ? -8.944  -17.251 -11.652 1.00 59.80  ? 148  ILE A C   1 
ATOM   1116 O O   . ILE A 1 148 ? -9.680  -18.115 -11.117 1.00 51.45  ? 148  ILE A O   1 
ATOM   1117 C CB  . ILE A 1 148 ? -8.029  -18.660 -13.548 1.00 59.31  ? 148  ILE A CB  1 
ATOM   1118 C CG1 . ILE A 1 148 ? -6.919  -18.639 -14.609 1.00 60.81  ? 148  ILE A CG1 1 
ATOM   1119 C CG2 . ILE A 1 148 ? -9.335  -18.302 -14.221 1.00 59.93  ? 148  ILE A CG2 1 
ATOM   1120 C CD1 . ILE A 1 148 ? -7.067  -19.710 -15.701 1.00 51.78  ? 148  ILE A CD1 1 
ATOM   1121 N N   . CYS A 1 149 ? -9.109  -15.934 -11.565 1.00 53.15  ? 149  CYS A N   1 
ATOM   1122 C CA  . CYS A 1 149 ? -10.331 -15.292 -11.118 1.00 58.85  ? 149  CYS A CA  1 
ATOM   1123 C C   . CYS A 1 149 ? -11.329 -15.312 -12.283 1.00 59.83  ? 149  CYS A C   1 
ATOM   1124 O O   . CYS A 1 149 ? -11.218 -14.498 -13.208 1.00 56.44  ? 149  CYS A O   1 
ATOM   1125 C CB  . CYS A 1 149 ? -10.015 -13.859 -10.665 1.00 64.15  ? 149  CYS A CB  1 
ATOM   1126 S SG  . CYS A 1 149 ? -11.390 -12.923 -9.976  1.00 72.41  ? 149  CYS A SG  1 
ATOM   1127 N N   . LEU A 1 150 ? -12.280 -16.252 -12.248 1.00 57.39  ? 150  LEU A N   1 
ATOM   1128 C CA  . LEU A 1 150 ? -13.216 -16.482 -13.361 1.00 56.97  ? 150  LEU A CA  1 
ATOM   1129 C C   . LEU A 1 150 ? -14.002 -15.248 -13.825 1.00 69.18  ? 150  LEU A C   1 
ATOM   1130 O O   . LEU A 1 150 ? -14.748 -14.648 -13.046 1.00 72.66  ? 150  LEU A O   1 
ATOM   1131 C CB  . LEU A 1 150 ? -14.215 -17.554 -12.973 1.00 48.96  ? 150  LEU A CB  1 
ATOM   1132 C CG  . LEU A 1 150 ? -13.613 -18.897 -12.634 1.00 49.26  ? 150  LEU A CG  1 
ATOM   1133 C CD1 . LEU A 1 150 ? -14.679 -19.885 -12.190 1.00 49.59  ? 150  LEU A CD1 1 
ATOM   1134 C CD2 . LEU A 1 150 ? -12.897 -19.413 -13.861 1.00 58.58  ? 150  LEU A CD2 1 
ATOM   1135 N N   . ARG A 1 151 ? -13.838 -14.904 -15.103 1.00 66.04  ? 151  ARG A N   1 
ATOM   1136 C CA  . ARG A 1 151 ? -14.516 -13.786 -15.770 1.00 61.77  ? 151  ARG A CA  1 
ATOM   1137 C C   . ARG A 1 151 ? -14.239 -12.436 -15.149 1.00 66.28  ? 151  ARG A C   1 
ATOM   1138 O O   . ARG A 1 151 ? -14.929 -11.468 -15.449 1.00 73.59  ? 151  ARG A O   1 
ATOM   1139 C CB  . ARG A 1 151 ? -16.022 -14.018 -15.827 1.00 68.63  ? 151  ARG A CB  1 
ATOM   1140 C CG  . ARG A 1 151 ? -16.390 -15.429 -16.292 1.00 79.98  ? 151  ARG A CG  1 
ATOM   1141 C CD  . ARG A 1 151 ? -17.900 -15.660 -16.305 1.00 79.20  ? 151  ARG A CD  1 
ATOM   1142 N NE  . ARG A 1 151 ? -18.248 -16.962 -15.725 1.00 92.61  ? 151  ARG A NE  1 
ATOM   1143 C CZ  . ARG A 1 151 ? -19.167 -17.141 -14.774 1.00 99.14  ? 151  ARG A CZ  1 
ATOM   1144 N NH1 . ARG A 1 151 ? -19.832 -16.091 -14.285 1.00 88.07  ? 151  ARG A NH1 1 
ATOM   1145 N NH2 . ARG A 1 151 ? -19.419 -18.364 -14.306 1.00 96.77  ? 151  ARG A NH2 1 
ATOM   1146 N N   . CYS A 1 152 ? -13.212 -12.350 -14.315 1.00 62.07  ? 152  CYS A N   1 
ATOM   1147 C CA  . CYS A 1 152 ? -12.823 -11.075 -13.729 1.00 61.00  ? 152  CYS A CA  1 
ATOM   1148 C C   . CYS A 1 152 ? -11.923 -10.349 -14.719 1.00 64.46  ? 152  CYS A C   1 
ATOM   1149 O O   . CYS A 1 152 ? -11.368 -10.999 -15.607 1.00 67.87  ? 152  CYS A O   1 
ATOM   1150 C CB  . CYS A 1 152 ? -12.104 -11.302 -12.387 1.00 63.63  ? 152  CYS A CB  1 
ATOM   1151 S SG  . CYS A 1 152 ? -12.874 -12.565 -11.340 1.00 71.13  ? 152  CYS A SG  1 
ATOM   1152 N N   . PRO A 1 153 ? -11.742 -9.017  -14.564 1.00 63.94  ? 153  PRO A N   1 
ATOM   1153 C CA  . PRO A 1 153 ? -10.847 -8.336  -15.504 1.00 60.68  ? 153  PRO A CA  1 
ATOM   1154 C C   . PRO A 1 153 ? -9.474  -8.975  -15.491 1.00 71.11  ? 153  PRO A C   1 
ATOM   1155 O O   . PRO A 1 153 ? -8.750  -8.866  -14.487 1.00 72.60  ? 153  PRO A O   1 
ATOM   1156 C CB  . PRO A 1 153 ? -10.782 -6.899  -14.972 1.00 62.28  ? 153  PRO A CB  1 
ATOM   1157 C CG  . PRO A 1 153 ? -11.145 -7.012  -13.530 1.00 59.49  ? 153  PRO A CG  1 
ATOM   1158 C CD  . PRO A 1 153 ? -12.167 -8.116  -13.477 1.00 62.59  ? 153  PRO A CD  1 
ATOM   1159 N N   . GLU A 1 154 ? -9.152  -9.654  -16.592 1.00 71.17  ? 154  GLU A N   1 
ATOM   1160 C CA  . GLU A 1 154 ? -7.864  -10.312 -16.797 1.00 66.83  ? 154  GLU A CA  1 
ATOM   1161 C C   . GLU A 1 154 ? -7.700  -11.506 -15.910 1.00 63.55  ? 154  GLU A C   1 
ATOM   1162 O O   . GLU A 1 154 ? -6.585  -11.827 -15.519 1.00 66.72  ? 154  GLU A O   1 
ATOM   1163 C CB  . GLU A 1 154 ? -6.697  -9.362  -16.556 1.00 62.51  ? 154  GLU A CB  1 
ATOM   1164 C CG  . GLU A 1 154 ? -6.643  -8.218  -17.517 1.00 71.43  ? 154  GLU A CG  1 
ATOM   1165 C CD  . GLU A 1 154 ? -5.954  -7.034  -16.899 1.00 83.04  ? 154  GLU A CD  1 
ATOM   1166 O OE1 . GLU A 1 154 ? -6.119  -6.840  -15.666 1.00 90.92  ? 154  GLU A OE1 1 
ATOM   1167 O OE2 . GLU A 1 154 ? -5.236  -6.314  -17.634 1.00 83.55  ? 154  GLU A OE2 1 
ATOM   1168 N N   . ASP A 1 155 ? -8.804  -12.165 -15.593 1.00 67.14  ? 155  ASP A N   1 
ATOM   1169 C CA  . ASP A 1 155 ? -8.760  -13.308 -14.678 1.00 70.90  ? 155  ASP A CA  1 
ATOM   1170 C C   . ASP A 1 155 ? -8.056  -13.008 -13.353 1.00 67.42  ? 155  ASP A C   1 
ATOM   1171 O O   . ASP A 1 155 ? -7.481  -13.922 -12.737 1.00 62.18  ? 155  ASP A O   1 
ATOM   1172 C CB  . ASP A 1 155 ? -8.083  -14.494 -15.353 1.00 64.94  ? 155  ASP A CB  1 
ATOM   1173 C CG  . ASP A 1 155 ? -8.899  -15.036 -16.503 1.00 67.25  ? 155  ASP A CG  1 
ATOM   1174 O OD1 . ASP A 1 155 ? -10.073 -14.605 -16.658 1.00 64.58  ? 155  ASP A OD1 1 
ATOM   1175 O OD2 . ASP A 1 155 ? -8.363  -15.894 -17.240 1.00 72.67  ? 155  ASP A OD2 1 
ATOM   1176 N N   . GLN A 1 156 ? -8.135  -11.741 -12.926 1.00 55.90  ? 156  GLN A N   1 
ATOM   1177 C CA  . GLN A 1 156 ? -7.422  -11.254 -11.762 1.00 62.66  ? 156  GLN A CA  1 
ATOM   1178 C C   . GLN A 1 156 ? -8.365  -10.623 -10.711 1.00 66.30  ? 156  GLN A C   1 
ATOM   1179 O O   . GLN A 1 156 ? -9.113  -9.686  -10.999 1.00 67.14  ? 156  GLN A O   1 
ATOM   1180 C CB  . GLN A 1 156 ? -6.353  -10.245 -12.209 1.00 63.94  ? 156  GLN A CB  1 
ATOM   1181 C CG  . GLN A 1 156 ? -5.559  -9.591  -11.077 1.00 63.23  ? 156  GLN A CG  1 
ATOM   1182 C CD  . GLN A 1 156 ? -4.890  -10.605 -10.133 1.00 66.42  ? 156  GLN A CD  1 
ATOM   1183 O OE1 . GLN A 1 156 ? -4.139  -11.465 -10.578 1.00 66.00  ? 156  GLN A OE1 1 
ATOM   1184 N NE2 . GLN A 1 156 ? -5.155  -10.489 -8.824  1.00 62.82  ? 156  GLN A NE2 1 
ATOM   1185 N N   . PHE A 1 157 ? -8.308  -11.144 -9.490  1.00 65.21  ? 157  PHE A N   1 
ATOM   1186 C CA  . PHE A 1 157 ? -9.018  -10.583 -8.340  1.00 53.73  ? 157  PHE A CA  1 
ATOM   1187 C C   . PHE A 1 157 ? -8.286  -9.374  -7.780  1.00 55.74  ? 157  PHE A C   1 
ATOM   1188 O O   . PHE A 1 157 ? -7.126  -9.463  -7.385  1.00 61.36  ? 157  PHE A O   1 
ATOM   1189 C CB  . PHE A 1 157 ? -9.184  -11.669 -7.272  1.00 61.24  ? 157  PHE A CB  1 
ATOM   1190 C CG  . PHE A 1 157 ? -9.573  -11.160 -5.906  1.00 66.31  ? 157  PHE A CG  1 
ATOM   1191 C CD1 . PHE A 1 157 ? -10.632 -10.271 -5.741  1.00 63.22  ? 157  PHE A CD1 1 
ATOM   1192 C CD2 . PHE A 1 157 ? -8.914  -11.624 -4.777  1.00 63.70  ? 157  PHE A CD2 1 
ATOM   1193 C CE1 . PHE A 1 157 ? -10.998 -9.836  -4.481  1.00 61.85  ? 157  PHE A CE1 1 
ATOM   1194 C CE2 . PHE A 1 157 ? -9.283  -11.194 -3.512  1.00 61.83  ? 157  PHE A CE2 1 
ATOM   1195 C CZ  . PHE A 1 157 ? -10.324 -10.307 -3.360  1.00 59.22  ? 157  PHE A CZ  1 
ATOM   1196 N N   . CYS A 1 158 ? -8.950  -8.222  -7.769  1.00 61.29  ? 158  CYS A N   1 
ATOM   1197 C CA  . CYS A 1 158 ? -8.374  -7.032  -7.143  1.00 57.46  ? 158  CYS A CA  1 
ATOM   1198 C C   . CYS A 1 158 ? -9.428  -6.402  -6.275  1.00 54.46  ? 158  CYS A C   1 
ATOM   1199 O O   . CYS A 1 158 ? -10.619 -6.648  -6.484  1.00 50.94  ? 158  CYS A O   1 
ATOM   1200 C CB  . CYS A 1 158 ? -7.874  -6.017  -8.169  1.00 55.80  ? 158  CYS A CB  1 
ATOM   1201 S SG  . CYS A 1 158 ? -6.573  -6.621  -9.281  1.00 56.58  ? 158  CYS A SG  1 
ATOM   1202 N N   . ALA A 1 159 ? -8.971  -5.583  -5.324  1.00 52.14  ? 159  ALA A N   1 
ATOM   1203 C CA  . ALA A 1 159 ? -9.804  -4.994  -4.278  1.00 48.58  ? 159  ALA A CA  1 
ATOM   1204 C C   . ALA A 1 159 ? -9.267  -3.648  -3.859  1.00 52.48  ? 159  ALA A C   1 
ATOM   1205 O O   . ALA A 1 159 ? -8.069  -3.397  -4.007  1.00 50.47  ? 159  ALA A O   1 
ATOM   1206 C CB  . ALA A 1 159 ? -9.884  -5.899  -3.068  1.00 51.44  ? 159  ALA A CB  1 
ATOM   1207 N N   . LYS A 1 160 ? -10.141 -2.793  -3.315  1.00 48.40  ? 160  LYS A N   1 
ATOM   1208 C CA  . LYS A 1 160 ? -9.715  -1.468  -2.872  1.00 51.71  ? 160  LYS A CA  1 
ATOM   1209 C C   . LYS A 1 160 ? -9.046  -1.513  -1.493  1.00 52.85  ? 160  LYS A C   1 
ATOM   1210 O O   . LYS A 1 160 ? -9.361  -2.360  -0.654  1.00 53.49  ? 160  LYS A O   1 
ATOM   1211 C CB  . LYS A 1 160 ? -10.907 -0.510  -2.863  1.00 53.49  ? 160  LYS A CB  1 
ATOM   1212 C CG  . LYS A 1 160 ? -11.614 -0.445  -4.197  1.00 55.67  ? 160  LYS A CG  1 
ATOM   1213 C CD  . LYS A 1 160 ? -12.718 0.584   -4.222  1.00 55.34  ? 160  LYS A CD  1 
ATOM   1214 C CE  . LYS A 1 160 ? -13.913 0.030   -4.971  1.00 65.64  ? 160  LYS A CE  1 
ATOM   1215 N NZ  . LYS A 1 160 ? -14.454 -1.185  -4.256  1.00 65.86  ? 160  LYS A NZ  1 
ATOM   1216 N N   . VAL A 1 161 ? -8.121  -0.594  -1.261  1.00 49.06  ? 161  VAL A N   1 
ATOM   1217 C CA  . VAL A 1 161 ? -7.365  -0.575  -0.027  1.00 47.76  ? 161  VAL A CA  1 
ATOM   1218 C C   . VAL A 1 161 ? -7.869  0.552   0.848   1.00 57.22  ? 161  VAL A C   1 
ATOM   1219 O O   . VAL A 1 161 ? -7.838  1.722   0.463   1.00 58.36  ? 161  VAL A O   1 
ATOM   1220 C CB  . VAL A 1 161 ? -5.858  -0.412  -0.302  1.00 54.90  ? 161  VAL A CB  1 
ATOM   1221 C CG1 . VAL A 1 161 ? -5.076  -0.105  0.997   1.00 52.35  ? 161  VAL A CG1 1 
ATOM   1222 C CG2 . VAL A 1 161 ? -5.325  -1.654  -1.015  1.00 51.85  ? 161  VAL A CG2 1 
ATOM   1223 N N   . GLY A 1 162 ? -8.356  0.200   2.031   1.00 58.02  ? 162  GLY A N   1 
ATOM   1224 C CA  . GLY A 1 162 ? -8.904  1.195   2.922   1.00 56.65  ? 162  GLY A CA  1 
ATOM   1225 C C   . GLY A 1 162 ? -8.289  1.108   4.304   1.00 58.88  ? 162  GLY A C   1 
ATOM   1226 O O   . GLY A 1 162 ? -7.095  0.831   4.455   1.00 57.30  ? 162  GLY A O   1 
ATOM   1227 N N   . VAL A 1 163 ? -9.100  1.371   5.323   1.00 58.99  ? 163  VAL A N   1 
ATOM   1228 C CA  . VAL A 1 163 ? -8.618  1.278   6.690   1.00 57.15  ? 163  VAL A CA  1 
ATOM   1229 C C   . VAL A 1 163 ? -9.656  0.598   7.586   1.00 56.08  ? 163  VAL A C   1 
ATOM   1230 O O   . VAL A 1 163 ? -10.868 0.760   7.406   1.00 59.47  ? 163  VAL A O   1 
ATOM   1231 C CB  . VAL A 1 163 ? -8.248  2.667   7.239   1.00 53.90  ? 163  VAL A CB  1 
ATOM   1232 C CG1 . VAL A 1 163 ? -8.115  2.672   8.769   1.00 59.51  ? 163  VAL A CG1 1 
ATOM   1233 C CG2 . VAL A 1 163 ? -6.950  3.143   6.619   1.00 58.79  ? 163  VAL A CG2 1 
ATOM   1234 N N   . VAL A 1 164 ? -9.162  -0.224  8.502   1.00 53.31  ? 164  VAL A N   1 
ATOM   1235 C CA  . VAL A 1 164 ? -9.953  -0.657  9.646   1.00 55.28  ? 164  VAL A CA  1 
ATOM   1236 C C   . VAL A 1 164 ? -9.236  -0.198  10.893  1.00 53.73  ? 164  VAL A C   1 
ATOM   1237 O O   . VAL A 1 164 ? -8.035  0.098   10.848  1.00 54.95  ? 164  VAL A O   1 
ATOM   1238 C CB  . VAL A 1 164 ? -10.130 -2.173  9.701   1.00 50.17  ? 164  VAL A CB  1 
ATOM   1239 C CG1 . VAL A 1 164 ? -10.965 -2.634  8.541   1.00 48.31  ? 164  VAL A CG1 1 
ATOM   1240 C CG2 . VAL A 1 164 ? -8.775  -2.859  9.715   1.00 44.19  ? 164  VAL A CG2 1 
ATOM   1241 N N   . ILE A 1 165 ? -9.958  -0.137  12.005  1.00 55.85  ? 165  ILE A N   1 
ATOM   1242 C CA  . ILE A 1 165 ? -9.325  0.204   13.275  1.00 58.46  ? 165  ILE A CA  1 
ATOM   1243 C C   . ILE A 1 165 ? -8.969  -1.040  14.088  1.00 55.47  ? 165  ILE A C   1 
ATOM   1244 O O   . ILE A 1 165 ? -9.829  -1.824  14.473  1.00 57.34  ? 165  ILE A O   1 
ATOM   1245 C CB  . ILE A 1 165 ? -10.205 1.118   14.128  1.00 59.09  ? 165  ILE A CB  1 
ATOM   1246 C CG1 . ILE A 1 165 ? -10.827 2.217   13.258  1.00 64.43  ? 165  ILE A CG1 1 
ATOM   1247 C CG2 . ILE A 1 165 ? -9.380  1.708   15.268  1.00 56.38  ? 165  ILE A CG2 1 
ATOM   1248 C CD1 . ILE A 1 165 ? -9.811  3.214   12.711  1.00 62.12  ? 165  ILE A CD1 1 
ATOM   1249 N N   . GLN A 1 166 ? -7.676  -1.177  14.348  1.00 56.05  ? 166  GLN A N   1 
ATOM   1250 C CA  . GLN A 1 166 ? -7.083  -2.306  15.042  1.00 57.97  ? 166  GLN A CA  1 
ATOM   1251 C C   . GLN A 1 166 ? -6.356  -1.720  16.240  1.00 62.32  ? 166  GLN A C   1 
ATOM   1252 O O   . GLN A 1 166 ? -5.347  -1.048  16.064  1.00 62.69  ? 166  GLN A O   1 
ATOM   1253 C CB  . GLN A 1 166 ? -6.119  -3.058  14.100  1.00 59.60  ? 166  GLN A CB  1 
ATOM   1254 C CG  . GLN A 1 166 ? -5.425  -4.283  14.648  1.00 60.02  ? 166  GLN A CG  1 
ATOM   1255 C CD  . GLN A 1 166 ? -4.319  -4.781  13.721  1.00 65.18  ? 166  GLN A CD  1 
ATOM   1256 O OE1 . GLN A 1 166 ? -3.531  -3.990  13.191  1.00 67.49  ? 166  GLN A OE1 1 
ATOM   1257 N NE2 . GLN A 1 166 ? -4.249  -6.098  13.533  1.00 60.61  ? 166  GLN A NE2 1 
ATOM   1258 N N   . ASN A 1 167 ? -6.879  -1.941  17.446  1.00 66.11  ? 167  ASN A N   1 
ATOM   1259 C CA  . ASN A 1 167 ? -6.330  -1.322  18.658  1.00 66.24  ? 167  ASN A CA  1 
ATOM   1260 C C   . ASN A 1 167 ? -6.239  0.196   18.618  1.00 67.33  ? 167  ASN A C   1 
ATOM   1261 O O   . ASN A 1 167 ? -5.267  0.777   19.118  1.00 67.72  ? 167  ASN A O   1 
ATOM   1262 C CB  . ASN A 1 167 ? -4.941  -1.876  18.967  1.00 66.71  ? 167  ASN A CB  1 
ATOM   1263 C CG  . ASN A 1 167 ? -5.000  -3.088  19.845  1.00 74.33  ? 167  ASN A CG  1 
ATOM   1264 O OD1 . ASN A 1 167 ? -5.999  -3.806  19.837  1.00 76.99  ? 167  ASN A OD1 1 
ATOM   1265 N ND2 . ASN A 1 167 ? -3.948  -3.318  20.631  1.00 76.08  ? 167  ASN A ND2 1 
ATOM   1266 N N   . GLY A 1 168 ? -7.243  0.840   18.029  1.00 67.64  ? 168  GLY A N   1 
ATOM   1267 C CA  . GLY A 1 168 ? -7.282  2.294   17.995  1.00 72.25  ? 168  GLY A CA  1 
ATOM   1268 C C   . GLY A 1 168 ? -6.320  2.950   17.012  1.00 73.26  ? 168  GLY A C   1 
ATOM   1269 O O   . GLY A 1 168 ? -6.241  4.182   16.932  1.00 75.26  ? 168  GLY A O   1 
ATOM   1270 N N   . LYS A 1 169 ? -5.584  2.133   16.266  1.00 66.24  ? 169  LYS A N   1 
ATOM   1271 C CA  . LYS A 1 169 ? -4.735  2.636   15.206  1.00 64.79  ? 169  LYS A CA  1 
ATOM   1272 C C   . LYS A 1 169 ? -5.380  2.347   13.855  1.00 61.25  ? 169  LYS A C   1 
ATOM   1273 O O   . LYS A 1 169 ? -6.145  1.391   13.725  1.00 60.16  ? 169  LYS A O   1 
ATOM   1274 C CB  . LYS A 1 169 ? -3.345  2.020   15.303  1.00 63.41  ? 169  LYS A CB  1 
ATOM   1275 C CG  . LYS A 1 169 ? -2.572  2.500   16.509  1.00 63.95  ? 169  LYS A CG  1 
ATOM   1276 C CD  . LYS A 1 169 ? -1.304  1.679   16.687  1.00 76.44  ? 169  LYS A CD  1 
ATOM   1277 C CE  . LYS A 1 169 ? -1.620  0.177   16.847  1.00 79.49  ? 169  LYS A CE  1 
ATOM   1278 N NZ  . LYS A 1 169 ? -0.399  -0.713  16.752  1.00 79.54  ? 169  LYS A NZ  1 
ATOM   1279 N N   . ARG A 1 170 ? -5.098  3.187   12.858  1.00 60.07  ? 170  ARG A N   1 
ATOM   1280 C CA  . ARG A 1 170 ? -5.612  2.966   11.503  1.00 60.11  ? 170  ARG A CA  1 
ATOM   1281 C C   . ARG A 1 170 ? -4.770  1.949   10.736  1.00 60.63  ? 170  ARG A C   1 
ATOM   1282 O O   . ARG A 1 170 ? -3.586  2.180   10.494  1.00 57.60  ? 170  ARG A O   1 
ATOM   1283 C CB  . ARG A 1 170 ? -5.656  4.272   10.729  1.00 63.16  ? 170  ARG A CB  1 
ATOM   1284 C CG  . ARG A 1 170 ? -6.738  5.205   11.171  1.00 69.75  ? 170  ARG A CG  1 
ATOM   1285 C CD  . ARG A 1 170 ? -6.245  6.630   11.095  1.00 71.27  ? 170  ARG A CD  1 
ATOM   1286 N NE  . ARG A 1 170 ? -7.348  7.583   10.979  1.00 68.20  ? 170  ARG A NE  1 
ATOM   1287 C CZ  . ARG A 1 170 ? -7.179  8.881   10.756  1.00 66.27  ? 170  ARG A CZ  1 
ATOM   1288 N NH1 . ARG A 1 170 ? -5.952  9.379   10.629  1.00 64.32  ? 170  ARG A NH1 1 
ATOM   1289 N NH2 . ARG A 1 170 ? -8.233  9.679   10.670  1.00 66.57  ? 170  ARG A NH2 1 
ATOM   1290 N N   . ARG A 1 171 ? -5.388  0.829   10.361  1.00 59.51  ? 171  ARG A N   1 
ATOM   1291 C CA  . ARG A 1 171 ? -4.689  -0.287  9.735   1.00 54.55  ? 171  ARG A CA  1 
ATOM   1292 C C   . ARG A 1 171 ? -5.190  -0.462  8.336   1.00 55.75  ? 171  ARG A C   1 
ATOM   1293 O O   . ARG A 1 171 ? -6.388  -0.666  8.125   1.00 56.93  ? 171  ARG A O   1 
ATOM   1294 C CB  . ARG A 1 171 ? -4.912  -1.576  10.511  1.00 55.56  ? 171  ARG A CB  1 
ATOM   1295 C CG  . ARG A 1 171 ? -4.288  -2.804  9.880   1.00 53.91  ? 171  ARG A CG  1 
ATOM   1296 C CD  . ARG A 1 171 ? -2.812  -2.811  10.146  1.00 53.29  ? 171  ARG A CD  1 
ATOM   1297 N NE  . ARG A 1 171 ? -2.115  -3.877  9.437   1.00 54.47  ? 171  ARG A NE  1 
ATOM   1298 C CZ  . ARG A 1 171 ? -1.824  -5.054  9.980   1.00 56.55  ? 171  ARG A CZ  1 
ATOM   1299 N NH1 . ARG A 1 171 ? -2.185  -5.302  11.227  1.00 56.66  ? 171  ARG A NH1 1 
ATOM   1300 N NH2 . ARG A 1 171 ? -1.178  -5.976  9.284   1.00 52.40  ? 171  ARG A NH2 1 
ATOM   1301 N N   . LEU A 1 172 ? -4.285  -0.398  7.368   1.00 60.98  ? 172  LEU A N   1 
ATOM   1302 C CA  . LEU A 1 172 ? -4.716  -0.502  5.982   1.00 62.71  ? 172  LEU A CA  1 
ATOM   1303 C C   . LEU A 1 172 ? -5.171  -1.935  5.700   1.00 55.32  ? 172  LEU A C   1 
ATOM   1304 O O   . LEU A 1 172 ? -4.521  -2.911  6.087   1.00 58.81  ? 172  LEU A O   1 
ATOM   1305 C CB  . LEU A 1 172 ? -3.602  -0.054  5.020   1.00 59.32  ? 172  LEU A CB  1 
ATOM   1306 C CG  . LEU A 1 172 ? -3.432  1.468   4.846   1.00 58.15  ? 172  LEU A CG  1 
ATOM   1307 C CD1 . LEU A 1 172 ? -2.878  2.167   6.100   1.00 54.34  ? 172  LEU A CD1 1 
ATOM   1308 C CD2 . LEU A 1 172 ? -2.565  1.783   3.622   1.00 49.41  ? 172  LEU A CD2 1 
ATOM   1309 N N   . ALA A 1 173 ? -6.310  -2.057  5.045   1.00 49.89  ? 173  ALA A N   1 
ATOM   1310 C CA  . ALA A 1 173 ? -6.859  -3.368  4.766   1.00 56.26  ? 173  ALA A CA  1 
ATOM   1311 C C   . ALA A 1 173 ? -7.697  -3.334  3.498   1.00 52.66  ? 173  ALA A C   1 
ATOM   1312 O O   . ALA A 1 173 ? -8.063  -2.261  3.031   1.00 59.63  ? 173  ALA A O   1 
ATOM   1313 C CB  . ALA A 1 173 ? -7.691  -3.839  5.951   1.00 54.29  ? 173  ALA A CB  1 
ATOM   1314 N N   . LEU A 1 174 ? -8.027  -4.491  2.943   1.00 48.48  ? 174  LEU A N   1 
ATOM   1315 C CA  . LEU A 1 174 ? -8.882  -4.483  1.772   1.00 49.14  ? 174  LEU A CA  1 
ATOM   1316 C C   . LEU A 1 174 ? -10.261 -4.059  2.243   1.00 51.89  ? 174  LEU A C   1 
ATOM   1317 O O   . LEU A 1 174 ? -10.777 -4.643  3.190   1.00 55.84  ? 174  LEU A O   1 
ATOM   1318 C CB  . LEU A 1 174 ? -8.924  -5.854  1.076   1.00 46.40  ? 174  LEU A CB  1 
ATOM   1319 C CG  . LEU A 1 174 ? -7.567  -6.530  0.767   1.00 52.70  ? 174  LEU A CG  1 
ATOM   1320 C CD1 . LEU A 1 174 ? -7.672  -7.626  -0.282  1.00 46.28  ? 174  LEU A CD1 1 
ATOM   1321 C CD2 . LEU A 1 174 ? -6.543  -5.511  0.369   1.00 47.65  ? 174  LEU A CD2 1 
ATOM   1322 N N   . VAL A 1 175 ? -10.849 -3.047  1.596   1.00 56.54  ? 175  VAL A N   1 
ATOM   1323 C CA  . VAL A 1 175 ? -12.229 -2.601  1.889   1.00 48.71  ? 175  VAL A CA  1 
ATOM   1324 C C   . VAL A 1 175 ? -13.110 -2.603  0.656   1.00 53.91  ? 175  VAL A C   1 
ATOM   1325 O O   . VAL A 1 175 ? -12.638 -2.772  -0.476  1.00 58.58  ? 175  VAL A O   1 
ATOM   1326 C CB  . VAL A 1 175 ? -12.300 -1.169  2.442   1.00 53.50  ? 175  VAL A CB  1 
ATOM   1327 C CG1 . VAL A 1 175 ? -11.420 -0.974  3.699   1.00 46.32  ? 175  VAL A CG1 1 
ATOM   1328 C CG2 . VAL A 1 175 ? -11.914 -0.193  1.332   1.00 57.55  ? 175  VAL A CG2 1 
ATOM   1329 N N   . ASN A 1 176 ? -14.397 -2.379  0.891   1.00 55.83  ? 176  ASN A N   1 
ATOM   1330 C CA  . ASN A 1 176 ? -15.416 -2.332  -0.149  1.00 54.16  ? 176  ASN A CA  1 
ATOM   1331 C C   . ASN A 1 176 ? -15.821 -0.912  -0.477  1.00 60.95  ? 176  ASN A C   1 
ATOM   1332 O O   . ASN A 1 176 ? -16.160 -0.593  -1.617  1.00 65.37  ? 176  ASN A O   1 
ATOM   1333 C CB  . ASN A 1 176 ? -16.642 -3.091  0.292   1.00 49.21  ? 176  ASN A CB  1 
ATOM   1334 C CG  . ASN A 1 176 ? -16.350 -4.520  0.544   1.00 58.70  ? 176  ASN A CG  1 
ATOM   1335 O OD1 . ASN A 1 176 ? -15.489 -5.109  -0.106  1.00 63.08  ? 176  ASN A OD1 1 
ATOM   1336 N ND2 . ASN A 1 176 ? -17.043 -5.103  1.505   1.00 60.97  ? 176  ASN A ND2 1 
ATOM   1337 N N   . GLU A 1 177 ? -15.792 -0.079  0.561   1.00 61.19  ? 177  GLU A N   1 
ATOM   1338 C CA  . GLU A 1 177 ? -16.158 1.318   0.481   1.00 59.92  ? 177  GLU A CA  1 
ATOM   1339 C C   . GLU A 1 177 ? -15.141 2.171   1.213   1.00 64.98  ? 177  GLU A C   1 
ATOM   1340 O O   . GLU A 1 177 ? -14.352 1.680   2.033   1.00 63.59  ? 177  GLU A O   1 
ATOM   1341 C CB  . GLU A 1 177 ? -17.534 1.550   1.087   1.00 67.38  ? 177  GLU A CB  1 
ATOM   1342 C CG  . GLU A 1 177 ? -18.623 0.675   0.520   1.00 73.13  ? 177  GLU A CG  1 
ATOM   1343 C CD  . GLU A 1 177 ? -19.813 0.606   1.452   1.00 94.89  ? 177  GLU A CD  1 
ATOM   1344 O OE1 . GLU A 1 177 ? -19.594 0.476   2.680   1.00 99.59  ? 177  GLU A OE1 1 
ATOM   1345 O OE2 . GLU A 1 177 ? -20.966 0.696   0.966   1.00 109.42 ? 177  GLU A OE2 1 
ATOM   1346 N N   . ASN A 1 178 ? -15.200 3.466   0.942   1.00 64.82  ? 178  ASN A N   1 
ATOM   1347 C CA  . ASN A 1 178 ? -14.215 4.419   1.444   1.00 62.71  ? 178  ASN A CA  1 
ATOM   1348 C C   . ASN A 1 178 ? -12.781 4.012   1.273   1.00 58.70  ? 178  ASN A C   1 
ATOM   1349 O O   . ASN A 1 178 ? -12.065 3.869   2.269   1.00 56.07  ? 178  ASN A O   1 
ATOM   1350 C CB  . ASN A 1 178 ? -14.459 4.712   2.911   1.00 67.90  ? 178  ASN A CB  1 
ATOM   1351 C CG  . ASN A 1 178 ? -15.682 5.543   3.112   1.00 72.77  ? 178  ASN A CG  1 
ATOM   1352 O OD1 . ASN A 1 178 ? -16.774 5.015   3.342   1.00 76.83  ? 178  ASN A OD1 1 
ATOM   1353 N ND2 . ASN A 1 178 ? -15.529 6.860   2.956   1.00 75.50  ? 178  ASN A ND2 1 
ATOM   1354 N N   . PRO A 1 179 ? -12.354 3.837   0.009   1.00 58.93  ? 179  PRO A N   1 
ATOM   1355 C CA  . PRO A 1 179 ? -10.933 3.635   -0.219  1.00 47.38  ? 179  PRO A CA  1 
ATOM   1356 C C   . PRO A 1 179 ? -10.145 4.815   0.327   1.00 52.53  ? 179  PRO A C   1 
ATOM   1357 O O   . PRO A 1 179 ? -10.639 5.946   0.323   1.00 59.41  ? 179  PRO A O   1 
ATOM   1358 C CB  . PRO A 1 179 ? -10.831 3.551   -1.742  1.00 54.51  ? 179  PRO A CB  1 
ATOM   1359 C CG  . PRO A 1 179 ? -12.072 4.141   -2.255  1.00 54.27  ? 179  PRO A CG  1 
ATOM   1360 C CD  . PRO A 1 179 ? -13.116 3.839   -1.254  1.00 53.78  ? 179  PRO A CD  1 
ATOM   1361 N N   . LEU A 1 180 ? -8.949  4.558   0.829   1.00 46.57  ? 180  LEU A N   1 
ATOM   1362 C CA  . LEU A 1 180 ? -8.066  5.640   1.216   1.00 51.13  ? 180  LEU A CA  1 
ATOM   1363 C C   . LEU A 1 180 ? -7.650  6.396   -0.044  1.00 58.27  ? 180  LEU A C   1 
ATOM   1364 O O   . LEU A 1 180 ? -7.112  5.803   -0.966  1.00 58.07  ? 180  LEU A O   1 
ATOM   1365 C CB  . LEU A 1 180 ? -6.857  5.086   1.943   1.00 51.05  ? 180  LEU A CB  1 
ATOM   1366 C CG  . LEU A 1 180 ? -5.922  6.026   2.670   1.00 53.23  ? 180  LEU A CG  1 
ATOM   1367 C CD1 . LEU A 1 180 ? -6.644  6.710   3.803   1.00 57.92  ? 180  LEU A CD1 1 
ATOM   1368 C CD2 . LEU A 1 180 ? -4.775  5.208   3.204   1.00 49.01  ? 180  LEU A CD2 1 
ATOM   1369 N N   . ASP A 1 181 ? -7.944  7.690   -0.104  1.00 61.95  ? 181  ASP A N   1 
ATOM   1370 C CA  . ASP A 1 181 ? -7.542  8.530   -1.228  1.00 57.33  ? 181  ASP A CA  1 
ATOM   1371 C C   . ASP A 1 181 ? -6.162  9.062   -0.947  1.00 57.32  ? 181  ASP A C   1 
ATOM   1372 O O   . ASP A 1 181 ? -5.994  9.683   0.060   1.00 51.69  ? 181  ASP A O   1 
ATOM   1373 C CB  . ASP A 1 181 ? -8.512  9.688   -1.404  1.00 55.74  ? 181  ASP A CB  1 
ATOM   1374 C CG  . ASP A 1 181 ? -9.867  9.235   -1.835  1.00 59.90  ? 181  ASP A CG  1 
ATOM   1375 O OD1 . ASP A 1 181 ? -9.931  8.204   -2.534  1.00 59.01  ? 181  ASP A OD1 1 
ATOM   1376 O OD2 . ASP A 1 181 ? -10.866 9.897   -1.467  1.00 66.83  ? 181  ASP A OD2 1 
ATOM   1377 N N   . VAL A 1 182 ? -5.153  8.849   -1.785  1.00 60.04  ? 182  VAL A N   1 
ATOM   1378 C CA  . VAL A 1 182 ? -3.827  9.320   -1.348  1.00 60.73  ? 182  VAL A CA  1 
ATOM   1379 C C   . VAL A 1 182 ? -3.015  10.120  -2.363  1.00 60.23  ? 182  VAL A C   1 
ATOM   1380 O O   . VAL A 1 182 ? -3.307  10.150  -3.579  1.00 55.27  ? 182  VAL A O   1 
ATOM   1381 C CB  . VAL A 1 182 ? -2.935  8.140   -0.890  1.00 59.31  ? 182  VAL A CB  1 
ATOM   1382 C CG1 . VAL A 1 182 ? -3.343  7.657   0.515   1.00 51.49  ? 182  VAL A CG1 1 
ATOM   1383 C CG2 . VAL A 1 182 ? -2.978  7.022   -1.924  1.00 52.62  ? 182  VAL A CG2 1 
ATOM   1384 N N   . LEU A 1 183 ? -1.975  10.742  -1.816  1.00 56.26  ? 183  LEU A N   1 
ATOM   1385 C CA  . LEU A 1 183 ? -1.000  11.501  -2.574  1.00 63.49  ? 183  LEU A CA  1 
ATOM   1386 C C   . LEU A 1 183 ? 0.405   10.988  -2.272  1.00 64.72  ? 183  LEU A C   1 
ATOM   1387 O O   . LEU A 1 183 ? 0.667   10.537  -1.154  1.00 62.92  ? 183  LEU A O   1 
ATOM   1388 C CB  . LEU A 1 183 ? -1.088  12.996  -2.234  1.00 66.00  ? 183  LEU A CB  1 
ATOM   1389 C CG  . LEU A 1 183 ? -2.311  13.791  -2.706  1.00 67.11  ? 183  LEU A CG  1 
ATOM   1390 C CD1 . LEU A 1 183 ? -2.024  15.283  -2.572  1.00 67.09  ? 183  LEU A CD1 1 
ATOM   1391 C CD2 . LEU A 1 183 ? -2.758  13.407  -4.143  1.00 51.93  ? 183  LEU A CD2 1 
ATOM   1392 N N   . PHE A 1 184 ? 1.300   11.103  -3.257  1.00 64.57  ? 184  PHE A N   1 
ATOM   1393 C CA  . PHE A 1 184 ? 2.698   10.684  -3.134  1.00 64.19  ? 184  PHE A CA  1 
ATOM   1394 C C   . PHE A 1 184 ? 3.683   11.859  -3.104  1.00 67.63  ? 184  PHE A C   1 
ATOM   1395 O O   . PHE A 1 184 ? 3.711   12.690  -3.992  1.00 66.23  ? 184  PHE A O   1 
ATOM   1396 C CB  . PHE A 1 184 ? 3.034   9.752   -4.279  1.00 64.02  ? 184  PHE A CB  1 
ATOM   1397 C CG  . PHE A 1 184 ? 2.014   8.680   -4.483  1.00 65.81  ? 184  PHE A CG  1 
ATOM   1398 C CD1 . PHE A 1 184 ? 1.793   7.725   -3.497  1.00 57.17  ? 184  PHE A CD1 1 
ATOM   1399 C CD2 . PHE A 1 184 ? 1.263   8.627   -5.648  1.00 55.79  ? 184  PHE A CD2 1 
ATOM   1400 C CE1 . PHE A 1 184 ? 0.851   6.723   -3.677  1.00 56.02  ? 184  PHE A CE1 1 
ATOM   1401 C CE2 . PHE A 1 184 ? 0.328   7.623   -5.825  1.00 64.64  ? 184  PHE A CE2 1 
ATOM   1402 C CZ  . PHE A 1 184 ? 0.119   6.671   -4.833  1.00 54.82  ? 184  PHE A CZ  1 
ATOM   1403 N N   . GLN A 1 185 ? 4.501   11.930  -2.073  1.00 70.08  ? 185  GLN A N   1 
ATOM   1404 C CA  . GLN A 1 185 ? 5.245   13.155  -1.839  1.00 72.47  ? 185  GLN A CA  1 
ATOM   1405 C C   . GLN A 1 185 ? 6.725   12.841  -1.648  1.00 71.86  ? 185  GLN A C   1 
ATOM   1406 O O   . GLN A 1 185 ? 7.142   12.443  -0.556  1.00 71.30  ? 185  GLN A O   1 
ATOM   1407 C CB  . GLN A 1 185 ? 4.665   13.888  -0.624  1.00 69.36  ? 185  GLN A CB  1 
ATOM   1408 C CG  . GLN A 1 185 ? 5.244   15.250  -0.351  1.00 71.68  ? 185  GLN A CG  1 
ATOM   1409 C CD  . GLN A 1 185 ? 5.351   15.517  1.125   1.00 73.57  ? 185  GLN A CD  1 
ATOM   1410 O OE1 . GLN A 1 185 ? 5.383   14.582  1.921   1.00 85.38  ? 185  GLN A OE1 1 
ATOM   1411 N NE2 . GLN A 1 185 ? 5.401   16.788  1.508   1.00 79.29  ? 185  GLN A NE2 1 
ATOM   1412 N N   . GLU A 1 186 ? 7.495   13.016  -2.728  1.00 70.38  ? 186  GLU A N   1 
ATOM   1413 C CA  . GLU A 1 186 ? 8.925   12.718  -2.760  1.00 70.70  ? 186  GLU A CA  1 
ATOM   1414 C C   . GLU A 1 186 ? 9.698   13.313  -1.576  1.00 69.63  ? 186  GLU A C   1 
ATOM   1415 O O   . GLU A 1 186 ? 9.339   14.354  -1.029  1.00 70.98  ? 186  GLU A O   1 
ATOM   1416 C CB  . GLU A 1 186 ? 9.523   13.207  -4.079  1.00 77.69  ? 186  GLU A CB  1 
ATOM   1417 C CG  . GLU A 1 186 ? 10.979  12.801  -4.285  1.00 84.67  ? 186  GLU A CG  1 
ATOM   1418 C CD  . GLU A 1 186 ? 11.652  13.509  -5.467  1.00 90.22  ? 186  GLU A CD  1 
ATOM   1419 O OE1 . GLU A 1 186 ? 11.318  13.197  -6.637  1.00 85.90  ? 186  GLU A OE1 1 
ATOM   1420 O OE2 . GLU A 1 186 ? 12.526  14.373  -5.216  1.00 91.58  ? 186  GLU A OE2 1 
ATOM   1421 N N   . VAL A 1 187 ? 10.739  12.610  -1.157  1.00 72.66  ? 187  VAL A N   1 
ATOM   1422 C CA  . VAL A 1 187 ? 11.547  13.027  -0.020  1.00 78.61  ? 187  VAL A CA  1 
ATOM   1423 C C   . VAL A 1 187 ? 13.033  12.968  -0.384  1.00 82.66  ? 187  VAL A C   1 
ATOM   1424 O O   . VAL A 1 187 ? 13.764  13.956  -0.254  1.00 82.54  ? 187  VAL A O   1 
ATOM   1425 C CB  . VAL A 1 187 ? 11.282  12.140  1.223   1.00 82.28  ? 187  VAL A CB  1 
ATOM   1426 C CG1 . VAL A 1 187 ? 9.802   12.145  1.579   1.00 81.36  ? 187  VAL A CG1 1 
ATOM   1427 C CG2 . VAL A 1 187 ? 11.749  10.717  0.970   1.00 78.48  ? 187  VAL A CG2 1 
HETATM 1428 C C1  . NAG B 2 .   ? 17.098  5.130   -12.767 1.00 99.69  ? 1188 NAG A C1  1 
HETATM 1429 C C2  . NAG B 2 .   ? 16.277  4.867   -14.014 1.00 104.11 ? 1188 NAG A C2  1 
HETATM 1430 C C3  . NAG B 2 .   ? 17.012  5.345   -15.214 1.00 110.26 ? 1188 NAG A C3  1 
HETATM 1431 C C4  . NAG B 2 .   ? 18.434  4.927   -15.326 1.00 109.40 ? 1188 NAG A C4  1 
HETATM 1432 C C5  . NAG B 2 .   ? 19.012  4.183   -14.159 1.00 106.38 ? 1188 NAG A C5  1 
HETATM 1433 C C6  . NAG B 2 .   ? 20.503  4.216   -14.310 1.00 104.50 ? 1188 NAG A C6  1 
HETATM 1434 C C7  . NAG B 2 .   ? 14.824  6.894   -13.654 1.00 101.61 ? 1188 NAG A C7  1 
HETATM 1435 C C8  . NAG B 2 .   ? 13.455  7.478   -13.665 1.00 93.44  ? 1188 NAG A C8  1 
HETATM 1436 N N2  . NAG B 2 .   ? 14.990  5.487   -13.993 1.00 100.46 ? 1188 NAG A N2  1 
HETATM 1437 O O3  . NAG B 2 .   ? 16.358  4.862   -16.428 1.00 111.15 ? 1188 NAG A O3  1 
HETATM 1438 O O4  . NAG B 2 .   ? 18.542  4.072   -16.491 1.00 110.17 ? 1188 NAG A O4  1 
HETATM 1439 O O5  . NAG B 2 .   ? 18.552  4.792   -12.881 1.00 102.36 ? 1188 NAG A O5  1 
HETATM 1440 O O6  . NAG B 2 .   ? 20.839  3.741   -15.627 1.00 99.98  ? 1188 NAG A O6  1 
HETATM 1441 O O7  . NAG B 2 .   ? 15.785  7.590   -13.350 1.00 104.46 ? 1188 NAG A O7  1 
HETATM 1442 O O   . HOH C 3 .   ? -2.040  9.469   -12.583 1.00 65.17  ? 2001 HOH A O   1 
HETATM 1443 O O   . HOH C 3 .   ? 9.838   4.957   -5.722  1.00 57.85  ? 2002 HOH A O   1 
HETATM 1444 O O   . HOH C 3 .   ? -9.694  5.905   15.641  1.00 61.97  ? 2003 HOH A O   1 
HETATM 1445 O O   . HOH C 3 .   ? 4.631   6.974   4.474   1.00 65.51  ? 2004 HOH A O   1 
HETATM 1446 O O   . HOH C 3 .   ? -0.971  12.145  5.115   1.00 59.57  ? 2005 HOH A O   1 
HETATM 1447 O O   . HOH C 3 .   ? -5.950  10.868  1.287   1.00 69.22  ? 2006 HOH A O   1 
HETATM 1448 O O   . HOH C 3 .   ? -8.519  8.097   15.131  1.00 67.82  ? 2007 HOH A O   1 
HETATM 1449 O O   . HOH C 3 .   ? 1.569   12.202  12.216  1.00 71.48  ? 2008 HOH A O   1 
HETATM 1450 O O   . HOH C 3 .   ? 8.874   5.344   9.738   1.00 64.20  ? 2009 HOH A O   1 
HETATM 1451 O O   . HOH C 3 .   ? 3.949   0.454   -14.075 1.00 70.91  ? 2010 HOH A O   1 
HETATM 1452 O O   . HOH C 3 .   ? -0.211  0.482   -11.132 1.00 62.20  ? 2011 HOH A O   1 
HETATM 1453 O O   . HOH C 3 .   ? 4.849   -5.355  -2.579  1.00 51.85  ? 2012 HOH A O   1 
HETATM 1454 O O   . HOH C 3 .   ? 6.162   -10.234 -5.919  1.00 65.05  ? 2013 HOH A O   1 
HETATM 1455 O O   . HOH C 3 .   ? 1.631   -14.686 5.995   1.00 67.53  ? 2014 HOH A O   1 
HETATM 1456 O O   . HOH C 3 .   ? -4.395  -10.104 7.068   1.00 46.88  ? 2015 HOH A O   1 
HETATM 1457 O O   . HOH C 3 .   ? -0.549  -10.118 -5.630  1.00 62.48  ? 2016 HOH A O   1 
HETATM 1458 O O   . HOH C 3 .   ? 2.598   -12.858 -1.103  1.00 66.80  ? 2017 HOH A O   1 
HETATM 1459 O O   . HOH C 3 .   ? -1.849  -7.901  -2.791  1.00 57.32  ? 2018 HOH A O   1 
HETATM 1460 O O   . HOH C 3 .   ? -12.219 -3.414  -3.831  1.00 56.59  ? 2019 HOH A O   1 
# 
